data_9LBM
#
_entry.id   9LBM
#
_entity_poly.entity_id   1
_entity_poly.type   'polypeptide(L)'
_entity_poly.pdbx_seq_one_letter_code
;MSDINVINSTLANISDSLKAHADRAVKEQELNASVRAKVDELLMAQGALQADLKAAQQRIAEVEGNGAGGDVQHISIGQQ
FVNSDSFKAMAESGGQRGRAELNIKAAITSLTTNADGSAGATVQTTRLPGIRELPQRRMTIRSLLAQGTMEGNTLEYVRE
TGFTNAAAPVAEGAQKPESSLKFDLVQTSAKVIAHWMKASRQILSDSAQLQSFINARLLRGLEVVEENQLLNGNGTGQNL
LGLLPQATAFAAPITVANATAVDRLRLALLQAQLAEFPATGIVLNPADWAGIELLKDTQGRYILGNPQGTLAPTLWGLPV
VATQAMAAGQFLTGAFDAGAQVFDRWAARVEVATENQDDFIKNMVTILAEERLALAVYRPESFIKGSLTAAAAT
;
_entity_poly.pdbx_strand_id   F,G,B,A,C,D,E
#
# COMPACT_ATOMS: atom_id res chain seq x y z
N ALA A 107 13.02 -23.16 75.39
CA ALA A 107 14.45 -23.00 75.28
C ALA A 107 14.82 -21.53 75.13
N ILE A 108 16.11 -21.26 74.95
CA ILE A 108 16.57 -19.89 74.75
C ILE A 108 16.10 -19.40 73.39
N THR A 109 15.41 -18.26 73.39
CA THR A 109 14.77 -17.72 72.19
C THR A 109 15.00 -16.21 72.18
N SER A 110 14.23 -15.50 71.35
CA SER A 110 14.28 -14.05 71.30
C SER A 110 13.10 -13.40 72.02
N LEU A 111 12.40 -14.16 72.86
CA LEU A 111 11.28 -13.62 73.61
C LEU A 111 11.76 -12.65 74.68
N THR A 112 10.84 -11.80 75.15
CA THR A 112 11.15 -10.77 76.13
C THR A 112 10.18 -10.78 77.31
N THR A 113 9.54 -11.91 77.57
CA THR A 113 8.58 -12.01 78.66
C THR A 113 9.29 -12.46 79.94
N ASN A 114 8.51 -12.81 80.96
CA ASN A 114 9.05 -13.25 82.24
C ASN A 114 9.20 -14.76 82.34
N ALA A 115 8.93 -15.48 81.27
CA ALA A 115 9.06 -16.93 81.28
C ALA A 115 10.54 -17.32 81.27
N ASP A 116 10.80 -18.59 81.55
CA ASP A 116 12.17 -19.09 81.63
C ASP A 116 12.80 -19.13 80.25
N GLY A 117 14.09 -18.77 80.20
CA GLY A 117 14.84 -18.81 78.96
C GLY A 117 14.39 -17.84 77.89
N SER A 118 14.07 -16.60 78.27
CA SER A 118 13.72 -15.59 77.27
C SER A 118 14.97 -15.01 76.62
N ALA A 119 15.80 -14.33 77.41
CA ALA A 119 17.12 -13.87 76.97
C ALA A 119 17.07 -13.01 75.71
N GLY A 120 15.91 -12.38 75.47
CA GLY A 120 15.75 -11.58 74.27
C GLY A 120 16.18 -10.13 74.38
N ALA A 121 16.58 -9.69 75.57
CA ALA A 121 16.94 -8.29 75.78
C ALA A 121 18.41 -8.01 75.52
N THR A 122 19.18 -8.99 75.07
CA THR A 122 20.60 -8.80 74.79
C THR A 122 20.85 -8.23 73.40
N VAL A 123 19.80 -8.06 72.59
CA VAL A 123 19.92 -7.55 71.24
C VAL A 123 19.30 -6.16 71.19
N GLN A 124 20.02 -5.20 70.62
CA GLN A 124 19.56 -3.82 70.56
C GLN A 124 18.88 -3.57 69.21
N THR A 125 18.52 -2.32 68.96
CA THR A 125 17.83 -1.93 67.74
C THR A 125 18.68 -0.91 67.00
N THR A 126 18.95 -1.17 65.72
CA THR A 126 19.72 -0.23 64.90
C THR A 126 18.86 0.95 64.50
N ARG A 127 19.43 2.15 64.53
CA ARG A 127 18.73 3.38 64.22
C ARG A 127 19.19 3.88 62.85
N LEU A 128 18.24 4.11 61.95
CA LEU A 128 18.59 4.60 60.63
C LEU A 128 19.00 6.07 60.71
N PRO A 129 20.14 6.44 60.15
CA PRO A 129 20.61 7.83 60.28
C PRO A 129 19.76 8.80 59.47
N GLY A 130 19.74 10.04 59.94
CA GLY A 130 19.01 11.10 59.29
C GLY A 130 17.54 11.11 59.65
N ILE A 131 16.86 12.15 59.17
CA ILE A 131 15.43 12.35 59.40
C ILE A 131 14.74 12.47 58.06
N ARG A 132 13.65 11.73 57.87
CA ARG A 132 12.88 11.83 56.64
C ARG A 132 12.01 13.08 56.69
N GLU A 133 11.93 13.78 55.57
CA GLU A 133 11.32 15.09 55.49
C GLU A 133 10.18 15.10 54.48
N LEU A 134 9.23 16.02 54.70
CA LEU A 134 8.18 16.24 53.73
C LEU A 134 8.75 16.95 52.50
N PRO A 135 8.12 16.77 51.34
CA PRO A 135 8.68 17.36 50.10
C PRO A 135 8.47 18.86 50.03
N GLN A 136 8.91 19.47 48.93
CA GLN A 136 8.90 20.92 48.78
C GLN A 136 8.31 21.33 47.43
N ARG A 137 7.69 22.50 47.42
CA ARG A 137 7.19 23.10 46.20
C ARG A 137 8.33 23.84 45.49
N ARG A 138 8.02 24.58 44.44
CA ARG A 138 9.04 25.28 43.67
C ARG A 138 9.10 26.77 43.95
N MET A 139 7.96 27.43 44.17
CA MET A 139 7.88 28.85 44.50
C MET A 139 8.53 29.70 43.40
N THR A 140 7.92 29.62 42.21
CA THR A 140 8.52 30.16 40.99
C THR A 140 7.75 31.36 40.44
N ILE A 141 7.13 32.15 41.31
CA ILE A 141 6.49 33.39 40.90
C ILE A 141 7.37 34.61 41.16
N ARG A 142 8.15 34.62 42.25
CA ARG A 142 9.01 35.76 42.54
C ARG A 142 10.03 36.00 41.44
N SER A 143 10.42 34.95 40.71
CA SER A 143 11.45 35.12 39.69
C SER A 143 10.89 35.78 38.43
N LEU A 144 9.57 35.80 38.26
CA LEU A 144 8.98 36.43 37.09
C LEU A 144 9.05 37.96 37.16
N LEU A 145 8.89 38.53 38.34
CA LEU A 145 8.84 39.98 38.50
C LEU A 145 10.23 40.55 38.75
N ALA A 146 10.34 41.87 38.59
CA ALA A 146 11.60 42.56 38.84
C ALA A 146 11.78 42.83 40.33
N GLN A 147 13.02 43.04 40.73
CA GLN A 147 13.38 43.19 42.13
C GLN A 147 13.92 44.59 42.38
N GLY A 148 13.59 45.14 43.55
CA GLY A 148 14.04 46.46 43.91
C GLY A 148 14.07 46.64 45.41
N THR A 149 14.54 47.81 45.84
CA THR A 149 14.72 48.13 47.25
C THR A 149 14.08 49.47 47.56
N MET A 150 13.47 49.57 48.73
CA MET A 150 12.86 50.80 49.21
C MET A 150 13.39 51.11 50.60
N GLU A 151 13.43 52.42 50.92
CA GLU A 151 14.00 52.86 52.19
C GLU A 151 12.99 53.53 53.10
N GLY A 152 11.69 53.49 52.78
CA GLY A 152 10.70 54.13 53.61
C GLY A 152 9.50 53.26 53.91
N ASN A 153 8.31 53.80 53.66
CA ASN A 153 7.07 53.06 53.86
C ASN A 153 6.10 53.16 52.69
N THR A 154 6.20 54.18 51.83
CA THR A 154 5.28 54.39 50.73
C THR A 154 6.05 54.75 49.48
N LEU A 155 5.59 54.20 48.35
CA LEU A 155 6.15 54.50 47.03
C LEU A 155 5.09 55.13 46.17
N GLU A 156 5.46 56.16 45.42
CA GLU A 156 4.53 56.87 44.57
C GLU A 156 5.12 57.03 43.18
N TYR A 157 4.23 57.02 42.18
CA TYR A 157 4.66 57.20 40.80
C TYR A 157 3.57 57.92 40.02
N VAL A 158 4.00 58.68 39.01
CA VAL A 158 3.10 59.42 38.14
C VAL A 158 3.03 58.72 36.80
N ARG A 159 1.81 58.52 36.31
CA ARG A 159 1.57 57.84 35.05
C ARG A 159 0.71 58.71 34.15
N GLU A 160 0.97 58.59 32.85
CA GLU A 160 0.36 59.45 31.84
C GLU A 160 -0.88 58.73 31.32
N THR A 161 -2.04 59.10 31.87
CA THR A 161 -3.30 58.47 31.52
C THR A 161 -3.82 59.04 30.20
N GLY A 162 -5.08 58.76 29.88
CA GLY A 162 -5.66 59.01 28.57
C GLY A 162 -5.28 60.30 27.86
N PHE A 163 -5.01 60.18 26.57
CA PHE A 163 -4.62 61.31 25.72
C PHE A 163 -5.53 61.38 24.51
N THR A 164 -6.08 62.56 24.25
CA THR A 164 -7.04 62.77 23.16
C THR A 164 -6.48 63.82 22.22
N ASN A 165 -6.14 63.40 20.99
CA ASN A 165 -5.77 64.35 19.95
C ASN A 165 -6.95 64.57 19.01
N ALA A 166 -6.98 65.74 18.36
CA ALA A 166 -8.08 66.11 17.49
C ALA A 166 -7.59 66.63 16.15
N ALA A 167 -6.43 66.16 15.70
CA ALA A 167 -5.91 66.57 14.41
C ALA A 167 -6.89 66.18 13.30
N ALA A 168 -7.09 67.11 12.36
CA ALA A 168 -8.05 66.93 11.29
C ALA A 168 -7.67 67.84 10.14
N PRO A 169 -8.11 67.53 8.91
CA PRO A 169 -7.84 68.44 7.80
C PRO A 169 -8.58 69.76 7.96
N VAL A 170 -7.94 70.83 7.51
CA VAL A 170 -8.47 72.19 7.63
C VAL A 170 -8.48 72.86 6.28
N ALA A 171 -9.33 73.87 6.14
CA ALA A 171 -9.50 74.60 4.90
C ALA A 171 -8.39 75.63 4.75
N GLU A 172 -8.55 76.53 3.78
CA GLU A 172 -7.52 77.56 3.53
C GLU A 172 -7.46 78.56 4.67
N GLY A 173 -8.61 78.98 5.19
CA GLY A 173 -8.65 80.00 6.21
C GLY A 173 -9.34 79.61 7.50
N ALA A 174 -9.74 78.34 7.60
CA ALA A 174 -10.45 77.87 8.79
C ALA A 174 -9.48 77.68 9.95
N GLN A 175 -10.06 77.54 11.15
CA GLN A 175 -9.26 77.43 12.37
C GLN A 175 -8.99 75.97 12.71
N LYS A 176 -7.80 75.73 13.28
CA LYS A 176 -7.20 74.45 13.65
C LYS A 176 -7.77 73.93 14.96
N PRO A 177 -7.79 72.61 15.17
CA PRO A 177 -8.39 72.05 16.39
C PRO A 177 -7.42 72.01 17.57
N GLU A 178 -7.91 71.56 18.73
CA GLU A 178 -7.17 71.61 19.98
C GLU A 178 -7.17 70.24 20.63
N SER A 179 -6.08 69.93 21.35
CA SER A 179 -5.91 68.65 22.02
C SER A 179 -5.62 68.91 23.50
N SER A 180 -5.49 67.82 24.26
CA SER A 180 -5.28 67.91 25.70
C SER A 180 -4.60 66.64 26.20
N LEU A 181 -4.10 66.70 27.43
CA LEU A 181 -3.46 65.58 28.11
C LEU A 181 -4.07 65.41 29.50
N LYS A 182 -3.67 64.33 30.17
CA LYS A 182 -4.05 64.06 31.55
C LYS A 182 -2.93 63.30 32.24
N PHE A 183 -2.90 63.39 33.56
CA PHE A 183 -1.90 62.69 34.35
C PHE A 183 -2.55 62.19 35.64
N ASP A 184 -2.00 61.11 36.19
CA ASP A 184 -2.46 60.56 37.46
C ASP A 184 -1.25 60.20 38.31
N LEU A 185 -1.48 60.13 39.62
CA LEU A 185 -0.46 59.73 40.58
C LEU A 185 -1.01 58.59 41.44
N VAL A 186 -0.21 57.54 41.60
CA VAL A 186 -0.62 56.35 42.35
C VAL A 186 0.42 56.05 43.42
N GLN A 187 -0.07 55.61 44.58
CA GLN A 187 0.77 55.32 45.73
C GLN A 187 0.50 53.89 46.21
N THR A 188 1.51 53.31 46.87
CA THR A 188 1.44 51.94 47.36
C THR A 188 1.76 51.96 48.85
N SER A 189 1.92 50.77 49.43
CA SER A 189 2.23 50.63 50.84
C SER A 189 3.04 49.36 51.03
N ALA A 190 3.67 49.24 52.20
CA ALA A 190 4.48 48.09 52.55
C ALA A 190 3.84 47.36 53.72
N LYS A 191 3.69 46.04 53.59
CA LYS A 191 3.14 45.20 54.63
C LYS A 191 4.24 44.31 55.22
N VAL A 192 3.94 43.72 56.37
CA VAL A 192 4.88 42.88 57.10
C VAL A 192 4.24 41.52 57.36
N ILE A 193 5.01 40.46 57.15
CA ILE A 193 4.58 39.10 57.46
C ILE A 193 5.64 38.46 58.34
N ALA A 194 5.20 37.79 59.42
CA ALA A 194 6.13 37.28 60.40
C ALA A 194 5.46 36.15 61.17
N HIS A 195 6.30 35.31 61.78
CA HIS A 195 5.79 34.29 62.69
C HIS A 195 6.92 33.80 63.59
N TRP A 196 6.52 33.26 64.74
CA TRP A 196 7.45 32.84 65.79
C TRP A 196 7.07 31.46 66.30
N MET A 197 8.03 30.83 66.99
CA MET A 197 7.84 29.49 67.53
C MET A 197 8.63 29.36 68.83
N LYS A 198 8.06 28.62 69.78
CA LYS A 198 8.60 28.49 71.13
C LYS A 198 9.03 27.05 71.38
N ALA A 199 10.23 26.89 71.95
CA ALA A 199 10.76 25.58 72.28
C ALA A 199 11.25 25.59 73.73
N SER A 200 11.54 24.39 74.23
CA SER A 200 12.04 24.21 75.58
C SER A 200 13.54 23.94 75.56
N ARG A 201 14.21 24.22 76.68
CA ARG A 201 15.65 23.98 76.76
C ARG A 201 15.99 22.51 76.98
N GLN A 202 15.06 21.72 77.52
CA GLN A 202 15.33 20.30 77.71
C GLN A 202 15.24 19.54 76.40
N ILE A 203 14.33 19.94 75.50
CA ILE A 203 14.26 19.31 74.18
C ILE A 203 15.49 19.66 73.38
N LEU A 204 15.92 20.92 73.42
CA LEU A 204 17.21 21.29 72.84
C LEU A 204 18.33 20.74 73.70
N SER A 205 19.53 20.70 73.12
CA SER A 205 20.75 20.18 73.76
C SER A 205 20.65 18.67 73.96
N ASP A 206 19.49 18.09 73.64
CA ASP A 206 19.33 16.65 73.55
C ASP A 206 19.48 16.13 72.14
N SER A 207 18.82 16.75 71.17
CA SER A 207 19.03 16.49 69.75
C SER A 207 19.72 17.70 69.17
N ALA A 208 20.98 17.55 68.79
CA ALA A 208 21.81 18.67 68.36
C ALA A 208 21.47 19.19 66.97
N GLN A 209 20.36 18.76 66.39
CA GLN A 209 19.97 19.20 65.05
C GLN A 209 18.60 19.89 65.01
N LEU A 210 17.94 20.06 66.15
CA LEU A 210 16.62 20.68 66.12
C LEU A 210 16.68 22.19 65.91
N GLN A 211 17.76 22.84 66.35
CA GLN A 211 17.88 24.29 66.19
C GLN A 211 17.93 24.67 64.72
N SER A 212 18.83 24.04 63.95
CA SER A 212 18.93 24.33 62.53
C SER A 212 17.66 23.93 61.79
N PHE A 213 17.05 22.82 62.20
CA PHE A 213 15.79 22.39 61.59
C PHE A 213 14.71 23.44 61.77
N ILE A 214 14.58 23.98 62.99
CA ILE A 214 13.56 24.98 63.25
C ILE A 214 13.87 26.27 62.51
N ASN A 215 15.16 26.65 62.44
CA ASN A 215 15.52 27.84 61.70
C ASN A 215 15.16 27.70 60.22
N ALA A 216 15.49 26.57 59.61
CA ALA A 216 15.17 26.35 58.21
C ALA A 216 13.67 26.32 57.97
N ARG A 217 12.91 25.67 58.87
CA ARG A 217 11.47 25.63 58.72
C ARG A 217 10.87 27.02 58.82
N LEU A 218 11.34 27.83 59.76
CA LEU A 218 10.83 29.20 59.90
C LEU A 218 11.14 30.03 58.67
N LEU A 219 12.37 29.92 58.16
CA LEU A 219 12.74 30.67 56.96
C LEU A 219 11.90 30.23 55.76
N ARG A 220 11.71 28.94 55.58
CA ARG A 220 10.98 28.44 54.42
C ARG A 220 9.49 28.73 54.49
N GLY A 221 8.88 28.69 55.67
CA GLY A 221 7.45 28.88 55.77
C GLY A 221 6.94 30.25 55.38
N LEU A 222 7.83 31.24 55.28
CA LEU A 222 7.44 32.59 54.87
C LEU A 222 7.15 32.70 53.38
N GLU A 223 7.93 32.00 52.55
CA GLU A 223 7.80 32.17 51.11
C GLU A 223 6.44 31.72 50.60
N VAL A 224 5.86 30.71 51.24
CA VAL A 224 4.55 30.21 50.80
C VAL A 224 3.50 31.31 50.92
N VAL A 225 3.41 31.94 52.10
CA VAL A 225 2.41 32.98 52.30
C VAL A 225 2.78 34.24 51.51
N GLU A 226 4.08 34.50 51.33
CA GLU A 226 4.49 35.64 50.52
C GLU A 226 4.03 35.49 49.07
N GLU A 227 4.21 34.29 48.50
CA GLU A 227 3.77 34.05 47.13
C GLU A 227 2.25 34.03 47.03
N ASN A 228 1.58 33.50 48.05
CA ASN A 228 0.12 33.54 48.04
C ASN A 228 -0.39 34.97 48.07
N GLN A 229 0.27 35.85 48.83
CA GLN A 229 -0.11 37.26 48.83
C GLN A 229 0.20 37.92 47.50
N LEU A 230 1.37 37.63 46.92
CA LEU A 230 1.76 38.23 45.66
C LEU A 230 0.80 37.86 44.54
N LEU A 231 0.41 36.59 44.46
CA LEU A 231 -0.49 36.16 43.40
C LEU A 231 -1.92 36.62 43.66
N ASN A 232 -2.51 36.16 44.77
CA ASN A 232 -3.90 36.44 45.09
C ASN A 232 -3.96 37.04 46.49
N GLY A 233 -3.81 38.36 46.56
CA GLY A 233 -3.96 39.08 47.81
C GLY A 233 -5.19 39.96 47.79
N ASN A 234 -6.04 39.85 48.81
CA ASN A 234 -7.31 40.57 48.81
C ASN A 234 -7.11 42.08 48.79
N GLY A 235 -6.14 42.59 49.55
CA GLY A 235 -5.90 44.00 49.61
C GLY A 235 -6.73 44.77 50.62
N THR A 236 -7.70 44.11 51.26
CA THR A 236 -8.53 44.73 52.29
C THR A 236 -8.01 44.29 53.65
N GLY A 237 -7.72 45.25 54.51
CA GLY A 237 -7.12 44.96 55.80
C GLY A 237 -5.60 45.14 55.75
N GLN A 238 -4.89 44.15 56.29
CA GLN A 238 -3.42 44.18 56.30
C GLN A 238 -2.81 43.36 55.18
N ASN A 239 -3.62 42.88 54.23
CA ASN A 239 -3.13 42.07 53.14
C ASN A 239 -2.39 42.94 52.12
N LEU A 240 -1.89 42.31 51.07
CA LEU A 240 -1.17 42.97 50.00
C LEU A 240 -1.91 42.71 48.69
N LEU A 241 -2.20 43.78 47.95
CA LEU A 241 -2.96 43.67 46.70
C LEU A 241 -2.13 42.92 45.67
N GLY A 242 -2.67 41.83 45.14
CA GLY A 242 -1.96 41.00 44.20
C GLY A 242 -2.30 41.31 42.76
N LEU A 243 -1.67 40.56 41.85
CA LEU A 243 -1.87 40.78 40.43
C LEU A 243 -3.27 40.38 40.00
N LEU A 244 -3.77 39.25 40.50
CA LEU A 244 -5.08 38.75 40.06
C LEU A 244 -6.22 39.72 40.38
N PRO A 245 -6.33 40.30 41.58
CA PRO A 245 -7.47 41.22 41.82
C PRO A 245 -7.50 42.42 40.89
N GLN A 246 -6.34 42.92 40.46
CA GLN A 246 -6.29 44.09 39.59
C GLN A 246 -6.09 43.75 38.13
N ALA A 247 -6.15 42.47 37.76
CA ALA A 247 -6.00 42.10 36.37
C ALA A 247 -7.27 42.38 35.57
N THR A 248 -7.11 42.45 34.25
CA THR A 248 -8.25 42.74 33.38
C THR A 248 -9.03 41.47 33.08
N ALA A 249 -10.35 41.57 33.10
CA ALA A 249 -11.21 40.44 32.82
C ALA A 249 -11.08 40.01 31.36
N PHE A 250 -11.60 38.82 31.06
CA PHE A 250 -11.51 38.25 29.73
C PHE A 250 -12.80 38.48 28.95
N ALA A 251 -12.67 39.08 27.77
CA ALA A 251 -13.77 39.26 26.85
C ALA A 251 -13.36 38.79 25.46
N ALA A 252 -14.33 38.27 24.72
CA ALA A 252 -14.05 37.67 23.42
C ALA A 252 -14.02 38.76 22.35
N PRO A 253 -12.88 39.03 21.72
CA PRO A 253 -12.85 40.01 20.62
C PRO A 253 -13.61 39.48 19.40
N ILE A 254 -13.29 38.25 19.01
CA ILE A 254 -13.94 37.57 17.90
C ILE A 254 -14.69 36.36 18.44
N THR A 255 -15.50 35.72 17.60
CA THR A 255 -16.31 34.59 18.01
C THR A 255 -15.73 33.29 17.47
N VAL A 256 -15.92 32.21 18.23
CA VAL A 256 -15.47 30.88 17.84
C VAL A 256 -16.57 29.89 18.24
N ALA A 257 -16.72 28.83 17.44
CA ALA A 257 -17.80 27.88 17.66
C ALA A 257 -17.55 27.01 18.88
N ASN A 258 -16.39 26.34 18.91
CA ASN A 258 -16.10 25.39 19.98
C ASN A 258 -15.15 26.03 20.99
N ALA A 259 -15.45 25.84 22.28
CA ALA A 259 -14.66 26.46 23.36
C ALA A 259 -13.58 25.49 23.83
N THR A 260 -12.47 25.50 23.11
CA THR A 260 -11.30 24.73 23.48
C THR A 260 -10.27 25.64 24.15
N ALA A 261 -9.56 25.08 25.13
CA ALA A 261 -8.68 25.89 25.98
C ALA A 261 -7.61 26.61 25.16
N VAL A 262 -7.09 25.97 24.11
CA VAL A 262 -6.07 26.62 23.30
C VAL A 262 -6.67 27.80 22.54
N ASP A 263 -7.90 27.65 22.04
CA ASP A 263 -8.58 28.77 21.41
C ASP A 263 -8.77 29.92 22.39
N ARG A 264 -9.17 29.61 23.63
CA ARG A 264 -9.38 30.65 24.62
C ARG A 264 -8.08 31.37 24.96
N LEU A 265 -6.98 30.62 25.06
CA LEU A 265 -5.69 31.24 25.32
C LEU A 265 -5.26 32.14 24.16
N ARG A 266 -5.50 31.69 22.92
CA ARG A 266 -5.17 32.53 21.78
C ARG A 266 -6.03 33.79 21.75
N LEU A 267 -7.31 33.67 22.11
CA LEU A 267 -8.17 34.85 22.19
C LEU A 267 -7.70 35.81 23.27
N ALA A 268 -7.22 35.28 24.39
CA ALA A 268 -6.66 36.14 25.44
C ALA A 268 -5.42 36.87 24.95
N LEU A 269 -4.55 36.16 24.22
CA LEU A 269 -3.37 36.80 23.65
C LEU A 269 -3.76 37.88 22.65
N LEU A 270 -4.79 37.62 21.84
CA LEU A 270 -5.28 38.64 20.90
C LEU A 270 -5.82 39.86 21.64
N GLN A 271 -6.57 39.64 22.72
CA GLN A 271 -7.10 40.75 23.50
C GLN A 271 -5.97 41.57 24.13
N ALA A 272 -4.93 40.90 24.61
CA ALA A 272 -3.78 41.62 25.15
C ALA A 272 -3.06 42.40 24.05
N GLN A 273 -3.00 41.84 22.85
CA GLN A 273 -2.28 42.50 21.75
C GLN A 273 -3.05 43.71 21.24
N LEU A 274 -4.38 43.66 21.26
CA LEU A 274 -5.19 44.78 20.80
C LEU A 274 -4.98 46.04 21.62
N ALA A 275 -4.67 45.91 22.91
CA ALA A 275 -4.39 47.06 23.76
C ALA A 275 -2.94 47.49 23.70
N GLU A 276 -2.21 47.10 22.67
CA GLU A 276 -0.81 47.47 22.48
C GLU A 276 0.05 47.08 23.67
N PHE A 277 -0.31 45.98 24.33
CA PHE A 277 0.47 45.42 25.44
C PHE A 277 0.72 43.95 25.17
N PRO A 278 1.79 43.63 24.45
CA PRO A 278 2.08 42.22 24.13
C PRO A 278 2.31 41.39 25.39
N ALA A 279 1.83 40.15 25.35
CA ALA A 279 2.03 39.22 26.45
C ALA A 279 3.38 38.53 26.33
N THR A 280 3.86 37.99 27.45
CA THR A 280 5.17 37.37 27.46
C THR A 280 5.15 36.03 28.22
N GLY A 281 4.10 35.78 28.98
CA GLY A 281 4.03 34.56 29.76
C GLY A 281 2.60 34.18 30.11
N ILE A 282 2.39 32.88 30.34
CA ILE A 282 1.11 32.34 30.78
C ILE A 282 1.32 31.54 32.05
N VAL A 283 0.40 31.67 33.01
CA VAL A 283 0.45 30.98 34.29
C VAL A 283 -0.89 30.30 34.51
N LEU A 284 -0.84 29.00 34.86
CA LEU A 284 -2.07 28.29 35.19
C LEU A 284 -1.73 27.03 35.98
N ASN A 285 -2.79 26.38 36.47
CA ASN A 285 -2.62 25.21 37.32
C ASN A 285 -2.07 24.03 36.53
N PRO A 286 -1.20 23.21 37.15
CA PRO A 286 -0.74 21.99 36.46
C PRO A 286 -1.85 21.02 36.11
N ALA A 287 -2.92 20.96 36.90
CA ALA A 287 -4.04 20.11 36.56
C ALA A 287 -4.66 20.52 35.23
N ASP A 288 -4.80 21.84 35.01
CA ASP A 288 -5.31 22.32 33.73
C ASP A 288 -4.36 22.03 32.59
N TRP A 289 -3.05 22.10 32.84
CA TRP A 289 -2.07 21.73 31.82
C TRP A 289 -2.22 20.26 31.43
N ALA A 290 -2.38 19.38 32.42
CA ALA A 290 -2.61 17.97 32.13
C ALA A 290 -3.91 17.76 31.37
N GLY A 291 -4.97 18.47 31.76
CA GLY A 291 -6.22 18.35 31.04
C GLY A 291 -6.12 18.82 29.60
N ILE A 292 -5.28 19.83 29.36
CA ILE A 292 -5.00 20.27 27.99
C ILE A 292 -4.24 19.19 27.24
N GLU A 293 -3.34 18.46 27.93
CA GLU A 293 -2.60 17.38 27.30
C GLU A 293 -3.53 16.31 26.74
N LEU A 294 -4.57 15.96 27.49
CA LEU A 294 -5.48 14.89 27.08
C LEU A 294 -6.68 15.46 26.30
N LEU A 295 -6.36 16.11 25.19
CA LEU A 295 -7.38 16.63 24.29
C LEU A 295 -7.61 15.68 23.13
N LYS A 296 -8.88 15.52 22.76
CA LYS A 296 -9.26 14.54 21.75
C LYS A 296 -10.02 15.22 20.63
N ASP A 297 -9.91 14.64 19.44
CA ASP A 297 -10.71 15.06 18.29
C ASP A 297 -12.08 14.39 18.39
N THR A 298 -12.87 14.50 17.32
CA THR A 298 -14.12 13.74 17.27
C THR A 298 -13.87 12.30 16.89
N GLN A 299 -12.80 12.02 16.14
CA GLN A 299 -12.47 10.64 15.79
C GLN A 299 -11.92 9.89 17.00
N GLY A 300 -11.02 10.51 17.75
CA GLY A 300 -10.47 9.88 18.93
C GLY A 300 -8.98 10.06 19.10
N ARG A 301 -8.32 10.65 18.11
CA ARG A 301 -6.88 10.85 18.18
C ARG A 301 -6.55 12.00 19.13
N TYR A 302 -5.27 12.07 19.50
CA TYR A 302 -4.78 13.14 20.36
C TYR A 302 -4.31 14.32 19.53
N ILE A 303 -4.50 15.52 20.06
CA ILE A 303 -4.09 16.75 19.39
C ILE A 303 -2.64 17.05 19.73
N LEU A 304 -2.35 17.23 21.02
CA LEU A 304 -1.02 17.57 21.49
C LEU A 304 -0.34 16.46 22.27
N GLY A 305 -1.11 15.61 22.95
CA GLY A 305 -0.52 14.57 23.75
C GLY A 305 0.08 13.45 22.91
N ASN A 306 1.31 13.08 23.29
CA ASN A 306 2.00 11.98 22.64
C ASN A 306 2.24 10.87 23.67
N PRO A 307 1.47 9.79 23.62
CA PRO A 307 1.57 8.77 24.68
C PRO A 307 2.95 8.16 24.82
N GLN A 308 3.77 8.16 23.76
CA GLN A 308 5.12 7.62 23.82
C GLN A 308 6.17 8.70 24.08
N GLY A 309 5.75 9.93 24.34
CA GLY A 309 6.70 11.03 24.55
C GLY A 309 6.19 11.99 25.60
N THR A 310 6.65 13.24 25.51
CA THR A 310 6.30 14.26 26.48
C THR A 310 5.89 15.52 25.72
N LEU A 311 5.60 16.59 26.46
CA LEU A 311 5.15 17.85 25.89
C LEU A 311 6.07 18.97 26.35
N ALA A 312 6.51 19.80 25.41
CA ALA A 312 7.36 20.93 25.76
C ALA A 312 6.54 21.98 26.52
N PRO A 313 7.17 22.76 27.39
CA PRO A 313 6.46 23.79 28.16
C PRO A 313 6.27 25.11 27.42
N THR A 314 5.75 25.03 26.20
CA THR A 314 5.44 26.20 25.38
C THR A 314 4.06 26.05 24.79
N LEU A 315 3.43 27.17 24.47
CA LEU A 315 2.11 27.19 23.85
C LEU A 315 1.92 28.53 23.16
N TRP A 316 1.64 28.49 21.85
CA TRP A 316 1.47 29.69 21.02
C TRP A 316 2.72 30.56 21.04
N GLY A 317 3.88 29.97 21.31
CA GLY A 317 5.12 30.71 21.29
C GLY A 317 5.46 31.46 22.55
N LEU A 318 4.70 31.25 23.63
CA LEU A 318 4.94 31.93 24.89
C LEU A 318 5.16 30.92 26.01
N PRO A 319 6.14 31.17 26.87
CA PRO A 319 6.38 30.26 27.99
C PRO A 319 5.15 30.14 28.89
N VAL A 320 4.93 28.92 29.38
CA VAL A 320 3.80 28.59 30.23
C VAL A 320 4.33 27.96 31.51
N VAL A 321 3.81 28.40 32.65
CA VAL A 321 4.26 27.92 33.96
C VAL A 321 3.05 27.38 34.72
N ALA A 322 3.25 26.22 35.35
CA ALA A 322 2.22 25.52 36.11
C ALA A 322 2.62 25.53 37.58
N THR A 323 1.88 26.28 38.39
CA THR A 323 2.12 26.36 39.82
C THR A 323 0.85 25.98 40.58
N GLN A 324 1.02 25.37 41.74
CA GLN A 324 -0.13 25.00 42.57
C GLN A 324 -0.82 26.23 43.16
N ALA A 325 -0.18 27.39 43.13
CA ALA A 325 -0.76 28.59 43.71
C ALA A 325 -2.04 29.00 42.99
N MET A 326 -2.05 28.92 41.66
CA MET A 326 -3.23 29.31 40.90
C MET A 326 -4.38 28.33 41.16
N ALA A 327 -5.59 28.88 41.24
CA ALA A 327 -6.77 28.04 41.45
C ALA A 327 -7.05 27.22 40.21
N ALA A 328 -7.70 26.07 40.40
CA ALA A 328 -8.05 25.21 39.29
C ALA A 328 -9.10 25.88 38.40
N GLY A 329 -8.85 25.83 37.09
CA GLY A 329 -9.76 26.43 36.13
C GLY A 329 -9.56 27.91 35.92
N GLN A 330 -8.37 28.43 36.19
CA GLN A 330 -8.08 29.84 36.01
C GLN A 330 -6.74 29.97 35.29
N PHE A 331 -6.59 31.08 34.57
CA PHE A 331 -5.34 31.37 33.87
C PHE A 331 -5.07 32.87 33.94
N LEU A 332 -3.78 33.20 33.94
CA LEU A 332 -3.32 34.59 33.98
C LEU A 332 -2.20 34.76 32.97
N THR A 333 -2.37 35.69 32.04
CA THR A 333 -1.39 35.91 30.98
C THR A 333 -0.98 37.37 30.94
N GLY A 334 0.27 37.61 30.53
CA GLY A 334 0.73 38.96 30.34
C GLY A 334 2.24 39.04 30.40
N ALA A 335 2.72 40.29 30.44
CA ALA A 335 4.15 40.58 30.55
C ALA A 335 4.48 40.85 32.02
N PHE A 336 5.49 40.17 32.53
CA PHE A 336 5.78 40.17 33.96
C PHE A 336 7.02 40.99 34.30
N ASP A 337 8.02 41.03 33.41
CA ASP A 337 9.23 41.79 33.70
C ASP A 337 8.94 43.28 33.83
N ALA A 338 8.12 43.83 32.94
CA ALA A 338 7.81 45.25 32.93
C ALA A 338 6.41 45.56 33.41
N GLY A 339 5.70 44.59 33.99
CA GLY A 339 4.35 44.82 34.43
C GLY A 339 4.21 45.04 35.91
N ALA A 340 5.22 44.65 36.68
CA ALA A 340 5.19 44.79 38.14
C ALA A 340 6.60 44.66 38.69
N GLN A 341 6.73 44.98 39.97
CA GLN A 341 8.00 44.90 40.68
C GLN A 341 7.73 44.59 42.15
N VAL A 342 8.71 43.95 42.79
CA VAL A 342 8.67 43.66 44.22
C VAL A 342 9.83 44.38 44.89
N PHE A 343 9.54 45.13 45.94
CA PHE A 343 10.53 45.89 46.68
C PHE A 343 10.72 45.29 48.06
N ASP A 344 11.98 45.08 48.43
CA ASP A 344 12.33 44.44 49.69
C ASP A 344 12.73 45.51 50.70
N ARG A 345 11.82 45.81 51.62
CA ARG A 345 12.15 46.71 52.73
C ARG A 345 13.09 46.02 53.71
N TRP A 346 12.62 44.93 54.30
CA TRP A 346 13.47 44.04 55.09
C TRP A 346 13.66 42.74 54.33
N ALA A 347 14.69 41.98 54.71
CA ALA A 347 14.93 40.66 54.15
C ALA A 347 14.41 39.61 55.12
N ALA A 348 14.58 38.35 54.76
CA ALA A 348 14.21 37.27 55.66
C ALA A 348 15.12 37.30 56.88
N ARG A 349 14.56 37.68 58.02
CA ARG A 349 15.35 37.86 59.24
C ARG A 349 14.82 36.92 60.32
N VAL A 350 15.73 36.21 60.98
CA VAL A 350 15.40 35.28 62.05
C VAL A 350 16.21 35.66 63.28
N GLU A 351 15.55 35.66 64.44
CA GLU A 351 16.20 36.05 65.68
C GLU A 351 15.78 35.10 66.79
N VAL A 352 16.63 34.99 67.81
CA VAL A 352 16.40 34.11 68.94
C VAL A 352 16.40 34.93 70.23
N ALA A 353 15.41 34.68 71.08
CA ALA A 353 15.26 35.39 72.34
C ALA A 353 15.02 34.41 73.49
N THR A 354 15.44 34.81 74.68
CA THR A 354 15.32 33.98 75.87
C THR A 354 14.58 34.63 77.03
N GLU A 355 14.61 35.95 77.16
CA GLU A 355 13.92 36.64 78.24
C GLU A 355 12.51 37.07 77.84
N ASN A 356 12.07 36.71 76.64
CA ASN A 356 10.72 37.05 76.18
C ASN A 356 9.68 36.52 77.17
N GLN A 357 8.77 37.40 77.58
CA GLN A 357 7.75 37.07 78.57
C GLN A 357 8.36 36.39 79.79
N ASP A 358 7.62 35.46 80.39
CA ASP A 358 8.12 34.70 81.54
C ASP A 358 8.72 33.37 81.08
N ASP A 359 9.69 33.46 80.17
CA ASP A 359 10.37 32.29 79.66
C ASP A 359 11.75 32.09 80.26
N PHE A 360 12.10 32.84 81.30
CA PHE A 360 13.33 32.56 82.03
C PHE A 360 13.07 31.67 83.24
N ILE A 361 11.88 31.74 83.83
CA ILE A 361 11.49 30.87 84.92
C ILE A 361 10.78 29.61 84.44
N LYS A 362 10.55 29.47 83.14
CA LYS A 362 10.00 28.25 82.57
C LYS A 362 11.01 27.50 81.70
N ASN A 363 12.24 28.00 81.59
CA ASN A 363 13.33 27.33 80.88
C ASN A 363 12.94 27.05 79.42
N MET A 364 12.64 28.13 78.70
CA MET A 364 12.21 28.04 77.31
C MET A 364 13.08 28.96 76.44
N VAL A 365 12.69 29.06 75.18
CA VAL A 365 13.36 29.91 74.20
C VAL A 365 12.38 30.17 73.06
N THR A 366 12.53 31.30 72.37
CA THR A 366 11.65 31.65 71.27
C THR A 366 12.45 32.10 70.07
N ILE A 367 11.90 31.86 68.88
CA ILE A 367 12.54 32.22 67.63
C ILE A 367 11.50 32.92 66.74
N LEU A 368 11.94 33.97 66.04
CA LEU A 368 11.04 34.84 65.30
C LEU A 368 11.60 35.06 63.89
N ALA A 369 10.69 35.21 62.92
CA ALA A 369 11.09 35.43 61.54
C ALA A 369 10.18 36.46 60.89
N GLU A 370 10.78 37.40 60.14
CA GLU A 370 10.08 38.52 59.53
C GLU A 370 10.58 38.76 58.10
N GLU A 371 9.66 39.21 57.24
CA GLU A 371 9.99 39.53 55.85
C GLU A 371 9.78 41.00 55.48
N ARG A 372 8.54 41.52 55.59
CA ARG A 372 8.19 42.91 55.27
C ARG A 372 8.62 43.30 53.84
N LEU A 373 7.93 42.71 52.86
CA LEU A 373 8.11 43.05 51.46
C LEU A 373 6.99 43.99 51.00
N ALA A 374 7.06 44.41 49.73
CA ALA A 374 6.02 45.24 49.14
C ALA A 374 5.97 44.99 47.63
N LEU A 375 4.80 45.28 47.04
CA LEU A 375 4.55 45.03 45.62
C LEU A 375 4.01 46.29 44.95
N ALA A 376 4.52 46.56 43.75
CA ALA A 376 4.06 47.70 42.96
C ALA A 376 3.70 47.22 41.55
N VAL A 377 2.57 47.70 41.03
CA VAL A 377 2.10 47.35 39.70
C VAL A 377 1.98 48.62 38.88
N TYR A 378 2.77 48.72 37.80
CA TYR A 378 2.76 49.91 36.96
C TYR A 378 1.50 49.97 36.11
N ARG A 379 1.31 49.00 35.22
CA ARG A 379 0.21 49.00 34.25
C ARG A 379 -0.74 47.86 34.57
N PRO A 380 -1.87 48.14 35.24
CA PRO A 380 -2.79 47.06 35.62
C PRO A 380 -3.55 46.44 34.48
N GLU A 381 -3.57 47.06 33.30
CA GLU A 381 -4.36 46.56 32.18
C GLU A 381 -3.57 45.63 31.25
N SER A 382 -2.32 45.35 31.55
CA SER A 382 -1.50 44.46 30.73
C SER A 382 -1.58 43.01 31.19
N PHE A 383 -2.42 42.71 32.18
CA PHE A 383 -2.60 41.34 32.67
C PHE A 383 -4.05 40.92 32.43
N ILE A 384 -4.22 39.74 31.84
CA ILE A 384 -5.54 39.19 31.54
C ILE A 384 -5.74 37.95 32.39
N LYS A 385 -6.84 37.92 33.12
CA LYS A 385 -7.21 36.77 33.94
C LYS A 385 -8.52 36.20 33.42
N GLY A 386 -8.68 34.89 33.54
CA GLY A 386 -9.89 34.28 33.04
C GLY A 386 -10.03 32.84 33.45
N SER A 387 -11.10 32.22 32.99
CA SER A 387 -11.39 30.82 33.23
C SER A 387 -11.34 30.04 31.92
N LEU A 388 -10.75 28.85 31.98
CA LEU A 388 -10.57 28.04 30.79
C LEU A 388 -11.89 27.47 30.30
N THR A 389 -12.79 27.13 31.22
CA THR A 389 -14.08 26.57 30.84
C THR A 389 -14.99 27.65 30.29
N ALA A 390 -16.05 27.19 29.60
CA ALA A 390 -17.03 28.13 29.05
C ALA A 390 -17.75 28.88 30.17
N ALA A 391 -18.10 28.17 31.25
CA ALA A 391 -18.79 28.75 32.39
C ALA A 391 -20.09 29.43 31.97
N ALA A 392 -20.82 28.79 31.07
CA ALA A 392 -22.09 29.32 30.59
C ALA A 392 -23.23 28.36 30.90
N ALA B 107 5.68 -66.45 11.77
CA ALA B 107 6.96 -66.00 11.23
C ALA B 107 7.69 -65.12 12.24
N ILE B 108 8.97 -64.88 11.97
CA ILE B 108 9.76 -64.00 12.84
C ILE B 108 9.20 -62.59 12.74
N THR B 109 8.97 -61.97 13.90
CA THR B 109 8.30 -60.68 13.99
C THR B 109 8.97 -59.86 15.08
N SER B 110 8.29 -58.80 15.51
CA SER B 110 8.80 -57.93 16.56
C SER B 110 7.99 -58.02 17.85
N LEU B 111 7.26 -59.11 18.02
CA LEU B 111 6.50 -59.34 19.25
C LEU B 111 7.43 -59.83 20.36
N THR B 112 6.92 -59.77 21.59
CA THR B 112 7.69 -60.17 22.77
C THR B 112 6.95 -61.18 23.63
N THR B 113 5.94 -61.85 23.08
CA THR B 113 5.19 -62.84 23.84
C THR B 113 6.02 -64.12 23.98
N ASN B 114 5.44 -65.15 24.59
CA ASN B 114 6.11 -66.43 24.78
C ASN B 114 5.87 -67.40 23.64
N ALA B 115 5.12 -66.99 22.62
CA ALA B 115 4.86 -67.86 21.48
C ALA B 115 6.12 -67.99 20.62
N ASP B 116 6.03 -68.83 19.59
CA ASP B 116 7.17 -69.09 18.73
C ASP B 116 7.42 -67.91 17.81
N GLY B 117 8.69 -67.66 17.50
CA GLY B 117 9.06 -66.60 16.58
C GLY B 117 8.78 -65.20 17.07
N SER B 118 9.07 -64.91 18.34
CA SER B 118 8.88 -63.55 18.85
C SER B 118 10.05 -62.65 18.46
N ALA B 119 11.26 -62.99 18.95
CA ALA B 119 12.50 -62.33 18.52
C ALA B 119 12.44 -60.81 18.63
N GLY B 120 11.56 -60.30 19.50
CA GLY B 120 11.40 -58.86 19.61
C GLY B 120 12.26 -58.25 20.70
N ALA B 121 12.89 -59.09 21.51
CA ALA B 121 13.71 -58.63 22.62
C ALA B 121 15.14 -58.33 22.24
N THR B 122 15.50 -58.48 20.96
CA THR B 122 16.87 -58.28 20.50
C THR B 122 17.16 -56.82 20.16
N VAL B 123 16.19 -55.92 20.30
CA VAL B 123 16.37 -54.52 19.99
C VAL B 123 16.02 -53.70 21.23
N GLN B 124 16.86 -52.71 21.53
CA GLN B 124 16.70 -51.88 22.71
C GLN B 124 16.09 -50.53 22.33
N THR B 125 15.77 -49.74 23.35
CA THR B 125 15.13 -48.44 23.18
C THR B 125 16.16 -47.34 23.40
N THR B 126 16.21 -46.39 22.47
CA THR B 126 17.15 -45.28 22.56
C THR B 126 16.60 -44.18 23.46
N ARG B 127 17.46 -43.67 24.34
CA ARG B 127 17.09 -42.67 25.35
C ARG B 127 17.56 -41.30 24.88
N LEU B 128 16.64 -40.34 24.84
CA LEU B 128 16.99 -38.97 24.46
C LEU B 128 17.64 -38.25 25.63
N PRO B 129 18.81 -37.65 25.44
CA PRO B 129 19.51 -37.01 26.57
C PRO B 129 18.76 -35.78 27.07
N GLY B 130 19.00 -35.47 28.35
CA GLY B 130 18.46 -34.28 28.97
C GLY B 130 17.13 -34.52 29.66
N ILE B 131 16.76 -33.56 30.49
CA ILE B 131 15.49 -33.57 31.22
C ILE B 131 14.68 -32.37 30.77
N ARG B 132 13.44 -32.61 30.35
CA ARG B 132 12.56 -31.52 29.97
C ARG B 132 11.92 -30.91 31.21
N GLU B 133 12.23 -29.64 31.48
CA GLU B 133 11.86 -28.99 32.72
C GLU B 133 10.63 -28.11 32.53
N LEU B 134 10.06 -27.67 33.65
CA LEU B 134 8.97 -26.72 33.65
C LEU B 134 9.50 -25.30 33.45
N PRO B 135 8.67 -24.39 32.95
CA PRO B 135 9.12 -23.01 32.76
C PRO B 135 8.93 -22.17 34.00
N GLN B 136 9.73 -21.10 34.09
CA GLN B 136 9.76 -20.22 35.25
C GLN B 136 9.55 -18.78 34.82
N ARG B 137 9.12 -17.96 35.79
CA ARG B 137 8.85 -16.55 35.56
C ARG B 137 10.17 -15.76 35.63
N ARG B 138 10.06 -14.44 35.68
CA ARG B 138 11.23 -13.57 35.74
C ARG B 138 11.61 -13.11 37.13
N MET B 139 10.63 -12.80 37.99
CA MET B 139 10.88 -12.35 39.36
C MET B 139 11.76 -11.10 39.38
N THR B 140 11.22 -10.03 38.78
CA THR B 140 11.91 -8.76 38.70
C THR B 140 11.41 -7.73 39.70
N ILE B 141 10.52 -8.11 40.62
CA ILE B 141 10.03 -7.16 41.62
C ILE B 141 11.16 -6.71 42.53
N ARG B 142 12.02 -7.65 42.96
CA ARG B 142 13.11 -7.30 43.85
C ARG B 142 14.13 -6.36 43.22
N SER B 143 14.17 -6.30 41.88
CA SER B 143 15.13 -5.41 41.22
C SER B 143 14.64 -3.98 41.17
N LEU B 144 13.36 -3.74 41.44
CA LEU B 144 12.85 -2.37 41.43
C LEU B 144 13.32 -1.58 42.64
N LEU B 145 13.28 -2.20 43.81
CA LEU B 145 13.62 -1.50 45.05
C LEU B 145 15.14 -1.47 45.25
N ALA B 146 15.55 -0.75 46.29
CA ALA B 146 16.96 -0.65 46.64
C ALA B 146 17.35 -1.75 47.62
N GLN B 147 18.66 -1.96 47.76
CA GLN B 147 19.19 -3.04 48.57
C GLN B 147 19.93 -2.50 49.78
N GLY B 148 20.02 -3.33 50.81
CA GLY B 148 20.76 -2.97 52.01
C GLY B 148 21.02 -4.18 52.88
N THR B 149 21.90 -4.00 53.85
CA THR B 149 22.28 -5.06 54.78
C THR B 149 22.04 -4.58 56.21
N MET B 150 21.45 -5.46 57.03
CA MET B 150 21.18 -5.19 58.43
C MET B 150 21.96 -6.17 59.30
N GLU B 151 22.13 -5.80 60.56
CA GLU B 151 22.91 -6.61 61.49
C GLU B 151 22.13 -7.15 62.67
N GLY B 152 20.93 -6.66 62.96
CA GLY B 152 20.19 -7.14 64.10
C GLY B 152 18.89 -7.83 63.73
N ASN B 153 17.78 -7.39 64.32
CA ASN B 153 16.48 -7.98 64.03
C ASN B 153 15.46 -6.89 63.75
N THR B 154 15.66 -5.71 64.30
CA THR B 154 14.70 -4.62 64.18
C THR B 154 15.42 -3.34 63.74
N LEU B 155 14.75 -2.59 62.87
CA LEU B 155 15.19 -1.29 62.42
C LEU B 155 14.12 -0.26 62.76
N GLU B 156 14.54 1.00 62.85
CA GLU B 156 13.59 2.06 63.13
C GLU B 156 14.13 3.37 62.58
N TYR B 157 13.20 4.23 62.16
CA TYR B 157 13.57 5.53 61.60
C TYR B 157 12.64 6.61 62.12
N VAL B 158 13.14 7.84 62.12
CA VAL B 158 12.39 9.00 62.58
C VAL B 158 12.09 9.90 61.39
N ARG B 159 10.84 10.36 61.31
CA ARG B 159 10.38 11.16 60.19
C ARG B 159 9.48 12.28 60.67
N GLU B 160 9.58 13.43 60.01
CA GLU B 160 8.67 14.54 60.30
C GLU B 160 7.27 14.19 59.83
N THR B 161 6.26 14.63 60.61
CA THR B 161 4.88 14.32 60.32
C THR B 161 4.10 15.52 59.81
N GLY B 162 4.20 16.67 60.48
CA GLY B 162 3.41 17.83 60.11
C GLY B 162 4.20 19.12 60.29
N PHE B 163 3.58 20.20 59.81
CA PHE B 163 4.14 21.55 59.97
C PHE B 163 2.98 22.53 59.79
N THR B 164 2.68 23.29 60.84
CA THR B 164 1.48 24.14 60.80
C THR B 164 1.68 25.35 59.90
N ASN B 165 2.76 26.10 60.13
CA ASN B 165 3.08 27.29 59.33
C ASN B 165 1.91 28.27 59.31
N ALA B 166 1.59 28.80 60.49
CA ALA B 166 0.50 29.76 60.64
C ALA B 166 1.09 31.17 60.56
N ALA B 167 1.65 31.49 59.40
CA ALA B 167 2.21 32.81 59.12
C ALA B 167 1.18 33.65 58.40
N ALA B 168 0.99 34.88 58.85
CA ALA B 168 -0.01 35.78 58.30
C ALA B 168 0.52 37.20 58.43
N PRO B 169 0.01 38.14 57.62
CA PRO B 169 0.37 39.55 57.82
C PRO B 169 -0.18 40.08 59.13
N VAL B 170 0.59 40.97 59.76
CA VAL B 170 0.26 41.51 61.07
C VAL B 170 0.28 43.03 61.00
N ALA B 171 -0.35 43.65 61.99
CA ALA B 171 -0.41 45.10 62.09
C ALA B 171 0.90 45.63 62.67
N GLU B 172 0.91 46.92 63.03
CA GLU B 172 2.13 47.52 63.56
C GLU B 172 2.34 47.16 65.02
N GLY B 173 1.26 46.99 65.77
CA GLY B 173 1.36 46.74 67.21
C GLY B 173 0.55 45.57 67.72
N ALA B 174 0.47 44.50 66.94
CA ALA B 174 -0.33 43.34 67.30
C ALA B 174 0.56 42.11 67.47
N GLN B 175 0.08 41.17 68.29
CA GLN B 175 0.82 39.95 68.55
C GLN B 175 0.86 39.06 67.32
N LYS B 176 1.99 38.43 67.09
CA LYS B 176 2.26 37.60 65.92
C LYS B 176 1.81 36.16 66.16
N PRO B 177 1.40 35.45 65.11
CA PRO B 177 0.88 34.10 65.28
C PRO B 177 2.00 33.09 65.51
N GLU B 178 1.60 31.93 66.04
CA GLU B 178 2.51 30.87 66.44
C GLU B 178 2.31 29.64 65.57
N SER B 179 3.42 28.96 65.24
CA SER B 179 3.41 27.76 64.42
C SER B 179 3.79 26.56 65.29
N SER B 180 3.89 25.39 64.65
CA SER B 180 4.24 24.16 65.36
C SER B 180 4.74 23.14 64.35
N LEU B 181 5.28 22.05 64.88
CA LEU B 181 5.76 20.94 64.05
C LEU B 181 5.76 19.67 64.88
N LYS B 182 5.89 18.53 64.19
CA LYS B 182 5.80 17.22 64.81
C LYS B 182 6.93 16.31 64.32
N PHE B 183 7.04 15.16 64.99
CA PHE B 183 7.96 14.10 64.60
C PHE B 183 7.33 12.76 64.97
N ASP B 184 7.86 11.69 64.37
CA ASP B 184 7.36 10.36 64.67
C ASP B 184 8.47 9.34 64.45
N LEU B 185 8.31 8.18 65.07
CA LEU B 185 9.26 7.09 64.97
C LEU B 185 8.53 5.82 64.56
N VAL B 186 9.06 5.13 63.55
CA VAL B 186 8.42 3.96 62.97
C VAL B 186 9.43 2.81 62.97
N GLN B 187 8.96 1.62 63.31
CA GLN B 187 9.78 0.43 63.46
C GLN B 187 9.39 -0.63 62.44
N THR B 188 10.34 -1.50 62.12
CA THR B 188 10.12 -2.61 61.20
C THR B 188 10.50 -3.93 61.88
N SER B 189 10.54 -5.01 61.11
CA SER B 189 10.90 -6.32 61.62
C SER B 189 11.43 -7.17 60.48
N ALA B 190 12.04 -8.29 60.82
CA ALA B 190 12.60 -9.22 59.86
C ALA B 190 11.93 -10.58 60.01
N LYS B 191 11.63 -11.21 58.87
CA LYS B 191 11.01 -12.53 58.84
C LYS B 191 11.93 -13.53 58.14
N VAL B 192 11.57 -14.80 58.25
CA VAL B 192 12.36 -15.89 57.69
C VAL B 192 11.43 -16.81 56.90
N ILE B 193 11.88 -17.23 55.72
CA ILE B 193 11.20 -18.21 54.90
C ILE B 193 12.19 -19.30 54.54
N ALA B 194 11.77 -20.55 54.65
CA ALA B 194 12.71 -21.67 54.55
C ALA B 194 11.94 -22.95 54.24
N HIS B 195 12.65 -23.91 53.65
CA HIS B 195 12.06 -25.22 53.42
C HIS B 195 13.16 -26.24 53.16
N TRP B 196 12.78 -27.51 53.24
CA TRP B 196 13.72 -28.63 53.17
C TRP B 196 13.13 -29.78 52.37
N MET B 197 14.02 -30.64 51.88
CA MET B 197 13.68 -31.82 51.09
C MET B 197 14.41 -33.04 51.66
N LYS B 198 13.78 -34.21 51.55
CA LYS B 198 14.34 -35.47 52.00
C LYS B 198 14.50 -36.43 50.84
N ALA B 199 15.70 -36.99 50.68
CA ALA B 199 15.98 -37.89 49.58
C ALA B 199 16.67 -39.14 50.10
N SER B 200 16.31 -40.28 49.53
CA SER B 200 16.95 -41.55 49.88
C SER B 200 18.39 -41.57 49.41
N ARG B 201 19.22 -42.35 50.10
CA ARG B 201 20.64 -42.42 49.81
C ARG B 201 20.97 -43.22 48.56
N GLN B 202 20.09 -44.14 48.15
CA GLN B 202 20.35 -44.97 46.98
C GLN B 202 19.91 -44.33 45.67
N ILE B 203 18.89 -43.47 45.70
CA ILE B 203 18.51 -42.76 44.49
C ILE B 203 19.64 -41.87 44.00
N LEU B 204 20.27 -41.14 44.91
CA LEU B 204 21.52 -40.47 44.58
C LEU B 204 22.60 -41.50 44.30
N SER B 205 23.55 -41.12 43.44
CA SER B 205 24.61 -41.96 42.86
C SER B 205 24.07 -42.92 41.82
N ASP B 206 22.75 -43.01 41.65
CA ASP B 206 22.14 -43.67 40.49
C ASP B 206 21.84 -42.70 39.37
N SER B 207 21.24 -41.56 39.69
CA SER B 207 21.09 -40.43 38.76
C SER B 207 21.95 -39.30 39.33
N ALA B 208 23.09 -39.06 38.68
CA ALA B 208 24.09 -38.17 39.26
C ALA B 208 23.62 -36.73 39.34
N GLN B 209 22.67 -36.32 38.49
CA GLN B 209 22.31 -34.91 38.41
C GLN B 209 21.16 -34.52 39.32
N LEU B 210 20.65 -35.43 40.15
CA LEU B 210 19.54 -35.07 41.02
C LEU B 210 19.98 -34.14 42.15
N GLN B 211 21.26 -34.25 42.56
CA GLN B 211 21.76 -33.43 43.65
C GLN B 211 21.65 -31.95 43.33
N SER B 212 22.11 -31.54 42.15
CA SER B 212 22.01 -30.14 41.76
C SER B 212 20.58 -29.76 41.42
N PHE B 213 19.79 -30.71 40.93
CA PHE B 213 18.40 -30.43 40.61
C PHE B 213 17.62 -30.01 41.85
N ILE B 214 17.78 -30.76 42.94
CA ILE B 214 17.09 -30.42 44.19
C ILE B 214 17.57 -29.08 44.72
N ASN B 215 18.88 -28.84 44.64
CA ASN B 215 19.44 -27.57 45.09
C ASN B 215 18.82 -26.39 44.33
N ALA B 216 18.78 -26.48 43.00
CA ALA B 216 18.19 -25.40 42.21
C ALA B 216 16.70 -25.22 42.49
N ARG B 217 15.96 -26.32 42.66
CA ARG B 217 14.54 -26.21 42.95
C ARG B 217 14.30 -25.53 44.30
N LEU B 218 15.15 -25.80 45.29
CA LEU B 218 15.00 -25.16 46.60
C LEU B 218 15.12 -23.64 46.47
N LEU B 219 16.13 -23.17 45.74
CA LEU B 219 16.35 -21.74 45.58
C LEU B 219 15.21 -21.11 44.79
N ARG B 220 14.73 -21.80 43.75
CA ARG B 220 13.61 -21.25 42.99
C ARG B 220 12.36 -21.11 43.86
N GLY B 221 12.08 -22.12 44.68
CA GLY B 221 10.97 -22.03 45.60
C GLY B 221 11.14 -20.91 46.61
N LEU B 222 12.37 -20.65 47.04
CA LEU B 222 12.63 -19.49 47.88
C LEU B 222 12.35 -18.18 47.18
N GLU B 223 12.80 -18.01 45.93
CA GLU B 223 12.61 -16.74 45.22
C GLU B 223 11.15 -16.45 44.94
N VAL B 224 10.39 -17.46 44.53
CA VAL B 224 8.99 -17.20 44.13
C VAL B 224 8.18 -16.69 45.31
N VAL B 225 8.32 -17.34 46.48
CA VAL B 225 7.57 -16.91 47.65
C VAL B 225 8.08 -15.56 48.15
N GLU B 226 9.39 -15.34 48.04
CA GLU B 226 9.96 -14.04 48.40
C GLU B 226 9.29 -12.91 47.61
N GLU B 227 9.20 -13.07 46.29
CA GLU B 227 8.58 -12.03 45.47
C GLU B 227 7.10 -11.90 45.78
N ASN B 228 6.40 -13.04 45.95
CA ASN B 228 4.97 -12.98 46.26
C ASN B 228 4.71 -12.28 47.60
N GLN B 229 5.61 -12.43 48.57
CA GLN B 229 5.44 -11.75 49.85
C GLN B 229 5.81 -10.27 49.77
N LEU B 230 6.88 -9.94 49.03
CA LEU B 230 7.27 -8.54 48.88
C LEU B 230 6.17 -7.75 48.17
N LEU B 231 5.55 -8.34 47.14
CA LEU B 231 4.56 -7.59 46.37
C LEU B 231 3.33 -7.27 47.20
N ASN B 232 2.76 -8.26 47.90
CA ASN B 232 1.53 -8.03 48.66
C ASN B 232 1.49 -9.02 49.82
N GLY B 233 1.78 -8.54 51.01
CA GLY B 233 1.63 -9.34 52.22
C GLY B 233 0.88 -8.58 53.28
N ASN B 234 -0.11 -9.24 53.87
CA ASN B 234 -0.97 -8.57 54.85
C ASN B 234 -0.26 -8.27 56.15
N GLY B 235 0.87 -8.91 56.43
CA GLY B 235 1.64 -8.63 57.63
C GLY B 235 1.16 -9.31 58.88
N THR B 236 -0.01 -9.95 58.86
CA THR B 236 -0.52 -10.66 60.02
C THR B 236 0.26 -11.94 60.25
N GLY B 237 0.55 -12.23 61.52
CA GLY B 237 1.33 -13.40 61.87
C GLY B 237 2.79 -13.24 61.51
N GLN B 238 3.37 -14.26 60.88
CA GLN B 238 4.76 -14.23 60.47
C GLN B 238 4.93 -13.80 59.03
N ASN B 239 3.96 -13.06 58.50
CA ASN B 239 3.99 -12.59 57.12
C ASN B 239 4.90 -11.37 57.03
N LEU B 240 4.87 -10.68 55.89
CA LEU B 240 5.60 -9.46 55.68
C LEU B 240 4.63 -8.39 55.19
N LEU B 241 4.96 -7.13 55.43
CA LEU B 241 4.09 -6.03 55.00
C LEU B 241 4.46 -5.61 53.59
N GLY B 242 3.55 -5.82 52.65
CA GLY B 242 3.79 -5.56 51.25
C GLY B 242 3.39 -4.17 50.83
N LEU B 243 3.55 -3.90 49.53
CA LEU B 243 3.27 -2.59 48.96
C LEU B 243 1.80 -2.42 48.58
N LEU B 244 1.15 -3.49 48.09
CA LEU B 244 -0.25 -3.36 47.69
C LEU B 244 -1.16 -2.98 48.85
N PRO B 245 -1.12 -3.62 50.02
CA PRO B 245 -2.02 -3.23 51.11
C PRO B 245 -1.60 -1.98 51.85
N GLN B 246 -0.59 -1.26 51.37
CA GLN B 246 -0.05 -0.10 52.07
C GLN B 246 -0.10 1.19 51.26
N ALA B 247 -0.27 1.11 49.94
CA ALA B 247 -0.27 2.30 49.11
C ALA B 247 -1.64 2.99 49.13
N THR B 248 -1.71 4.15 48.50
CA THR B 248 -2.90 4.99 48.51
C THR B 248 -3.77 4.70 47.29
N ALA B 249 -5.08 4.74 47.50
CA ALA B 249 -6.04 4.45 46.44
C ALA B 249 -5.97 5.50 45.34
N PHE B 250 -6.69 5.25 44.26
CA PHE B 250 -6.70 6.12 43.08
C PHE B 250 -7.98 6.96 43.06
N ALA B 251 -7.81 8.27 42.93
CA ALA B 251 -8.92 9.19 42.76
C ALA B 251 -8.56 10.19 41.67
N ALA B 252 -9.45 10.36 40.70
CA ALA B 252 -9.14 11.19 39.55
C ALA B 252 -9.08 12.66 39.93
N PRO B 253 -7.95 13.34 39.74
CA PRO B 253 -7.90 14.79 40.03
C PRO B 253 -8.86 15.60 39.18
N ILE B 254 -9.08 15.21 37.92
CA ILE B 254 -9.95 15.92 36.99
C ILE B 254 -10.85 14.91 36.31
N THR B 255 -11.66 15.40 35.38
CA THR B 255 -12.66 14.58 34.68
C THR B 255 -12.35 14.58 33.19
N VAL B 256 -12.41 13.39 32.59
CA VAL B 256 -12.23 13.20 31.15
C VAL B 256 -13.48 12.55 30.58
N ALA B 257 -13.87 12.98 29.39
CA ALA B 257 -15.13 12.50 28.81
C ALA B 257 -15.09 11.01 28.51
N ASN B 258 -13.98 10.52 27.98
CA ASN B 258 -13.85 9.12 27.57
C ASN B 258 -12.83 8.44 28.47
N ALA B 259 -13.21 7.30 29.04
CA ALA B 259 -12.36 6.56 29.97
C ALA B 259 -11.53 5.56 29.18
N THR B 260 -10.25 5.89 28.98
CA THR B 260 -9.30 5.00 28.34
C THR B 260 -8.13 4.76 29.30
N ALA B 261 -7.55 3.56 29.22
CA ALA B 261 -6.52 3.17 30.17
C ALA B 261 -5.35 4.14 30.18
N VAL B 262 -4.98 4.67 29.01
CA VAL B 262 -3.87 5.61 28.95
C VAL B 262 -4.22 6.91 29.67
N ASP B 263 -5.46 7.38 29.53
CA ASP B 263 -5.89 8.55 30.30
C ASP B 263 -5.90 8.26 31.79
N ARG B 264 -6.28 7.05 32.19
CA ARG B 264 -6.24 6.71 33.61
C ARG B 264 -4.81 6.72 34.14
N LEU B 265 -3.86 6.22 33.35
CA LEU B 265 -2.47 6.27 33.78
C LEU B 265 -1.97 7.71 33.87
N ARG B 266 -2.36 8.56 32.92
CA ARG B 266 -1.96 9.96 33.00
C ARG B 266 -2.57 10.64 34.23
N LEU B 267 -3.82 10.33 34.55
CA LEU B 267 -4.44 10.87 35.74
C LEU B 267 -3.74 10.37 37.01
N ALA B 268 -3.30 9.11 37.02
CA ALA B 268 -2.52 8.62 38.15
C ALA B 268 -1.22 9.38 38.31
N LEU B 269 -0.53 9.64 37.20
CA LEU B 269 0.69 10.45 37.25
C LEU B 269 0.39 11.86 37.77
N LEU B 270 -0.73 12.45 37.32
CA LEU B 270 -1.11 13.76 37.80
C LEU B 270 -1.40 13.76 39.30
N GLN B 271 -2.09 12.72 39.78
CA GLN B 271 -2.37 12.62 41.21
C GLN B 271 -1.08 12.47 42.02
N ALA B 272 -0.12 11.70 41.48
CA ALA B 272 1.18 11.62 42.13
C ALA B 272 1.89 12.96 42.16
N GLN B 273 1.73 13.76 41.08
CA GLN B 273 2.42 15.04 41.02
C GLN B 273 1.78 16.07 41.96
N LEU B 274 0.45 16.03 42.10
CA LEU B 274 -0.26 16.99 42.94
C LEU B 274 0.12 16.87 44.42
N ALA B 275 0.60 15.71 44.86
CA ALA B 275 1.12 15.54 46.21
C ALA B 275 2.61 15.77 46.26
N GLU B 276 3.21 16.26 45.18
CA GLU B 276 4.63 16.54 45.08
C GLU B 276 5.45 15.27 45.34
N PHE B 277 5.11 14.20 44.62
CA PHE B 277 5.88 12.96 44.61
C PHE B 277 5.91 12.45 43.17
N PRO B 278 6.90 12.86 42.38
CA PRO B 278 6.98 12.40 41.00
C PRO B 278 7.16 10.89 40.92
N ALA B 279 6.51 10.28 39.93
CA ALA B 279 6.63 8.86 39.72
C ALA B 279 7.88 8.54 38.90
N THR B 280 8.26 7.27 38.90
CA THR B 280 9.46 6.85 38.17
C THR B 280 9.15 5.62 37.30
N GLY B 281 8.17 4.82 37.71
CA GLY B 281 7.85 3.61 36.99
C GLY B 281 6.40 3.21 37.19
N ILE B 282 5.93 2.37 36.25
CA ILE B 282 4.59 1.81 36.29
C ILE B 282 4.71 0.29 36.22
N VAL B 283 3.86 -0.42 36.95
CA VAL B 283 3.84 -1.88 36.97
C VAL B 283 2.40 -2.33 36.77
N LEU B 284 2.19 -3.23 35.80
CA LEU B 284 0.84 -3.74 35.59
C LEU B 284 0.92 -5.10 34.89
N ASN B 285 -0.22 -5.78 34.85
CA ASN B 285 -0.29 -7.13 34.31
C ASN B 285 -0.02 -7.10 32.80
N PRO B 286 0.71 -8.09 32.28
CA PRO B 286 0.93 -8.14 30.82
C PRO B 286 -0.33 -8.39 30.01
N ALA B 287 -1.40 -8.86 30.65
CA ALA B 287 -2.68 -9.03 29.96
C ALA B 287 -3.36 -7.70 29.66
N ASP B 288 -2.86 -6.60 30.20
CA ASP B 288 -3.38 -5.27 29.91
C ASP B 288 -2.50 -4.47 28.98
N TRP B 289 -1.22 -4.81 28.87
CA TRP B 289 -0.37 -4.18 27.87
C TRP B 289 -0.89 -4.47 26.47
N ALA B 290 -1.33 -5.70 26.22
CA ALA B 290 -1.96 -6.02 24.94
C ALA B 290 -3.25 -5.25 24.73
N GLY B 291 -4.08 -5.13 25.77
CA GLY B 291 -5.31 -4.35 25.64
C GLY B 291 -5.05 -2.90 25.30
N ILE B 292 -3.99 -2.34 25.88
CA ILE B 292 -3.58 -0.98 25.51
C ILE B 292 -3.10 -0.95 24.05
N GLU B 293 -2.35 -1.97 23.65
CA GLU B 293 -1.88 -2.06 22.27
C GLU B 293 -3.02 -2.22 21.28
N LEU B 294 -4.19 -2.65 21.73
CA LEU B 294 -5.35 -2.89 20.86
C LEU B 294 -6.38 -1.77 20.94
N LEU B 295 -5.91 -0.52 21.03
CA LEU B 295 -6.82 0.61 21.07
C LEU B 295 -7.15 1.08 19.66
N LYS B 296 -8.40 1.49 19.46
CA LYS B 296 -8.91 1.84 18.14
C LYS B 296 -9.49 3.24 18.14
N ASP B 297 -9.64 3.80 16.94
CA ASP B 297 -10.36 5.03 16.73
C ASP B 297 -11.86 4.75 16.65
N THR B 298 -12.63 5.75 16.22
CA THR B 298 -14.00 5.49 15.82
C THR B 298 -14.07 4.98 14.39
N GLN B 299 -12.95 5.04 13.67
CA GLN B 299 -12.88 4.49 12.32
C GLN B 299 -12.43 3.03 12.33
N GLY B 300 -11.35 2.73 13.04
CA GLY B 300 -10.79 1.39 13.06
C GLY B 300 -9.29 1.36 12.98
N ARG B 301 -8.67 2.55 12.99
CA ARG B 301 -7.22 2.64 12.98
C ARG B 301 -6.66 2.25 14.35
N TYR B 302 -5.33 2.29 14.47
CA TYR B 302 -4.65 1.93 15.69
C TYR B 302 -3.91 3.13 16.28
N ILE B 303 -4.00 3.28 17.60
CA ILE B 303 -3.36 4.40 18.29
C ILE B 303 -1.87 4.10 18.48
N LEU B 304 -1.56 3.05 19.22
CA LEU B 304 -0.17 2.73 19.56
C LEU B 304 0.42 1.64 18.67
N GLY B 305 -0.18 0.46 18.65
CA GLY B 305 0.48 -0.69 18.07
C GLY B 305 0.27 -0.77 16.56
N ASN B 306 1.34 -1.12 15.85
CA ASN B 306 1.27 -1.39 14.42
C ASN B 306 1.36 -2.89 14.19
N PRO B 307 0.46 -3.47 13.40
CA PRO B 307 0.48 -4.93 13.21
C PRO B 307 1.75 -5.46 12.58
N GLN B 308 2.64 -4.60 12.10
CA GLN B 308 3.85 -5.02 11.40
C GLN B 308 5.11 -4.66 12.18
N GLY B 309 5.04 -4.71 13.51
CA GLY B 309 6.18 -4.32 14.30
C GLY B 309 6.00 -4.66 15.76
N THR B 310 6.87 -4.06 16.58
CA THR B 310 6.85 -4.24 18.02
C THR B 310 6.75 -2.88 18.69
N LEU B 311 6.20 -2.88 19.91
CA LEU B 311 5.95 -1.66 20.66
C LEU B 311 6.99 -1.52 21.76
N ALA B 312 7.58 -0.33 21.86
CA ALA B 312 8.57 -0.08 22.90
C ALA B 312 7.89 -0.04 24.27
N PRO B 313 8.55 -0.52 25.33
CA PRO B 313 7.93 -0.52 26.67
C PRO B 313 8.08 0.80 27.42
N THR B 314 7.38 1.82 26.94
CA THR B 314 7.41 3.12 27.57
C THR B 314 6.09 3.82 27.33
N LEU B 315 5.66 4.61 28.31
CA LEU B 315 4.40 5.33 28.24
C LEU B 315 4.51 6.59 29.09
N TRP B 316 4.16 7.73 28.49
CA TRP B 316 4.22 9.04 29.16
C TRP B 316 5.62 9.33 29.69
N GLY B 317 6.64 8.74 29.07
CA GLY B 317 8.01 8.95 29.49
C GLY B 317 8.48 8.11 30.65
N LEU B 318 7.63 7.23 31.18
CA LEU B 318 7.97 6.41 32.33
C LEU B 318 8.07 4.95 31.95
N PRO B 319 9.09 4.24 32.42
CA PRO B 319 9.20 2.81 32.13
C PRO B 319 8.00 2.01 32.65
N VAL B 320 7.63 0.99 31.88
CA VAL B 320 6.51 0.12 32.17
C VAL B 320 7.03 -1.29 32.37
N VAL B 321 6.56 -1.96 33.43
CA VAL B 321 6.98 -3.31 33.76
C VAL B 321 5.74 -4.20 33.83
N ALA B 322 5.76 -5.29 33.08
CA ALA B 322 4.67 -6.26 33.05
C ALA B 322 5.12 -7.54 33.74
N THR B 323 4.42 -7.91 34.81
CA THR B 323 4.70 -9.13 35.54
C THR B 323 3.40 -9.89 35.80
N GLN B 324 3.49 -11.22 35.76
CA GLN B 324 2.32 -12.04 36.02
C GLN B 324 1.89 -11.96 37.48
N ALA B 325 2.79 -11.49 38.36
CA ALA B 325 2.48 -11.40 39.78
C ALA B 325 1.40 -10.38 40.07
N MET B 326 1.36 -9.27 39.33
CA MET B 326 0.33 -8.25 39.52
C MET B 326 -1.01 -8.78 39.01
N ALA B 327 -2.07 -8.53 39.77
CA ALA B 327 -3.39 -9.02 39.39
C ALA B 327 -3.85 -8.37 38.08
N ALA B 328 -4.61 -9.14 37.31
CA ALA B 328 -5.11 -8.66 36.03
C ALA B 328 -6.19 -7.60 36.26
N GLY B 329 -6.02 -6.44 35.64
CA GLY B 329 -6.93 -5.32 35.80
C GLY B 329 -6.49 -4.30 36.82
N GLN B 330 -5.30 -4.45 37.41
CA GLN B 330 -4.79 -3.54 38.41
C GLN B 330 -3.44 -2.97 37.95
N PHE B 331 -3.13 -1.77 38.42
CA PHE B 331 -1.87 -1.11 38.12
C PHE B 331 -1.34 -0.44 39.39
N LEU B 332 -0.02 -0.28 39.44
CA LEU B 332 0.64 0.37 40.57
C LEU B 332 1.81 1.19 40.04
N THR B 333 1.84 2.47 40.38
CA THR B 333 2.85 3.39 39.88
C THR B 333 3.53 4.11 41.04
N GLY B 334 4.78 4.52 40.82
CA GLY B 334 5.47 5.31 41.80
C GLY B 334 6.97 5.32 41.55
N ALA B 335 7.68 5.87 42.54
CA ALA B 335 9.15 5.94 42.51
C ALA B 335 9.68 4.83 43.41
N PHE B 336 10.04 3.70 42.81
CA PHE B 336 10.44 2.53 43.59
C PHE B 336 11.85 2.67 44.14
N ASP B 337 12.75 3.34 43.42
CA ASP B 337 14.16 3.37 43.78
C ASP B 337 14.46 4.23 45.00
N ALA B 338 13.49 5.01 45.48
CA ALA B 338 13.73 5.90 46.62
C ALA B 338 12.72 5.73 47.75
N GLY B 339 11.60 5.06 47.51
CA GLY B 339 10.55 4.93 48.51
C GLY B 339 10.50 3.62 49.27
N ALA B 340 11.41 2.68 49.01
CA ALA B 340 11.41 1.41 49.71
C ALA B 340 12.80 0.79 49.60
N GLN B 341 13.06 -0.19 50.47
CA GLN B 341 14.34 -0.87 50.48
C GLN B 341 14.16 -2.27 51.03
N VAL B 342 15.05 -3.18 50.62
CA VAL B 342 15.05 -4.56 51.08
C VAL B 342 16.37 -4.81 51.78
N PHE B 343 16.30 -5.30 53.01
CA PHE B 343 17.47 -5.57 53.84
C PHE B 343 17.69 -7.07 53.97
N ASP B 344 18.92 -7.50 53.72
CA ASP B 344 19.27 -8.92 53.75
C ASP B 344 19.99 -9.24 55.06
N ARG B 345 19.27 -9.90 55.98
CA ARG B 345 19.88 -10.39 57.20
C ARG B 345 20.76 -11.61 56.93
N TRP B 346 20.16 -12.67 56.38
CA TRP B 346 20.88 -13.87 55.99
C TRP B 346 20.94 -13.95 54.46
N ALA B 347 21.53 -15.03 53.97
CA ALA B 347 21.67 -15.27 52.54
C ALA B 347 20.90 -16.54 52.17
N ALA B 348 21.09 -16.99 50.93
CA ALA B 348 20.38 -18.14 50.39
C ALA B 348 21.21 -19.42 50.45
N ARG B 349 21.99 -19.61 51.50
CA ARG B 349 22.85 -20.78 51.60
C ARG B 349 22.02 -22.05 51.70
N VAL B 350 22.68 -23.19 51.48
CA VAL B 350 22.04 -24.50 51.46
C VAL B 350 22.81 -25.42 52.41
N GLU B 351 22.09 -26.15 53.25
CA GLU B 351 22.69 -27.08 54.21
C GLU B 351 22.30 -28.51 53.87
N VAL B 352 23.25 -29.43 54.07
CA VAL B 352 23.03 -30.86 53.84
C VAL B 352 23.33 -31.61 55.12
N ALA B 353 22.39 -32.44 55.56
CA ALA B 353 22.53 -33.19 56.79
C ALA B 353 22.19 -34.65 56.57
N THR B 354 22.87 -35.52 57.32
CA THR B 354 22.68 -36.96 57.22
C THR B 354 22.00 -37.56 58.45
N GLU B 355 22.06 -36.91 59.60
CA GLU B 355 21.49 -37.41 60.84
C GLU B 355 20.44 -36.40 61.32
N ASN B 356 19.22 -36.54 60.81
CA ASN B 356 18.17 -35.60 61.18
C ASN B 356 17.32 -36.15 62.33
N GLN B 357 16.62 -37.26 62.11
CA GLN B 357 15.92 -37.96 63.17
C GLN B 357 16.39 -39.40 63.29
N ASP B 358 16.28 -40.17 62.21
CA ASP B 358 16.86 -41.51 62.14
C ASP B 358 17.46 -41.79 60.77
N ASP B 359 17.83 -40.75 60.02
CA ASP B 359 18.28 -40.92 58.64
C ASP B 359 19.63 -41.63 58.54
N PHE B 360 20.25 -41.98 59.66
CA PHE B 360 21.48 -42.77 59.61
C PHE B 360 21.16 -44.26 59.55
N ILE B 361 20.12 -44.69 60.26
CA ILE B 361 19.74 -46.10 60.25
C ILE B 361 18.62 -46.39 59.25
N LYS B 362 18.19 -45.39 58.47
CA LYS B 362 17.23 -45.60 57.39
C LYS B 362 17.80 -45.20 56.04
N ASN B 363 19.05 -44.77 56.00
CA ASN B 363 19.76 -44.46 54.75
C ASN B 363 19.05 -43.37 53.94
N MET B 364 18.92 -42.21 54.57
CA MET B 364 18.32 -41.04 53.94
C MET B 364 19.30 -39.88 53.99
N VAL B 365 18.84 -38.72 53.55
CA VAL B 365 19.61 -37.48 53.62
C VAL B 365 18.63 -36.33 53.47
N THR B 366 18.97 -35.17 54.03
CA THR B 366 18.09 -34.01 53.99
C THR B 366 18.85 -32.78 53.57
N ILE B 367 18.15 -31.88 52.87
CA ILE B 367 18.71 -30.63 52.37
C ILE B 367 17.77 -29.50 52.76
N LEU B 368 18.34 -28.36 53.14
CA LEU B 368 17.52 -27.27 53.68
C LEU B 368 18.02 -25.93 53.15
N ALA B 369 17.10 -24.98 53.00
CA ALA B 369 17.40 -23.64 52.54
C ALA B 369 16.60 -22.62 53.33
N GLU B 370 17.26 -21.48 53.63
CA GLU B 370 16.74 -20.41 54.47
C GLU B 370 17.00 -19.07 53.79
N GLU B 371 16.13 -18.08 54.03
CA GLU B 371 16.31 -16.76 53.44
C GLU B 371 16.53 -15.63 54.45
N ARG B 372 15.57 -15.38 55.35
CA ARG B 372 15.70 -14.39 56.42
C ARG B 372 16.00 -12.99 55.87
N LEU B 373 14.99 -12.41 55.21
CA LEU B 373 15.08 -11.04 54.67
C LEU B 373 14.11 -10.12 55.42
N ALA B 374 14.13 -8.84 55.04
CA ALA B 374 13.22 -7.84 55.61
C ALA B 374 12.99 -6.73 54.60
N LEU B 375 11.89 -5.99 54.80
CA LEU B 375 11.48 -4.91 53.91
C LEU B 375 11.15 -3.66 54.70
N ALA B 376 11.62 -2.51 54.23
CA ALA B 376 11.37 -1.23 54.90
C ALA B 376 10.79 -0.25 53.88
N VAL B 377 9.63 0.32 54.20
CA VAL B 377 8.95 1.27 53.34
C VAL B 377 8.91 2.61 54.04
N TYR B 378 9.55 3.63 53.45
CA TYR B 378 9.60 4.94 54.07
C TYR B 378 8.31 5.72 53.83
N ARG B 379 8.00 6.00 52.57
CA ARG B 379 6.88 6.88 52.22
C ARG B 379 5.75 6.08 51.61
N PRO B 380 4.67 5.81 52.34
CA PRO B 380 3.52 5.10 51.75
C PRO B 380 2.61 5.96 50.90
N GLU B 381 2.98 7.22 50.64
CA GLU B 381 2.17 8.11 49.81
C GLU B 381 2.76 8.35 48.43
N SER B 382 3.96 7.83 48.15
CA SER B 382 4.57 7.97 46.84
C SER B 382 4.23 6.81 45.91
N PHE B 383 3.37 5.89 46.35
CA PHE B 383 2.93 4.77 45.54
C PHE B 383 1.41 4.84 45.40
N ILE B 384 0.92 4.72 44.17
CA ILE B 384 -0.51 4.78 43.89
C ILE B 384 -0.92 3.48 43.19
N LYS B 385 -1.96 2.84 43.74
CA LYS B 385 -2.53 1.63 43.16
C LYS B 385 -3.95 1.91 42.70
N GLY B 386 -4.40 1.14 41.72
CA GLY B 386 -5.76 1.31 41.25
C GLY B 386 -6.10 0.31 40.16
N SER B 387 -7.28 0.51 39.58
CA SER B 387 -7.79 -0.30 38.48
C SER B 387 -7.77 0.52 37.20
N LEU B 388 -7.84 -0.19 36.07
CA LEU B 388 -7.80 0.46 34.77
C LEU B 388 -9.19 0.64 34.16
N THR B 389 -10.13 -0.22 34.53
CA THR B 389 -11.50 -0.09 34.03
C THR B 389 -12.24 1.00 34.82
N ALA B 390 -13.45 1.33 34.36
CA ALA B 390 -14.22 2.37 35.02
C ALA B 390 -14.72 1.92 36.39
N ALA B 391 -14.92 0.61 36.57
CA ALA B 391 -15.38 0.05 37.85
C ALA B 391 -16.67 0.73 38.31
N ALA B 392 -17.60 0.91 37.37
CA ALA B 392 -18.88 1.53 37.69
C ALA B 392 -20.02 0.83 36.97
N ALA C 107 -11.31 -31.50 -57.34
CA ALA C 107 -10.30 -30.66 -56.71
C ALA C 107 -9.82 -31.30 -55.41
N ILE C 108 -8.52 -31.61 -55.36
CA ILE C 108 -7.94 -32.20 -54.16
C ILE C 108 -8.00 -31.19 -53.03
N THR C 109 -8.56 -31.61 -51.90
CA THR C 109 -8.77 -30.74 -50.74
C THR C 109 -8.46 -31.54 -49.49
N SER C 110 -8.90 -31.05 -48.33
CA SER C 110 -8.68 -31.73 -47.07
C SER C 110 -9.94 -32.44 -46.55
N LEU C 111 -10.98 -32.58 -47.37
CA LEU C 111 -12.17 -33.28 -46.94
C LEU C 111 -11.91 -34.78 -46.86
N THR C 112 -12.66 -35.45 -45.97
CA THR C 112 -12.48 -36.87 -45.73
C THR C 112 -13.71 -37.70 -46.05
N THR C 113 -14.67 -37.14 -46.78
CA THR C 113 -15.89 -37.86 -47.12
C THR C 113 -15.61 -38.83 -48.28
N ASN C 114 -16.67 -39.44 -48.82
CA ASN C 114 -16.55 -40.39 -49.91
C ASN C 114 -16.73 -39.73 -51.28
N ALA C 115 -16.68 -38.40 -51.33
CA ALA C 115 -16.84 -37.69 -52.59
C ALA C 115 -15.51 -37.71 -53.35
N ASP C 116 -15.49 -37.10 -54.53
CA ASP C 116 -14.30 -37.06 -55.35
C ASP C 116 -13.40 -35.91 -54.90
N GLY C 117 -12.10 -36.11 -55.03
CA GLY C 117 -11.14 -35.11 -54.59
C GLY C 117 -11.13 -34.89 -53.10
N SER C 118 -11.24 -35.97 -52.32
CA SER C 118 -11.25 -35.83 -50.87
C SER C 118 -9.82 -35.72 -50.33
N ALA C 119 -9.04 -36.80 -50.47
CA ALA C 119 -7.60 -36.80 -50.15
C ALA C 119 -7.31 -36.23 -48.75
N GLY C 120 -8.27 -36.37 -47.84
CA GLY C 120 -8.12 -35.82 -46.51
C GLY C 120 -7.40 -36.74 -45.54
N ALA C 121 -7.17 -37.98 -45.95
CA ALA C 121 -6.55 -38.99 -45.09
C ALA C 121 -5.05 -39.02 -45.20
N THR C 122 -4.45 -38.24 -46.09
CA THR C 122 -3.01 -38.26 -46.30
C THR C 122 -2.24 -37.39 -45.31
N VAL C 123 -2.93 -36.68 -44.43
CA VAL C 123 -2.30 -35.79 -43.46
C VAL C 123 -2.44 -36.41 -42.08
N GLN C 124 -1.31 -36.56 -41.39
CA GLN C 124 -1.28 -37.17 -40.07
C GLN C 124 -1.12 -36.09 -38.99
N THR C 125 -1.73 -36.34 -37.84
CA THR C 125 -1.59 -35.42 -36.72
C THR C 125 -0.18 -35.49 -36.13
N THR C 126 0.18 -34.46 -35.40
CA THR C 126 1.48 -34.37 -34.73
C THR C 126 1.27 -34.33 -33.23
N ARG C 127 2.09 -35.09 -32.51
CA ARG C 127 1.96 -35.18 -31.06
C ARG C 127 3.04 -34.35 -30.39
N LEU C 128 2.63 -33.46 -29.49
CA LEU C 128 3.56 -32.62 -28.77
C LEU C 128 4.26 -33.43 -27.67
N PRO C 129 5.59 -33.41 -27.62
CA PRO C 129 6.30 -34.22 -26.62
C PRO C 129 6.00 -33.76 -25.20
N GLY C 130 6.06 -34.70 -24.27
CA GLY C 130 5.82 -34.44 -22.87
C GLY C 130 4.38 -34.69 -22.47
N ILE C 131 4.17 -34.70 -21.16
CA ILE C 131 2.85 -34.95 -20.58
C ILE C 131 2.48 -33.76 -19.70
N ARG C 132 1.26 -33.27 -19.87
CA ARG C 132 0.77 -32.13 -19.08
C ARG C 132 0.21 -32.67 -17.77
N GLU C 133 0.94 -32.45 -16.69
CA GLU C 133 0.62 -33.06 -15.40
C GLU C 133 -0.03 -32.04 -14.46
N LEU C 134 -0.75 -32.58 -13.47
CA LEU C 134 -1.40 -31.77 -12.46
C LEU C 134 -0.37 -31.15 -11.52
N PRO C 135 -0.66 -29.96 -10.98
CA PRO C 135 0.31 -29.28 -10.12
C PRO C 135 0.34 -29.82 -8.70
N GLN C 136 1.49 -29.64 -8.05
CA GLN C 136 1.68 -29.99 -6.65
C GLN C 136 1.11 -28.88 -5.76
N ARG C 137 1.35 -28.95 -4.45
CA ARG C 137 0.81 -27.87 -3.64
C ARG C 137 1.85 -26.98 -2.98
N ARG C 138 2.52 -27.44 -1.92
CA ARG C 138 3.72 -26.73 -1.47
C ARG C 138 4.77 -27.63 -0.82
N MET C 139 4.33 -28.71 -0.17
CA MET C 139 5.19 -29.50 0.71
C MET C 139 5.97 -28.61 1.68
N THR C 140 5.28 -27.90 2.58
CA THR C 140 5.91 -26.88 3.41
C THR C 140 5.87 -27.16 4.91
N ILE C 141 5.04 -28.09 5.38
CA ILE C 141 4.93 -28.32 6.82
C ILE C 141 6.23 -28.90 7.39
N ARG C 142 6.86 -29.81 6.65
CA ARG C 142 8.01 -30.53 7.19
C ARG C 142 9.16 -29.59 7.51
N SER C 143 9.31 -28.50 6.76
CA SER C 143 10.45 -27.61 6.92
C SER C 143 10.38 -26.80 8.22
N LEU C 144 9.19 -26.66 8.81
CA LEU C 144 9.07 -25.88 10.03
C LEU C 144 9.71 -26.59 11.21
N LEU C 145 9.43 -27.88 11.38
CA LEU C 145 9.93 -28.63 12.51
C LEU C 145 11.42 -28.94 12.33
N ALA C 146 12.06 -29.36 13.42
CA ALA C 146 13.44 -29.81 13.39
C ALA C 146 13.51 -31.27 12.97
N GLN C 147 14.63 -31.65 12.38
CA GLN C 147 14.81 -32.98 11.82
C GLN C 147 15.91 -33.74 12.54
N GLY C 148 15.74 -35.05 12.64
CA GLY C 148 16.72 -35.90 13.28
C GLY C 148 16.63 -37.32 12.75
N THR C 149 17.57 -38.15 13.19
CA THR C 149 17.67 -39.52 12.73
C THR C 149 17.62 -40.47 13.93
N MET C 150 17.05 -41.64 13.70
CA MET C 150 16.96 -42.67 14.73
C MET C 150 17.44 -43.99 14.16
N GLU C 151 17.84 -44.90 15.04
CA GLU C 151 18.40 -46.19 14.65
C GLU C 151 17.75 -47.31 15.45
N GLY C 152 16.42 -47.26 15.58
CA GLY C 152 15.70 -48.28 16.31
C GLY C 152 14.24 -48.37 15.92
N ASN C 153 13.38 -48.58 16.91
CA ASN C 153 11.93 -48.62 16.69
C ASN C 153 11.16 -47.76 17.67
N THR C 154 11.69 -47.51 18.86
CA THR C 154 11.00 -46.74 19.89
C THR C 154 11.96 -45.69 20.46
N LEU C 155 11.43 -44.50 20.70
CA LEU C 155 12.17 -43.43 21.35
C LEU C 155 11.49 -43.09 22.68
N GLU C 156 12.30 -42.65 23.63
CA GLU C 156 11.81 -42.32 24.96
C GLU C 156 12.48 -41.06 25.46
N TYR C 157 11.77 -40.31 26.29
CA TYR C 157 12.39 -39.17 26.98
C TYR C 157 11.80 -39.05 28.37
N VAL C 158 12.45 -38.24 29.21
CA VAL C 158 12.10 -38.11 30.62
C VAL C 158 11.66 -36.67 30.87
N ARG C 159 10.53 -36.51 31.55
CA ARG C 159 10.01 -35.21 31.93
C ARG C 159 9.85 -35.14 33.44
N GLU C 160 9.89 -33.92 33.97
CA GLU C 160 9.53 -33.67 35.35
C GLU C 160 8.24 -32.84 35.35
N THR C 161 7.23 -33.34 36.06
CA THR C 161 5.87 -32.81 35.91
C THR C 161 5.44 -31.98 37.11
N GLY C 162 5.53 -32.53 38.31
CA GLY C 162 5.05 -31.87 39.51
C GLY C 162 6.19 -31.42 40.39
N PHE C 163 5.98 -30.28 41.03
CA PHE C 163 6.96 -29.73 41.98
C PHE C 163 6.17 -28.94 43.02
N THR C 164 5.89 -29.59 44.15
CA THR C 164 5.21 -28.92 45.25
C THR C 164 6.14 -27.88 45.86
N ASN C 165 5.56 -26.80 46.39
CA ASN C 165 6.35 -25.71 46.95
C ASN C 165 5.61 -25.19 48.18
N ALA C 166 6.07 -25.56 49.37
CA ALA C 166 5.52 -24.98 50.60
C ALA C 166 6.16 -23.63 50.87
N ALA C 167 7.46 -23.62 51.14
CA ALA C 167 8.28 -22.42 51.31
C ALA C 167 7.53 -21.33 52.06
N ALA C 168 7.07 -21.68 53.23
CA ALA C 168 6.24 -20.72 53.93
C ALA C 168 7.03 -20.02 55.02
N PRO C 169 6.60 -18.83 55.46
CA PRO C 169 7.25 -18.20 56.61
C PRO C 169 6.96 -18.98 57.88
N VAL C 170 8.02 -19.20 58.67
CA VAL C 170 7.93 -20.03 59.86
C VAL C 170 8.28 -19.18 61.09
N ALA C 171 7.61 -19.48 62.19
CA ALA C 171 7.88 -18.85 63.47
C ALA C 171 9.18 -19.39 64.05
N GLU C 172 9.68 -18.71 65.07
CA GLU C 172 10.89 -19.17 65.75
C GLU C 172 10.58 -20.37 66.63
N GLY C 173 11.28 -21.48 66.40
CA GLY C 173 11.06 -22.69 67.17
C GLY C 173 10.02 -23.64 66.63
N ALA C 174 9.70 -23.57 65.35
CA ALA C 174 8.72 -24.45 64.72
C ALA C 174 9.35 -25.20 63.54
N GLN C 175 8.82 -26.38 63.27
CA GLN C 175 9.34 -27.21 62.19
C GLN C 175 9.04 -26.59 60.84
N LYS C 176 10.04 -26.58 59.97
CA LYS C 176 9.95 -26.04 58.62
C LYS C 176 9.20 -27.01 57.70
N PRO C 177 8.49 -26.51 56.70
CA PRO C 177 7.72 -27.38 55.82
C PRO C 177 8.59 -27.98 54.71
N GLU C 178 8.11 -29.09 54.17
CA GLU C 178 8.85 -29.86 53.16
C GLU C 178 8.09 -29.84 51.84
N SER C 179 8.78 -30.27 50.78
CA SER C 179 8.21 -30.34 49.45
C SER C 179 8.90 -31.47 48.69
N SER C 180 8.42 -31.74 47.48
CA SER C 180 8.88 -32.91 46.75
C SER C 180 8.83 -32.64 45.25
N LEU C 181 9.50 -33.52 44.49
CA LEU C 181 9.57 -33.47 43.04
C LEU C 181 8.81 -34.64 42.44
N LYS C 182 8.89 -34.76 41.12
CA LYS C 182 8.27 -35.86 40.39
C LYS C 182 8.94 -36.00 39.04
N PHE C 183 8.83 -37.21 38.46
CA PHE C 183 9.39 -37.50 37.15
C PHE C 183 8.54 -38.57 36.48
N ASP C 184 8.66 -38.65 35.16
CA ASP C 184 8.01 -39.70 34.39
C ASP C 184 8.68 -39.83 33.03
N LEU C 185 8.31 -40.90 32.32
CA LEU C 185 8.83 -41.19 30.99
C LEU C 185 7.72 -41.12 29.94
N VAL C 186 8.10 -40.70 28.74
CA VAL C 186 7.19 -40.62 27.60
C VAL C 186 7.77 -41.46 26.48
N GLN C 187 6.92 -42.28 25.85
CA GLN C 187 7.28 -43.20 24.79
C GLN C 187 6.73 -42.72 23.46
N THR C 188 7.43 -43.05 22.39
CA THR C 188 6.94 -42.80 21.04
C THR C 188 7.48 -43.88 20.12
N SER C 189 6.71 -44.19 19.07
CA SER C 189 7.04 -45.28 18.17
C SER C 189 7.02 -44.77 16.73
N ALA C 190 7.79 -45.44 15.88
CA ALA C 190 7.82 -45.12 14.46
C ALA C 190 6.71 -45.86 13.72
N LYS C 191 6.24 -45.26 12.64
CA LYS C 191 5.15 -45.80 11.84
C LYS C 191 5.57 -45.83 10.39
N VAL C 192 5.00 -46.76 9.63
CA VAL C 192 5.34 -46.94 8.22
C VAL C 192 4.16 -46.55 7.35
N ILE C 193 4.42 -45.68 6.37
CA ILE C 193 3.43 -45.30 5.37
C ILE C 193 3.99 -45.67 4.00
N ALA C 194 3.18 -46.35 3.19
CA ALA C 194 3.70 -46.99 1.99
C ALA C 194 2.56 -47.29 1.04
N HIS C 195 2.89 -47.43 -0.24
CA HIS C 195 1.89 -47.83 -1.23
C HIS C 195 2.58 -48.31 -2.50
N TRP C 196 1.80 -49.01 -3.33
CA TRP C 196 2.30 -49.64 -4.55
C TRP C 196 1.30 -49.44 -5.67
N MET C 197 1.75 -49.77 -6.89
CA MET C 197 0.95 -49.59 -8.09
C MET C 197 1.30 -50.70 -9.09
N LYS C 198 0.29 -51.20 -9.78
CA LYS C 198 0.43 -52.31 -10.71
C LYS C 198 0.26 -51.82 -12.15
N ALA C 199 1.22 -52.17 -13.00
CA ALA C 199 1.22 -51.75 -14.39
C ALA C 199 1.29 -52.96 -15.30
N SER C 200 0.49 -52.93 -16.37
CA SER C 200 0.53 -53.99 -17.37
C SER C 200 1.86 -53.97 -18.10
N ARG C 201 2.27 -55.14 -18.58
CA ARG C 201 3.54 -55.25 -19.30
C ARG C 201 3.42 -54.76 -20.73
N GLN C 202 2.23 -54.82 -21.33
CA GLN C 202 2.04 -54.28 -22.67
C GLN C 202 2.14 -52.77 -22.69
N ILE C 203 1.50 -52.10 -21.72
CA ILE C 203 1.48 -50.64 -21.72
C ILE C 203 2.89 -50.09 -21.51
N LEU C 204 3.70 -50.78 -20.71
CA LEU C 204 5.12 -50.46 -20.66
C LEU C 204 5.79 -50.94 -21.94
N SER C 205 6.85 -50.23 -22.33
CA SER C 205 7.63 -50.42 -23.56
C SER C 205 6.88 -49.94 -24.78
N ASP C 206 5.60 -49.57 -24.67
CA ASP C 206 4.92 -48.79 -25.70
C ASP C 206 4.99 -47.30 -25.43
N SER C 207 4.65 -46.88 -24.22
CA SER C 207 4.88 -45.51 -23.77
C SER C 207 6.10 -45.52 -22.87
N ALA C 208 7.21 -44.98 -23.37
CA ALA C 208 8.46 -45.06 -22.64
C ALA C 208 8.39 -44.27 -21.33
N GLN C 209 7.61 -43.19 -21.30
CA GLN C 209 7.51 -42.33 -20.13
C GLN C 209 6.31 -42.73 -19.28
N LEU C 210 6.42 -43.90 -18.66
CA LEU C 210 5.47 -44.29 -17.62
C LEU C 210 6.20 -44.82 -16.40
N GLN C 211 7.38 -45.40 -16.59
CA GLN C 211 8.16 -45.87 -15.45
C GLN C 211 8.60 -44.70 -14.58
N SER C 212 9.23 -43.70 -15.20
CA SER C 212 9.66 -42.52 -14.45
C SER C 212 8.47 -41.74 -13.92
N PHE C 213 7.41 -41.62 -14.72
CA PHE C 213 6.22 -40.93 -14.27
C PHE C 213 5.60 -41.61 -13.05
N ILE C 214 5.51 -42.94 -13.08
CA ILE C 214 4.93 -43.67 -11.94
C ILE C 214 5.81 -43.52 -10.72
N ASN C 215 7.14 -43.61 -10.89
CA ASN C 215 8.03 -43.43 -9.75
C ASN C 215 7.86 -42.05 -9.13
N ALA C 216 7.83 -41.01 -9.97
CA ALA C 216 7.69 -39.65 -9.47
C ALA C 216 6.35 -39.46 -8.76
N ARG C 217 5.28 -40.04 -9.31
CA ARG C 217 3.97 -39.86 -8.69
C ARG C 217 3.86 -40.60 -7.37
N LEU C 218 4.47 -41.79 -7.26
CA LEU C 218 4.50 -42.46 -5.97
C LEU C 218 5.27 -41.65 -4.95
N LEU C 219 6.43 -41.11 -5.35
CA LEU C 219 7.23 -40.30 -4.43
C LEU C 219 6.45 -39.06 -3.98
N ARG C 220 5.75 -38.41 -4.91
CA ARG C 220 4.99 -37.22 -4.55
C ARG C 220 3.78 -37.55 -3.68
N GLY C 221 3.14 -38.70 -3.92
CA GLY C 221 2.01 -39.09 -3.09
C GLY C 221 2.41 -39.51 -1.71
N LEU C 222 3.66 -39.93 -1.52
CA LEU C 222 4.14 -40.20 -0.16
C LEU C 222 4.13 -38.95 0.71
N GLU C 223 4.61 -37.82 0.16
CA GLU C 223 4.82 -36.63 0.98
C GLU C 223 3.52 -35.97 1.37
N VAL C 224 2.50 -36.05 0.51
CA VAL C 224 1.20 -35.48 0.85
C VAL C 224 0.63 -36.16 2.08
N VAL C 225 0.67 -37.49 2.10
CA VAL C 225 0.19 -38.23 3.28
C VAL C 225 1.10 -37.97 4.47
N GLU C 226 2.41 -37.82 4.22
CA GLU C 226 3.33 -37.46 5.29
C GLU C 226 2.88 -36.21 6.02
N GLU C 227 2.63 -35.12 5.27
CA GLU C 227 2.28 -33.87 5.92
C GLU C 227 0.87 -33.93 6.51
N ASN C 228 -0.06 -34.60 5.82
CA ASN C 228 -1.41 -34.74 6.35
C ASN C 228 -1.44 -35.54 7.65
N GLN C 229 -0.49 -36.45 7.84
CA GLN C 229 -0.44 -37.21 9.09
C GLN C 229 0.33 -36.46 10.16
N LEU C 230 1.35 -35.70 9.76
CA LEU C 230 2.08 -34.87 10.72
C LEU C 230 1.17 -33.80 11.30
N LEU C 231 0.29 -33.22 10.48
CA LEU C 231 -0.52 -32.10 10.93
C LEU C 231 -1.63 -32.56 11.87
N ASN C 232 -2.54 -33.40 11.38
CA ASN C 232 -3.72 -33.82 12.16
C ASN C 232 -3.93 -35.33 12.04
N GLY C 233 -3.29 -36.08 12.94
CA GLY C 233 -3.54 -37.50 13.06
C GLY C 233 -4.06 -37.84 14.45
N ASN C 234 -5.16 -38.60 14.52
CA ASN C 234 -5.78 -38.87 15.81
C ASN C 234 -4.93 -39.76 16.71
N GLY C 235 -3.93 -40.44 16.18
CA GLY C 235 -3.03 -41.25 16.98
C GLY C 235 -3.53 -42.65 17.29
N THR C 236 -4.80 -42.94 17.03
CA THR C 236 -5.36 -44.25 17.27
C THR C 236 -5.02 -45.20 16.12
N GLY C 237 -5.02 -46.50 16.42
CA GLY C 237 -4.65 -47.49 15.44
C GLY C 237 -3.17 -47.50 15.14
N GLN C 238 -2.80 -47.24 13.88
CA GLN C 238 -1.39 -47.21 13.48
C GLN C 238 -1.01 -45.83 12.97
N ASN C 239 -1.84 -44.83 13.24
CA ASN C 239 -1.61 -43.46 12.77
C ASN C 239 -0.59 -42.79 13.69
N LEU C 240 -0.36 -41.49 13.47
CA LEU C 240 0.49 -40.69 14.32
C LEU C 240 -0.38 -39.72 15.12
N LEU C 241 0.17 -39.21 16.22
CA LEU C 241 -0.51 -38.20 17.02
C LEU C 241 0.07 -36.83 16.64
N GLY C 242 -0.68 -36.07 15.85
CA GLY C 242 -0.17 -34.85 15.26
C GLY C 242 -0.23 -33.65 16.17
N LEU C 243 0.25 -32.52 15.62
CA LEU C 243 0.27 -31.26 16.36
C LEU C 243 -1.14 -30.75 16.64
N LEU C 244 -2.05 -30.88 15.66
CA LEU C 244 -3.39 -30.31 15.83
C LEU C 244 -4.15 -30.91 17.00
N PRO C 245 -4.24 -32.23 17.16
CA PRO C 245 -4.98 -32.76 18.33
C PRO C 245 -4.27 -32.57 19.65
N GLN C 246 -2.98 -32.22 19.66
CA GLN C 246 -2.25 -31.95 20.88
C GLN C 246 -2.22 -30.48 21.24
N ALA C 247 -2.78 -29.61 20.39
CA ALA C 247 -2.74 -28.18 20.63
C ALA C 247 -3.79 -27.79 21.67
N THR C 248 -3.74 -26.55 22.12
CA THR C 248 -4.62 -26.04 23.16
C THR C 248 -5.69 -25.16 22.54
N ALA C 249 -6.92 -25.29 23.03
CA ALA C 249 -8.02 -24.49 22.53
C ALA C 249 -7.78 -23.01 22.80
N PHE C 250 -8.53 -22.17 22.10
CA PHE C 250 -8.36 -20.72 22.16
C PHE C 250 -9.41 -20.12 23.08
N ALA C 251 -8.96 -19.60 24.22
CA ALA C 251 -9.81 -18.88 25.16
C ALA C 251 -9.28 -17.47 25.31
N ALA C 252 -10.14 -16.49 25.09
CA ALA C 252 -9.71 -15.09 25.09
C ALA C 252 -9.43 -14.63 26.52
N PRO C 253 -8.22 -14.15 26.81
CA PRO C 253 -7.95 -13.59 28.15
C PRO C 253 -8.77 -12.34 28.43
N ILE C 254 -8.72 -11.38 27.51
CA ILE C 254 -9.45 -10.14 27.64
C ILE C 254 -10.53 -10.08 26.57
N THR C 255 -11.36 -9.04 26.64
CA THR C 255 -12.47 -8.85 25.72
C THR C 255 -12.21 -7.62 24.87
N VAL C 256 -12.35 -7.76 23.56
CA VAL C 256 -12.18 -6.66 22.61
C VAL C 256 -13.49 -6.46 21.86
N ALA C 257 -13.89 -5.19 21.74
CA ALA C 257 -15.19 -4.87 21.15
C ALA C 257 -15.30 -5.36 19.71
N ASN C 258 -14.33 -5.01 18.87
CA ASN C 258 -14.33 -5.37 17.46
C ASN C 258 -13.40 -6.56 17.24
N ALA C 259 -13.96 -7.64 16.71
CA ALA C 259 -13.21 -8.89 16.51
C ALA C 259 -12.62 -8.90 15.11
N THR C 260 -11.39 -8.41 14.99
CA THR C 260 -10.64 -8.45 13.75
C THR C 260 -9.64 -9.60 13.81
N ALA C 261 -9.28 -10.13 12.64
CA ALA C 261 -8.38 -11.28 12.58
C ALA C 261 -7.04 -10.98 13.27
N VAL C 262 -6.51 -9.78 13.04
CA VAL C 262 -5.24 -9.41 13.68
C VAL C 262 -5.41 -9.33 15.19
N ASP C 263 -6.59 -8.88 15.65
CA ASP C 263 -6.85 -8.84 17.08
C ASP C 263 -6.85 -10.24 17.68
N ARG C 264 -7.50 -11.19 17.00
CA ARG C 264 -7.53 -12.56 17.50
C ARG C 264 -6.14 -13.18 17.48
N LEU C 265 -5.34 -12.87 16.46
CA LEU C 265 -3.96 -13.36 16.44
C LEU C 265 -3.16 -12.79 17.61
N ARG C 266 -3.35 -11.50 17.91
CA ARG C 266 -2.64 -10.91 19.04
C ARG C 266 -3.08 -11.54 20.35
N LEU C 267 -4.38 -11.84 20.49
CA LEU C 267 -4.85 -12.54 21.67
C LEU C 267 -4.23 -13.93 21.76
N ALA C 268 -4.03 -14.60 20.62
CA ALA C 268 -3.37 -15.90 20.63
C ALA C 268 -1.93 -15.79 21.12
N LEU C 269 -1.19 -14.80 20.61
CA LEU C 269 0.17 -14.58 21.12
C LEU C 269 0.17 -14.24 22.61
N LEU C 270 -0.81 -13.46 23.06
CA LEU C 270 -0.90 -13.14 24.48
C LEU C 270 -1.13 -14.39 25.32
N GLN C 271 -2.04 -15.26 24.88
CA GLN C 271 -2.30 -16.49 25.62
C GLN C 271 -1.09 -17.41 25.61
N ALA C 272 -0.33 -17.41 24.51
CA ALA C 272 0.91 -18.16 24.47
C ALA C 272 1.93 -17.61 25.46
N GLN C 273 2.01 -16.28 25.57
CA GLN C 273 2.97 -15.66 26.47
C GLN C 273 2.58 -15.85 27.93
N LEU C 274 1.27 -15.96 28.20
CA LEU C 274 0.82 -16.13 29.58
C LEU C 274 1.24 -17.46 30.16
N ALA C 275 1.51 -18.45 29.30
CA ALA C 275 1.94 -19.78 29.75
C ALA C 275 3.45 -19.96 29.66
N GLU C 276 4.21 -18.87 29.74
CA GLU C 276 5.67 -18.89 29.65
C GLU C 276 6.15 -19.71 28.45
N PHE C 277 5.39 -19.68 27.36
CA PHE C 277 5.72 -20.39 26.13
C PHE C 277 5.55 -19.44 24.95
N PRO C 278 6.55 -18.60 24.68
CA PRO C 278 6.43 -17.64 23.58
C PRO C 278 6.29 -18.34 22.23
N ALA C 279 5.50 -17.74 21.36
CA ALA C 279 5.28 -18.27 20.02
C ALA C 279 6.35 -17.76 19.05
N THR C 280 6.50 -18.47 17.93
CA THR C 280 7.49 -18.12 16.92
C THR C 280 6.90 -18.00 15.53
N GLY C 281 5.90 -18.82 15.18
CA GLY C 281 5.33 -18.80 13.86
C GLY C 281 3.81 -18.91 13.90
N ILE C 282 3.20 -18.53 12.78
CA ILE C 282 1.76 -18.59 12.61
C ILE C 282 1.46 -19.27 11.28
N VAL C 283 0.44 -20.13 11.28
CA VAL C 283 0.04 -20.88 10.10
C VAL C 283 -1.47 -20.74 9.91
N LEU C 284 -1.88 -20.33 8.71
CA LEU C 284 -3.30 -20.15 8.43
C LEU C 284 -3.52 -20.26 6.93
N ASN C 285 -4.80 -20.39 6.56
CA ASN C 285 -5.18 -20.54 5.16
C ASN C 285 -4.84 -19.28 4.37
N PRO C 286 -4.44 -19.42 3.10
CA PRO C 286 -4.19 -18.23 2.27
C PRO C 286 -5.44 -17.39 2.04
N ALA C 287 -6.63 -17.98 2.10
CA ALA C 287 -7.85 -17.19 1.96
C ALA C 287 -7.99 -16.17 3.08
N ASP C 288 -7.66 -16.58 4.31
CA ASP C 288 -7.70 -15.64 5.43
C ASP C 288 -6.62 -14.58 5.30
N TRP C 289 -5.47 -14.95 4.75
CA TRP C 289 -4.43 -13.95 4.49
C TRP C 289 -4.91 -12.90 3.49
N ALA C 290 -5.56 -13.34 2.41
CA ALA C 290 -6.11 -12.41 1.44
C ALA C 290 -7.19 -11.53 2.07
N GLY C 291 -8.05 -12.12 2.91
CA GLY C 291 -9.05 -11.33 3.61
C GLY C 291 -8.43 -10.30 4.54
N ILE C 292 -7.28 -10.65 5.13
CA ILE C 292 -6.55 -9.70 5.97
C ILE C 292 -6.00 -8.57 5.12
N GLU C 293 -5.57 -8.88 3.89
CA GLU C 293 -5.07 -7.82 3.01
C GLU C 293 -6.15 -6.79 2.72
N LEU C 294 -7.38 -7.22 2.48
CA LEU C 294 -8.48 -6.31 2.16
C LEU C 294 -9.20 -5.83 3.42
N LEU C 295 -8.47 -5.11 4.27
CA LEU C 295 -9.04 -4.54 5.49
C LEU C 295 -9.30 -3.06 5.28
N LYS C 296 -10.49 -2.62 5.68
CA LYS C 296 -10.96 -1.28 5.39
C LYS C 296 -11.13 -0.47 6.68
N ASP C 297 -11.00 0.85 6.53
CA ASP C 297 -11.43 1.78 7.55
C ASP C 297 -12.94 1.98 7.45
N THR C 298 -13.47 2.97 8.17
CA THR C 298 -14.86 3.34 7.97
C THR C 298 -15.01 4.30 6.80
N GLN C 299 -13.95 5.04 6.45
CA GLN C 299 -13.98 5.94 5.31
C GLN C 299 -13.60 5.28 4.00
N GLY C 300 -13.18 4.01 4.03
CA GLY C 300 -12.92 3.28 2.81
C GLY C 300 -11.47 3.14 2.41
N ARG C 301 -10.53 3.45 3.30
CA ARG C 301 -9.12 3.30 2.99
C ARG C 301 -8.64 1.90 3.39
N TYR C 302 -7.34 1.67 3.30
CA TYR C 302 -6.75 0.37 3.61
C TYR C 302 -5.87 0.47 4.84
N ILE C 303 -5.91 -0.59 5.67
CA ILE C 303 -5.13 -0.64 6.89
C ILE C 303 -3.73 -1.15 6.57
N LEU C 304 -3.64 -2.38 6.06
CA LEU C 304 -2.36 -2.98 5.69
C LEU C 304 -2.17 -3.11 4.19
N GLY C 305 -3.26 -3.24 3.43
CA GLY C 305 -3.15 -3.48 2.00
C GLY C 305 -2.60 -2.27 1.24
N ASN C 306 -2.02 -2.57 0.09
CA ASN C 306 -1.46 -1.56 -0.80
C ASN C 306 -1.63 -2.01 -2.24
N PRO C 307 -2.56 -1.42 -3.00
CA PRO C 307 -2.83 -1.91 -4.36
C PRO C 307 -1.63 -1.82 -5.30
N GLN C 308 -0.66 -0.95 -5.02
CA GLN C 308 0.52 -0.79 -5.86
C GLN C 308 1.71 -1.60 -5.35
N GLY C 309 1.44 -2.62 -4.55
CA GLY C 309 2.53 -3.41 -3.98
C GLY C 309 2.00 -4.69 -3.37
N THR C 310 2.91 -5.37 -2.67
CA THR C 310 2.61 -6.63 -2.00
C THR C 310 2.78 -6.47 -0.50
N LEU C 311 2.19 -7.41 0.24
CA LEU C 311 2.24 -7.44 1.70
C LEU C 311 3.24 -8.49 2.15
N ALA C 312 4.23 -8.06 2.94
CA ALA C 312 5.21 -8.98 3.48
C ALA C 312 4.57 -9.91 4.51
N PRO C 313 5.00 -11.16 4.58
CA PRO C 313 4.40 -12.10 5.53
C PRO C 313 4.92 -11.89 6.95
N THR C 314 4.35 -10.95 7.68
CA THR C 314 4.77 -10.68 9.05
C THR C 314 3.63 -10.03 9.81
N LEU C 315 3.30 -10.60 10.97
CA LEU C 315 2.29 -10.03 11.85
C LEU C 315 2.80 -10.08 13.28
N TRP C 316 2.79 -8.93 13.95
CA TRP C 316 3.24 -8.82 15.34
C TRP C 316 4.67 -9.34 15.51
N GLY C 317 5.50 -9.13 14.50
CA GLY C 317 6.89 -9.53 14.58
C GLY C 317 7.14 -11.01 14.35
N LEU C 318 6.14 -11.76 13.91
CA LEU C 318 6.28 -13.19 13.70
C LEU C 318 6.10 -13.54 12.23
N PRO C 319 7.02 -14.32 11.67
CA PRO C 319 6.84 -14.78 10.29
C PRO C 319 5.60 -15.64 10.14
N VAL C 320 4.97 -15.53 8.97
CA VAL C 320 3.70 -16.21 8.70
C VAL C 320 3.84 -16.96 7.38
N VAL C 321 3.38 -18.21 7.36
CA VAL C 321 3.34 -19.03 6.15
C VAL C 321 1.89 -19.47 5.92
N ALA C 322 1.44 -19.36 4.68
CA ALA C 322 0.08 -19.71 4.31
C ALA C 322 0.10 -21.06 3.58
N THR C 323 -0.74 -21.97 4.02
CA THR C 323 -0.77 -23.33 3.48
C THR C 323 -2.21 -23.78 3.29
N GLN C 324 -2.46 -24.52 2.22
CA GLN C 324 -3.78 -25.06 1.96
C GLN C 324 -4.14 -26.19 2.91
N ALA C 325 -3.17 -26.69 3.69
CA ALA C 325 -3.43 -27.78 4.61
C ALA C 325 -4.38 -27.41 5.74
N MET C 326 -4.34 -26.17 6.22
CA MET C 326 -5.25 -25.71 7.25
C MET C 326 -6.62 -25.44 6.65
N ALA C 327 -7.67 -25.83 7.38
CA ALA C 327 -9.03 -25.57 6.93
C ALA C 327 -9.30 -24.07 6.94
N ALA C 328 -10.34 -23.67 6.21
CA ALA C 328 -10.67 -22.25 6.11
C ALA C 328 -11.17 -21.73 7.45
N GLY C 329 -10.42 -20.79 8.02
CA GLY C 329 -10.81 -20.18 9.28
C GLY C 329 -10.15 -20.73 10.51
N GLN C 330 -9.00 -21.39 10.39
CA GLN C 330 -8.30 -21.96 11.53
C GLN C 330 -6.86 -21.47 11.57
N PHE C 331 -6.30 -21.41 12.78
CA PHE C 331 -4.92 -21.03 12.97
C PHE C 331 -4.30 -21.91 14.05
N LEU C 332 -2.97 -22.06 13.96
CA LEU C 332 -2.18 -23.01 14.76
C LEU C 332 -0.95 -22.32 15.32
N THR C 333 -1.14 -21.18 16.00
CA THR C 333 0.01 -20.42 16.48
C THR C 333 0.81 -21.24 17.47
N GLY C 334 2.14 -21.18 17.35
CA GLY C 334 2.98 -21.93 18.26
C GLY C 334 4.44 -21.77 17.91
N ALA C 335 5.27 -22.51 18.65
CA ALA C 335 6.72 -22.56 18.44
C ALA C 335 7.03 -23.95 17.88
N PHE C 336 7.64 -23.97 16.70
CA PHE C 336 7.78 -25.23 15.95
C PHE C 336 9.17 -25.83 16.04
N ASP C 337 10.22 -25.01 15.94
CA ASP C 337 11.58 -25.55 15.90
C ASP C 337 11.93 -26.27 17.19
N ALA C 338 11.57 -25.70 18.33
CA ALA C 338 11.90 -26.28 19.63
C ALA C 338 10.70 -26.93 20.32
N GLY C 339 9.59 -27.06 19.62
CA GLY C 339 8.40 -27.65 20.22
C GLY C 339 8.11 -29.07 19.76
N ALA C 340 8.77 -29.49 18.68
CA ALA C 340 8.55 -30.82 18.12
C ALA C 340 9.74 -31.19 17.23
N GLN C 341 9.84 -32.47 16.90
CA GLN C 341 10.90 -32.96 16.05
C GLN C 341 10.38 -34.12 15.22
N VAL C 342 10.99 -34.31 14.05
CA VAL C 342 10.65 -35.40 13.14
C VAL C 342 11.89 -36.26 12.96
N PHE C 343 11.79 -37.54 13.30
CA PHE C 343 12.90 -38.46 13.20
C PHE C 343 12.66 -39.40 12.02
N ASP C 344 13.61 -39.44 11.09
CA ASP C 344 13.52 -40.32 9.93
C ASP C 344 14.35 -41.57 10.14
N ARG C 345 13.75 -42.73 9.86
CA ARG C 345 14.42 -44.01 9.96
C ARG C 345 14.75 -44.63 8.61
N TRP C 346 13.75 -44.73 7.73
CA TRP C 346 13.95 -45.21 6.37
C TRP C 346 13.86 -44.04 5.40
N ALA C 347 14.52 -44.19 4.26
CA ALA C 347 14.44 -43.20 3.20
C ALA C 347 13.15 -43.38 2.42
N ALA C 348 13.05 -42.76 1.24
CA ALA C 348 11.85 -42.87 0.43
C ALA C 348 12.14 -43.65 -0.84
N ARG C 349 12.85 -44.77 -0.70
CA ARG C 349 13.27 -45.55 -1.85
C ARG C 349 12.07 -46.17 -2.56
N VAL C 350 12.27 -46.51 -3.84
CA VAL C 350 11.23 -47.10 -4.68
C VAL C 350 11.79 -48.39 -5.27
N GLU C 351 11.00 -49.46 -5.21
CA GLU C 351 11.44 -50.76 -5.70
C GLU C 351 10.45 -51.30 -6.72
N VAL C 352 10.95 -52.12 -7.64
CA VAL C 352 10.12 -52.70 -8.69
C VAL C 352 10.24 -54.22 -8.64
N ALA C 353 9.11 -54.90 -8.82
CA ALA C 353 9.09 -56.36 -8.79
C ALA C 353 8.27 -56.88 -9.96
N THR C 354 8.82 -57.88 -10.66
CA THR C 354 8.18 -58.47 -11.83
C THR C 354 7.66 -59.88 -11.57
N GLU C 355 7.75 -60.37 -10.33
CA GLU C 355 7.31 -61.73 -10.04
C GLU C 355 6.45 -61.81 -8.79
N ASN C 356 5.95 -60.69 -8.27
CA ASN C 356 5.07 -60.71 -7.12
C ASN C 356 3.80 -61.49 -7.44
N GLN C 357 3.46 -62.45 -6.58
CA GLN C 357 2.31 -63.31 -6.79
C GLN C 357 2.34 -63.95 -8.16
N ASP C 358 1.19 -64.06 -8.81
CA ASP C 358 1.11 -64.60 -10.17
C ASP C 358 1.15 -63.49 -11.21
N ASP C 359 2.14 -62.61 -11.13
CA ASP C 359 2.30 -61.56 -12.12
C ASP C 359 3.28 -61.94 -13.23
N PHE C 360 3.88 -63.13 -13.17
CA PHE C 360 4.69 -63.60 -14.27
C PHE C 360 3.84 -64.28 -15.33
N ILE C 361 2.80 -65.00 -14.91
CA ILE C 361 1.89 -65.66 -15.84
C ILE C 361 0.73 -64.77 -16.25
N LYS C 362 0.69 -63.52 -15.79
CA LYS C 362 -0.31 -62.56 -16.19
C LYS C 362 0.28 -61.35 -16.90
N ASN C 363 1.61 -61.28 -17.01
CA ASN C 363 2.32 -60.19 -17.67
C ASN C 363 1.99 -58.85 -17.00
N MET C 364 2.38 -58.75 -15.73
CA MET C 364 2.17 -57.55 -14.93
C MET C 364 3.43 -57.25 -14.15
N VAL C 365 3.57 -56.00 -13.70
CA VAL C 365 4.69 -55.57 -12.89
C VAL C 365 4.15 -54.67 -11.78
N THR C 366 4.89 -54.58 -10.68
CA THR C 366 4.47 -53.78 -9.54
C THR C 366 5.60 -52.88 -9.06
N ILE C 367 5.23 -51.73 -8.51
CA ILE C 367 6.18 -50.75 -8.00
C ILE C 367 5.73 -50.33 -6.61
N LEU C 368 6.68 -50.28 -5.66
CA LEU C 368 6.39 -50.08 -4.25
C LEU C 368 7.23 -48.93 -3.70
N ALA C 369 6.67 -48.21 -2.72
CA ALA C 369 7.38 -47.13 -2.05
C ALA C 369 7.04 -47.12 -0.57
N GLU C 370 8.05 -46.85 0.27
CA GLU C 370 7.98 -46.91 1.73
C GLU C 370 8.75 -45.72 2.31
N GLU C 371 8.26 -45.19 3.44
CA GLU C 371 8.96 -44.07 4.09
C GLU C 371 9.39 -44.34 5.52
N ARG C 372 8.48 -44.73 6.42
CA ARG C 372 8.79 -45.06 7.82
C ARG C 372 9.45 -43.88 8.56
N LEU C 373 8.64 -42.85 8.82
CA LEU C 373 9.05 -41.70 9.63
C LEU C 373 8.52 -41.83 11.05
N ALA C 374 8.83 -40.84 11.88
CA ALA C 374 8.29 -40.77 13.25
C ALA C 374 8.30 -39.33 13.73
N LEU C 375 7.44 -39.04 14.71
CA LEU C 375 7.23 -37.69 15.22
C LEU C 375 7.26 -37.69 16.74
N ALA C 376 7.93 -36.69 17.33
CA ALA C 376 8.02 -36.56 18.78
C ALA C 376 7.77 -35.10 19.16
N VAL C 377 6.70 -34.86 19.93
CA VAL C 377 6.30 -33.52 20.33
C VAL C 377 6.68 -33.34 21.79
N TYR C 378 7.64 -32.44 22.05
CA TYR C 378 8.14 -32.26 23.41
C TYR C 378 7.13 -31.51 24.28
N ARG C 379 6.58 -30.41 23.78
CA ARG C 379 5.76 -29.49 24.58
C ARG C 379 4.38 -29.34 23.96
N PRO C 380 3.41 -30.15 24.38
CA PRO C 380 2.05 -30.03 23.82
C PRO C 380 1.32 -28.78 24.29
N GLU C 381 1.88 -28.00 25.20
CA GLU C 381 1.20 -26.83 25.75
C GLU C 381 1.61 -25.53 25.07
N SER C 382 2.58 -25.56 24.17
CA SER C 382 3.03 -24.35 23.47
C SER C 382 2.36 -24.17 22.13
N PHE C 383 1.36 -24.97 21.80
CA PHE C 383 0.62 -24.86 20.55
C PHE C 383 -0.82 -24.48 20.85
N ILE C 384 -1.27 -23.37 20.27
CA ILE C 384 -2.63 -22.88 20.43
C ILE C 384 -3.30 -22.92 19.07
N LYS C 385 -4.34 -23.73 18.95
CA LYS C 385 -5.17 -23.81 17.76
C LYS C 385 -6.50 -23.13 18.02
N GLY C 386 -7.08 -22.54 16.98
CA GLY C 386 -8.33 -21.84 17.17
C GLY C 386 -8.96 -21.43 15.87
N SER C 387 -10.19 -20.92 15.99
CA SER C 387 -10.95 -20.41 14.86
C SER C 387 -10.70 -18.92 14.70
N LEU C 388 -10.52 -18.48 13.45
CA LEU C 388 -10.25 -17.07 13.20
C LEU C 388 -11.54 -16.26 13.12
N THR C 389 -12.60 -16.86 12.56
CA THR C 389 -13.89 -16.20 12.52
C THR C 389 -14.50 -16.15 13.91
N ALA C 390 -15.29 -15.09 14.17
CA ALA C 390 -15.90 -14.93 15.48
C ALA C 390 -16.83 -16.11 15.80
N ALA C 391 -17.64 -16.53 14.84
CA ALA C 391 -18.52 -17.69 14.99
C ALA C 391 -19.43 -17.55 16.21
N ALA C 392 -19.99 -16.36 16.38
CA ALA C 392 -20.89 -16.09 17.49
C ALA C 392 -22.09 -15.26 17.03
N ALA D 107 32.36 -120.61 -21.39
CA ALA D 107 32.82 -120.25 -20.06
C ALA D 107 32.33 -118.87 -19.66
N ILE D 108 33.24 -117.89 -19.64
CA ILE D 108 32.89 -116.52 -19.26
C ILE D 108 32.18 -115.88 -20.45
N THR D 109 30.85 -115.83 -20.40
CA THR D 109 30.04 -115.29 -21.47
C THR D 109 29.41 -113.97 -20.99
N SER D 110 28.64 -113.35 -21.88
CA SER D 110 27.94 -112.11 -21.56
C SER D 110 26.50 -112.40 -21.14
N LEU D 111 26.38 -112.91 -19.91
CA LEU D 111 25.09 -113.24 -19.33
C LEU D 111 24.90 -112.43 -18.04
N THR D 112 23.75 -112.62 -17.40
CA THR D 112 23.42 -111.91 -16.16
C THR D 112 22.95 -112.81 -15.04
N THR D 113 22.64 -114.08 -15.30
CA THR D 113 22.12 -114.96 -14.27
C THR D 113 23.19 -115.28 -13.24
N ASN D 114 22.75 -115.79 -12.09
CA ASN D 114 23.66 -116.13 -11.00
C ASN D 114 24.18 -117.55 -11.15
N ALA D 115 24.96 -117.80 -12.20
CA ALA D 115 25.56 -119.09 -12.45
C ALA D 115 27.05 -118.93 -12.68
N ASP D 116 27.71 -120.01 -13.10
CA ASP D 116 29.13 -119.93 -13.42
C ASP D 116 29.36 -119.04 -14.63
N GLY D 117 30.51 -118.39 -14.67
CA GLY D 117 30.74 -117.42 -15.72
C GLY D 117 29.80 -116.24 -15.57
N SER D 118 29.15 -115.88 -16.68
CA SER D 118 28.14 -114.82 -16.69
C SER D 118 28.70 -113.51 -16.15
N ALA D 119 29.71 -112.99 -16.83
CA ALA D 119 30.34 -111.72 -16.50
C ALA D 119 29.86 -110.60 -17.40
N GLY D 120 28.58 -110.62 -17.79
CA GLY D 120 28.04 -109.62 -18.68
C GLY D 120 27.50 -108.40 -17.97
N ALA D 121 27.74 -108.31 -16.66
CA ALA D 121 27.29 -107.19 -15.85
C ALA D 121 28.37 -106.12 -15.73
N THR D 122 29.33 -106.12 -16.66
CA THR D 122 30.43 -105.16 -16.69
C THR D 122 30.50 -104.49 -18.06
N VAL D 123 29.35 -104.29 -18.70
CA VAL D 123 29.29 -103.87 -20.09
C VAL D 123 29.15 -102.35 -20.22
N GLN D 124 28.39 -101.71 -19.33
CA GLN D 124 28.15 -100.26 -19.37
C GLN D 124 27.53 -99.87 -20.72
N THR D 125 26.27 -100.31 -20.87
CA THR D 125 25.50 -100.01 -22.07
C THR D 125 25.52 -98.52 -22.38
N THR D 126 25.76 -98.19 -23.64
CA THR D 126 25.96 -96.81 -24.06
C THR D 126 24.63 -96.16 -24.43
N ARG D 127 24.55 -94.85 -24.23
CA ARG D 127 23.36 -94.08 -24.60
C ARG D 127 23.69 -93.18 -25.78
N LEU D 128 22.81 -93.19 -26.78
CA LEU D 128 23.04 -92.40 -27.98
C LEU D 128 22.75 -90.93 -27.68
N PRO D 129 23.69 -90.02 -27.97
CA PRO D 129 23.46 -88.61 -27.63
C PRO D 129 22.31 -88.01 -28.42
N GLY D 130 21.62 -87.06 -27.79
CA GLY D 130 20.48 -86.42 -28.40
C GLY D 130 19.17 -87.12 -28.05
N ILE D 131 18.07 -86.44 -28.39
CA ILE D 131 16.73 -86.94 -28.11
C ILE D 131 15.96 -87.00 -29.42
N ARG D 132 15.57 -88.20 -29.83
CA ARG D 132 14.71 -88.36 -30.99
C ARG D 132 13.34 -87.77 -30.69
N GLU D 133 12.77 -87.08 -31.68
CA GLU D 133 11.58 -86.27 -31.44
C GLU D 133 10.51 -86.57 -32.48
N LEU D 134 9.31 -86.07 -32.19
CA LEU D 134 8.17 -86.23 -33.09
C LEU D 134 8.38 -85.41 -34.36
N PRO D 135 7.67 -85.75 -35.44
CA PRO D 135 7.74 -84.94 -36.65
C PRO D 135 6.74 -83.80 -36.62
N GLN D 136 7.10 -82.72 -37.32
CA GLN D 136 6.30 -81.50 -37.33
C GLN D 136 6.16 -81.00 -38.76
N ARG D 137 5.16 -80.12 -38.95
CA ARG D 137 4.83 -79.59 -40.27
C ARG D 137 5.94 -78.65 -40.75
N ARG D 138 5.75 -78.14 -41.97
CA ARG D 138 6.81 -77.41 -42.66
C ARG D 138 6.72 -75.90 -42.53
N MET D 139 5.67 -75.37 -41.91
CA MET D 139 5.54 -73.93 -41.62
C MET D 139 5.63 -73.10 -42.90
N THR D 140 4.63 -73.30 -43.75
CA THR D 140 4.64 -72.72 -45.10
C THR D 140 4.01 -71.33 -45.18
N ILE D 141 2.97 -71.06 -44.40
CA ILE D 141 2.12 -69.89 -44.64
C ILE D 141 2.90 -68.59 -44.44
N ARG D 142 3.69 -68.50 -43.37
CA ARG D 142 4.33 -67.22 -43.04
C ARG D 142 5.34 -66.80 -44.11
N SER D 143 5.94 -67.75 -44.82
CA SER D 143 6.95 -67.39 -45.81
C SER D 143 6.34 -66.73 -47.04
N LEU D 144 5.02 -66.88 -47.25
CA LEU D 144 4.39 -66.32 -48.43
C LEU D 144 4.23 -64.82 -48.30
N LEU D 145 3.79 -64.34 -47.14
CA LEU D 145 3.42 -62.94 -46.98
C LEU D 145 4.65 -62.06 -46.81
N ALA D 146 4.44 -60.75 -46.93
CA ALA D 146 5.54 -59.81 -46.72
C ALA D 146 5.84 -59.67 -45.23
N GLN D 147 7.04 -59.18 -44.93
CA GLN D 147 7.51 -59.06 -43.56
C GLN D 147 7.75 -57.58 -43.21
N GLY D 148 7.55 -57.25 -41.94
CA GLY D 148 7.82 -55.90 -41.50
C GLY D 148 7.88 -55.80 -39.99
N THR D 149 8.30 -54.62 -39.53
CA THR D 149 8.42 -54.32 -38.11
C THR D 149 7.53 -53.14 -37.76
N MET D 150 6.95 -53.18 -36.56
CA MET D 150 5.99 -52.18 -36.12
C MET D 150 6.31 -51.75 -34.70
N GLU D 151 6.07 -50.47 -34.42
CA GLU D 151 6.24 -49.90 -33.10
C GLU D 151 4.90 -49.40 -32.59
N GLY D 152 4.56 -49.78 -31.36
CA GLY D 152 3.29 -49.38 -30.77
C GLY D 152 2.33 -50.55 -30.61
N ASN D 153 1.05 -50.28 -30.72
CA ASN D 153 0.04 -51.32 -30.61
C ASN D 153 -0.87 -51.38 -31.82
N THR D 154 -1.15 -50.24 -32.46
CA THR D 154 -1.97 -50.18 -33.66
C THR D 154 -1.22 -49.42 -34.74
N LEU D 155 -1.48 -49.76 -36.00
CA LEU D 155 -0.86 -49.08 -37.13
C LEU D 155 -1.93 -48.70 -38.14
N GLU D 156 -1.72 -47.57 -38.81
CA GLU D 156 -2.65 -47.06 -39.79
C GLU D 156 -1.95 -46.88 -41.13
N TYR D 157 -2.73 -46.97 -42.22
CA TYR D 157 -2.18 -46.76 -43.54
C TYR D 157 -3.25 -46.21 -44.47
N VAL D 158 -2.78 -45.53 -45.51
CA VAL D 158 -3.62 -44.81 -46.46
C VAL D 158 -3.78 -45.64 -47.72
N ARG D 159 -5.02 -45.75 -48.20
CA ARG D 159 -5.36 -46.55 -49.36
C ARG D 159 -6.03 -45.67 -50.40
N GLU D 160 -5.58 -45.77 -51.64
CA GLU D 160 -6.20 -45.06 -52.75
C GLU D 160 -7.39 -45.86 -53.25
N THR D 161 -8.54 -45.20 -53.43
CA THR D 161 -9.79 -45.88 -53.74
C THR D 161 -10.50 -45.24 -54.93
N GLY D 162 -9.75 -44.71 -55.88
CA GLY D 162 -10.35 -44.12 -57.06
C GLY D 162 -9.38 -43.32 -57.89
N PHE D 163 -9.62 -43.31 -59.20
CA PHE D 163 -8.83 -42.52 -60.15
C PHE D 163 -9.64 -42.41 -61.43
N THR D 164 -9.93 -41.17 -61.85
CA THR D 164 -10.79 -40.98 -63.01
C THR D 164 -10.03 -41.18 -64.32
N ASN D 165 -8.88 -40.51 -64.47
CA ASN D 165 -8.03 -40.62 -65.66
C ASN D 165 -8.81 -40.27 -66.92
N ALA D 166 -9.22 -39.01 -66.99
CA ALA D 166 -9.99 -38.48 -68.10
C ALA D 166 -9.10 -38.02 -69.26
N ALA D 167 -7.89 -38.55 -69.37
CA ALA D 167 -7.00 -38.16 -70.47
C ALA D 167 -7.60 -38.54 -71.81
N ALA D 168 -7.42 -37.66 -72.79
CA ALA D 168 -7.98 -37.85 -74.12
C ALA D 168 -7.19 -36.97 -75.09
N PRO D 169 -7.20 -37.30 -76.38
CA PRO D 169 -6.57 -36.41 -77.36
C PRO D 169 -7.28 -35.06 -77.43
N VAL D 170 -6.50 -34.02 -77.72
CA VAL D 170 -6.99 -32.66 -77.73
C VAL D 170 -6.66 -32.02 -79.06
N ALA D 171 -7.47 -31.02 -79.45
CA ALA D 171 -7.31 -30.32 -80.71
C ALA D 171 -6.20 -29.28 -80.58
N GLU D 172 -6.10 -28.40 -81.58
CA GLU D 172 -5.04 -27.40 -81.59
C GLU D 172 -5.26 -26.34 -80.52
N GLY D 173 -6.50 -25.85 -80.39
CA GLY D 173 -6.78 -24.77 -79.46
C GLY D 173 -7.92 -25.07 -78.51
N ALA D 174 -8.12 -26.35 -78.20
CA ALA D 174 -9.18 -26.75 -77.28
C ALA D 174 -8.64 -26.85 -75.86
N GLN D 175 -9.54 -26.96 -74.89
CA GLN D 175 -9.18 -27.02 -73.48
C GLN D 175 -8.67 -28.42 -73.13
N LYS D 176 -8.25 -28.61 -71.89
CA LYS D 176 -7.77 -29.89 -71.39
C LYS D 176 -8.66 -30.37 -70.27
N PRO D 177 -8.84 -31.69 -70.12
CA PRO D 177 -9.67 -32.21 -69.03
C PRO D 177 -8.90 -32.39 -67.72
N GLU D 178 -9.63 -32.46 -66.61
CA GLU D 178 -9.05 -32.68 -65.29
C GLU D 178 -9.45 -34.06 -64.77
N SER D 179 -8.65 -34.59 -63.85
CA SER D 179 -8.79 -35.99 -63.43
C SER D 179 -9.24 -36.16 -61.99
N SER D 180 -8.51 -35.59 -61.02
CA SER D 180 -8.81 -35.71 -59.59
C SER D 180 -8.62 -37.13 -59.05
N LEU D 181 -8.58 -37.27 -57.73
CA LEU D 181 -8.33 -38.55 -57.06
C LEU D 181 -9.18 -38.61 -55.80
N LYS D 182 -8.92 -39.61 -54.95
CA LYS D 182 -9.50 -39.70 -53.61
C LYS D 182 -8.82 -40.84 -52.86
N PHE D 183 -8.77 -40.71 -51.53
CA PHE D 183 -8.06 -41.63 -50.66
C PHE D 183 -8.92 -41.94 -49.43
N ASP D 184 -8.42 -42.85 -48.60
CA ASP D 184 -8.99 -43.10 -47.27
C ASP D 184 -7.90 -43.70 -46.39
N LEU D 185 -8.25 -43.93 -45.12
CA LEU D 185 -7.29 -44.42 -44.13
C LEU D 185 -7.92 -45.53 -43.31
N VAL D 186 -7.14 -46.58 -43.02
CA VAL D 186 -7.63 -47.69 -42.21
C VAL D 186 -6.56 -48.11 -41.20
N GLN D 187 -7.01 -48.76 -40.13
CA GLN D 187 -6.18 -49.09 -38.98
C GLN D 187 -6.28 -50.57 -38.65
N THR D 188 -5.25 -51.07 -37.96
CA THR D 188 -5.17 -52.46 -37.54
C THR D 188 -4.48 -52.51 -36.18
N SER D 189 -4.81 -53.54 -35.40
CA SER D 189 -4.27 -53.72 -34.06
C SER D 189 -3.33 -54.92 -34.01
N ALA D 190 -2.77 -55.17 -32.82
CA ALA D 190 -1.83 -56.25 -32.61
C ALA D 190 -2.35 -57.23 -31.56
N LYS D 191 -1.93 -58.49 -31.68
CA LYS D 191 -2.37 -59.54 -30.78
C LYS D 191 -1.17 -60.23 -30.14
N VAL D 192 -1.45 -60.93 -29.03
CA VAL D 192 -0.43 -61.56 -28.20
C VAL D 192 -0.72 -63.06 -28.14
N ILE D 193 0.32 -63.86 -28.32
CA ILE D 193 0.24 -65.32 -28.20
C ILE D 193 1.34 -65.78 -27.26
N ALA D 194 0.98 -66.57 -26.24
CA ALA D 194 1.94 -66.95 -25.23
C ALA D 194 1.50 -68.23 -24.54
N HIS D 195 2.48 -68.95 -23.99
CA HIS D 195 2.23 -70.12 -23.16
C HIS D 195 3.49 -70.43 -22.35
N TRP D 196 3.31 -71.23 -21.31
CA TRP D 196 4.37 -71.49 -20.34
C TRP D 196 4.30 -72.92 -19.84
N MET D 197 5.40 -73.38 -19.26
CA MET D 197 5.41 -74.67 -18.57
C MET D 197 6.36 -74.60 -17.38
N LYS D 198 6.08 -75.39 -16.36
CA LYS D 198 6.87 -75.42 -15.14
C LYS D 198 7.48 -76.80 -14.93
N ALA D 199 8.71 -76.80 -14.46
CA ALA D 199 9.46 -78.02 -14.18
C ALA D 199 10.00 -77.96 -12.76
N SER D 200 10.59 -79.07 -12.32
CA SER D 200 11.25 -79.15 -11.03
C SER D 200 12.74 -78.97 -11.23
N ARG D 201 13.35 -78.13 -10.39
CA ARG D 201 14.75 -77.76 -10.55
C ARG D 201 15.72 -78.91 -10.28
N GLN D 202 15.20 -80.10 -9.98
CA GLN D 202 16.05 -81.28 -9.87
C GLN D 202 16.22 -81.98 -11.22
N ILE D 203 15.15 -82.07 -12.00
CA ILE D 203 15.22 -82.76 -13.28
C ILE D 203 16.12 -82.02 -14.26
N LEU D 204 15.92 -80.71 -14.39
CA LEU D 204 16.68 -79.91 -15.34
C LEU D 204 18.06 -79.53 -14.84
N SER D 205 18.46 -80.05 -13.69
CA SER D 205 19.84 -79.95 -13.22
C SER D 205 20.64 -81.22 -13.51
N ASP D 206 19.97 -82.36 -13.65
CA ASP D 206 20.61 -83.62 -14.01
C ASP D 206 20.95 -83.70 -15.49
N SER D 207 20.12 -83.14 -16.37
CA SER D 207 20.32 -83.20 -17.82
C SER D 207 20.24 -81.78 -18.37
N ALA D 208 21.33 -81.33 -18.98
CA ALA D 208 21.39 -79.95 -19.50
C ALA D 208 20.51 -79.79 -20.73
N GLN D 209 20.47 -80.78 -21.61
CA GLN D 209 19.79 -80.66 -22.89
C GLN D 209 18.28 -80.50 -22.76
N LEU D 210 17.70 -80.86 -21.61
CA LEU D 210 16.24 -80.79 -21.46
C LEU D 210 15.76 -79.35 -21.50
N GLN D 211 16.55 -78.42 -20.96
CA GLN D 211 16.16 -77.01 -20.99
C GLN D 211 16.09 -76.49 -22.43
N SER D 212 17.11 -76.81 -23.23
CA SER D 212 17.12 -76.39 -24.62
C SER D 212 15.97 -77.05 -25.39
N PHE D 213 15.69 -78.31 -25.09
CA PHE D 213 14.57 -79.00 -25.72
C PHE D 213 13.25 -78.31 -25.39
N ILE D 214 13.09 -77.90 -24.13
CA ILE D 214 11.88 -77.21 -23.70
C ILE D 214 11.73 -75.89 -24.44
N ASN D 215 12.83 -75.14 -24.55
CA ASN D 215 12.80 -73.87 -25.27
C ASN D 215 12.39 -74.07 -26.73
N ALA D 216 13.00 -75.07 -27.38
CA ALA D 216 12.68 -75.33 -28.79
C ALA D 216 11.22 -75.73 -28.96
N ARG D 217 10.71 -76.57 -28.05
CA ARG D 217 9.32 -76.99 -28.12
C ARG D 217 8.37 -75.80 -27.96
N LEU D 218 8.69 -74.90 -27.02
CA LEU D 218 7.86 -73.72 -26.81
C LEU D 218 7.83 -72.85 -28.07
N LEU D 219 9.00 -72.64 -28.68
CA LEU D 219 9.05 -71.82 -29.89
C LEU D 219 8.28 -72.48 -31.04
N ARG D 220 8.39 -73.80 -31.17
CA ARG D 220 7.65 -74.48 -32.24
C ARG D 220 6.14 -74.38 -32.02
N GLY D 221 5.69 -74.53 -30.78
CA GLY D 221 4.27 -74.35 -30.50
C GLY D 221 3.80 -72.95 -30.85
N LEU D 222 4.61 -71.94 -30.52
CA LEU D 222 4.28 -70.58 -30.93
C LEU D 222 4.17 -70.43 -32.44
N GLU D 223 5.10 -71.04 -33.19
CA GLU D 223 5.04 -70.95 -34.65
C GLU D 223 3.78 -71.61 -35.20
N VAL D 224 3.43 -72.78 -34.66
CA VAL D 224 2.25 -73.50 -35.16
C VAL D 224 0.98 -72.70 -34.89
N VAL D 225 0.85 -72.15 -33.67
CA VAL D 225 -0.34 -71.38 -33.35
C VAL D 225 -0.39 -70.11 -34.18
N GLU D 226 0.77 -69.50 -34.42
CA GLU D 226 0.84 -68.31 -35.26
C GLU D 226 0.35 -68.59 -36.67
N GLU D 227 0.80 -69.70 -37.27
CA GLU D 227 0.34 -70.04 -38.61
C GLU D 227 -1.16 -70.32 -38.63
N ASN D 228 -1.65 -71.08 -37.64
CA ASN D 228 -3.07 -71.39 -37.61
C ASN D 228 -3.93 -70.15 -37.45
N GLN D 229 -3.48 -69.16 -36.69
CA GLN D 229 -4.20 -67.89 -36.57
C GLN D 229 -4.08 -67.03 -37.82
N LEU D 230 -2.94 -67.08 -38.52
CA LEU D 230 -2.78 -66.29 -39.72
C LEU D 230 -3.65 -66.79 -40.86
N LEU D 231 -3.76 -68.12 -41.03
CA LEU D 231 -4.53 -68.64 -42.16
C LEU D 231 -6.02 -68.33 -42.03
N ASN D 232 -6.59 -68.50 -40.84
CA ASN D 232 -8.03 -68.28 -40.67
C ASN D 232 -8.31 -67.92 -39.22
N GLY D 233 -8.66 -66.66 -38.98
CA GLY D 233 -9.06 -66.22 -37.66
C GLY D 233 -10.41 -65.52 -37.71
N ASN D 234 -11.19 -65.73 -36.66
CA ASN D 234 -12.53 -65.14 -36.61
C ASN D 234 -12.46 -63.63 -36.59
N GLY D 235 -11.52 -63.07 -35.84
CA GLY D 235 -11.42 -61.64 -35.64
C GLY D 235 -12.11 -61.15 -34.38
N THR D 236 -13.03 -61.93 -33.84
CA THR D 236 -13.70 -61.59 -32.58
C THR D 236 -12.78 -61.92 -31.41
N GLY D 237 -13.10 -61.32 -30.27
CA GLY D 237 -12.26 -61.52 -29.09
C GLY D 237 -10.86 -60.99 -29.34
N GLN D 238 -9.88 -61.86 -29.16
CA GLN D 238 -8.47 -61.51 -29.39
C GLN D 238 -7.88 -62.24 -30.58
N ASN D 239 -8.71 -62.90 -31.39
CA ASN D 239 -8.21 -63.58 -32.57
C ASN D 239 -7.83 -62.57 -33.65
N LEU D 240 -6.90 -62.97 -34.51
CA LEU D 240 -6.57 -62.16 -35.67
C LEU D 240 -7.64 -62.30 -36.74
N LEU D 241 -7.51 -61.51 -37.79
CA LEU D 241 -8.40 -61.57 -38.95
C LEU D 241 -7.58 -62.12 -40.12
N GLY D 242 -7.77 -63.40 -40.42
CA GLY D 242 -6.93 -64.08 -41.38
C GLY D 242 -7.28 -63.75 -42.82
N LEU D 243 -6.55 -64.39 -43.73
CA LEU D 243 -6.76 -64.18 -45.15
C LEU D 243 -8.04 -64.84 -45.63
N LEU D 244 -8.33 -66.03 -45.11
CA LEU D 244 -9.51 -66.79 -45.58
C LEU D 244 -10.83 -66.09 -45.28
N PRO D 245 -11.09 -65.55 -44.08
CA PRO D 245 -12.40 -64.91 -43.85
C PRO D 245 -12.56 -63.58 -44.55
N GLN D 246 -11.50 -63.08 -45.16
CA GLN D 246 -11.54 -61.81 -45.89
C GLN D 246 -11.54 -61.97 -47.39
N ALA D 247 -11.20 -63.15 -47.91
CA ALA D 247 -11.14 -63.35 -49.35
C ALA D 247 -12.52 -63.27 -49.97
N THR D 248 -12.57 -62.78 -51.21
CA THR D 248 -13.84 -62.66 -51.92
C THR D 248 -14.31 -64.04 -52.41
N ALA D 249 -15.61 -64.13 -52.67
CA ALA D 249 -16.19 -65.37 -53.14
C ALA D 249 -15.79 -65.64 -54.59
N PHE D 250 -16.05 -66.86 -55.03
CA PHE D 250 -15.66 -67.31 -56.36
C PHE D 250 -16.88 -67.30 -57.29
N ALA D 251 -16.74 -66.62 -58.42
CA ALA D 251 -17.76 -66.59 -59.46
C ALA D 251 -17.10 -66.84 -60.81
N ALA D 252 -17.68 -67.77 -61.57
CA ALA D 252 -17.08 -68.20 -62.82
C ALA D 252 -17.35 -67.16 -63.91
N PRO D 253 -16.33 -66.58 -64.53
CA PRO D 253 -16.57 -65.65 -65.64
C PRO D 253 -16.94 -66.33 -66.94
N ILE D 254 -16.58 -67.60 -67.11
CA ILE D 254 -16.85 -68.35 -68.34
C ILE D 254 -17.54 -69.66 -67.97
N THR D 255 -18.56 -70.02 -68.74
CA THR D 255 -19.29 -71.26 -68.48
C THR D 255 -18.56 -72.44 -69.10
N VAL D 256 -18.63 -73.59 -68.41
CA VAL D 256 -18.00 -74.82 -68.86
C VAL D 256 -18.99 -75.97 -68.70
N ALA D 257 -18.68 -77.08 -69.36
CA ALA D 257 -19.62 -78.20 -69.43
C ALA D 257 -19.68 -78.97 -68.11
N ASN D 258 -18.56 -79.53 -67.68
CA ASN D 258 -18.54 -80.40 -66.50
C ASN D 258 -17.93 -79.76 -65.26
N ALA D 259 -16.98 -78.84 -65.43
CA ALA D 259 -16.44 -78.03 -64.33
C ALA D 259 -15.84 -78.92 -63.23
N THR D 260 -14.78 -79.63 -63.61
CA THR D 260 -14.00 -80.38 -62.62
C THR D 260 -13.20 -79.41 -61.75
N ALA D 261 -12.39 -79.97 -60.85
CA ALA D 261 -11.61 -79.14 -59.95
C ALA D 261 -10.59 -78.30 -60.71
N VAL D 262 -9.95 -78.88 -61.73
CA VAL D 262 -8.96 -78.15 -62.52
C VAL D 262 -9.62 -77.00 -63.26
N ASP D 263 -10.80 -77.24 -63.84
CA ASP D 263 -11.53 -76.19 -64.54
C ASP D 263 -11.90 -75.05 -63.59
N ARG D 264 -12.37 -75.40 -62.39
CA ARG D 264 -12.72 -74.37 -61.42
C ARG D 264 -11.50 -73.57 -60.97
N LEU D 265 -10.37 -74.23 -60.77
CA LEU D 265 -9.15 -73.50 -60.41
C LEU D 265 -8.73 -72.56 -61.53
N ARG D 266 -8.79 -73.03 -62.78
CA ARG D 266 -8.42 -72.17 -63.90
C ARG D 266 -9.35 -70.97 -64.01
N LEU D 267 -10.66 -71.19 -63.79
CA LEU D 267 -11.60 -70.08 -63.80
C LEU D 267 -11.32 -69.10 -62.65
N ALA D 268 -10.90 -69.61 -61.50
CA ALA D 268 -10.53 -68.72 -60.40
C ALA D 268 -9.33 -67.85 -60.75
N LEU D 269 -8.30 -68.44 -61.36
CA LEU D 269 -7.16 -67.64 -61.81
C LEU D 269 -7.58 -66.62 -62.87
N LEU D 270 -8.47 -67.00 -63.78
CA LEU D 270 -8.94 -66.05 -64.78
C LEU D 270 -9.68 -64.88 -64.12
N GLN D 271 -10.53 -65.17 -63.14
CA GLN D 271 -11.25 -64.11 -62.44
C GLN D 271 -10.30 -63.20 -61.69
N ALA D 272 -9.27 -63.77 -61.06
CA ALA D 272 -8.28 -62.94 -60.37
C ALA D 272 -7.52 -62.07 -61.35
N GLN D 273 -7.19 -62.61 -62.53
CA GLN D 273 -6.47 -61.83 -63.54
C GLN D 273 -7.33 -60.73 -64.12
N LEU D 274 -8.64 -60.93 -64.23
CA LEU D 274 -9.52 -59.93 -64.82
C LEU D 274 -9.63 -58.66 -64.00
N ALA D 275 -8.94 -58.57 -62.86
CA ALA D 275 -8.94 -57.37 -62.03
C ALA D 275 -7.55 -56.80 -61.83
N GLU D 276 -6.61 -57.14 -62.71
CA GLU D 276 -5.22 -56.68 -62.65
C GLU D 276 -4.54 -57.07 -61.34
N PHE D 277 -4.89 -58.24 -60.80
CA PHE D 277 -4.17 -58.86 -59.68
C PHE D 277 -3.83 -60.28 -60.07
N PRO D 278 -2.69 -60.51 -60.73
CA PRO D 278 -2.30 -61.88 -61.07
C PRO D 278 -2.06 -62.71 -59.82
N ALA D 279 -2.37 -63.99 -59.92
CA ALA D 279 -2.20 -64.91 -58.81
C ALA D 279 -0.76 -65.41 -58.74
N THR D 280 -0.33 -65.79 -57.55
CA THR D 280 1.02 -66.27 -57.33
C THR D 280 1.10 -67.63 -56.66
N GLY D 281 -0.04 -68.24 -56.33
CA GLY D 281 -0.01 -69.56 -55.73
C GLY D 281 -1.41 -70.02 -55.35
N ILE D 282 -1.50 -71.31 -55.06
CA ILE D 282 -2.75 -71.94 -54.63
C ILE D 282 -2.47 -72.69 -53.34
N VAL D 283 -3.35 -72.54 -52.36
CA VAL D 283 -3.27 -73.24 -51.09
C VAL D 283 -4.50 -74.13 -50.97
N LEU D 284 -4.28 -75.42 -50.74
CA LEU D 284 -5.36 -76.39 -50.62
C LEU D 284 -4.85 -77.60 -49.84
N ASN D 285 -5.79 -78.40 -49.36
CA ASN D 285 -5.47 -79.54 -48.50
C ASN D 285 -4.66 -80.58 -49.26
N PRO D 286 -3.75 -81.29 -48.59
CA PRO D 286 -3.03 -82.38 -49.26
C PRO D 286 -3.94 -83.48 -49.79
N ALA D 287 -5.03 -83.77 -49.08
CA ALA D 287 -5.98 -84.76 -49.57
C ALA D 287 -6.62 -84.32 -50.88
N ASP D 288 -6.97 -83.03 -50.97
CA ASP D 288 -7.53 -82.49 -52.20
C ASP D 288 -6.52 -82.54 -53.34
N TRP D 289 -5.25 -82.25 -53.05
CA TRP D 289 -4.23 -82.34 -54.08
C TRP D 289 -4.05 -83.77 -54.56
N ALA D 290 -4.06 -84.73 -53.65
CA ALA D 290 -3.96 -86.13 -54.03
C ALA D 290 -5.16 -86.57 -54.86
N GLY D 291 -6.36 -86.11 -54.49
CA GLY D 291 -7.53 -86.43 -55.28
C GLY D 291 -7.49 -85.82 -56.67
N ILE D 292 -6.93 -84.61 -56.77
CA ILE D 292 -6.77 -83.98 -58.08
C ILE D 292 -5.78 -84.75 -58.94
N GLU D 293 -4.67 -85.18 -58.35
CA GLU D 293 -3.67 -85.93 -59.11
C GLU D 293 -4.19 -87.27 -59.60
N LEU D 294 -5.15 -87.87 -58.91
CA LEU D 294 -5.67 -89.17 -59.28
C LEU D 294 -6.90 -89.09 -60.18
N LEU D 295 -7.09 -87.97 -60.88
CA LEU D 295 -8.19 -87.87 -61.83
C LEU D 295 -7.97 -88.81 -62.99
N LYS D 296 -9.03 -89.50 -63.38
CA LYS D 296 -8.96 -90.52 -64.43
C LYS D 296 -9.75 -90.08 -65.65
N ASP D 297 -9.19 -90.39 -66.82
CA ASP D 297 -9.84 -90.14 -68.09
C ASP D 297 -10.98 -91.14 -68.29
N THR D 298 -11.68 -91.01 -69.42
CA THR D 298 -12.73 -91.96 -69.75
C THR D 298 -12.15 -93.32 -70.13
N GLN D 299 -10.98 -93.33 -70.77
CA GLN D 299 -10.34 -94.56 -71.20
C GLN D 299 -9.36 -95.11 -70.18
N GLY D 300 -9.06 -94.38 -69.11
CA GLY D 300 -8.23 -94.88 -68.04
C GLY D 300 -6.91 -94.16 -67.82
N ARG D 301 -6.64 -93.07 -68.54
CA ARG D 301 -5.40 -92.33 -68.36
C ARG D 301 -5.59 -91.21 -67.36
N TYR D 302 -4.51 -90.50 -67.05
CA TYR D 302 -4.52 -89.41 -66.08
C TYR D 302 -4.67 -88.07 -66.78
N ILE D 303 -5.46 -87.19 -66.17
CA ILE D 303 -5.70 -85.86 -66.70
C ILE D 303 -4.44 -85.00 -66.64
N LEU D 304 -3.76 -85.00 -65.49
CA LEU D 304 -2.56 -84.19 -65.30
C LEU D 304 -1.32 -84.96 -65.74
N GLY D 305 -1.16 -85.04 -67.06
CA GLY D 305 0.03 -85.64 -67.63
C GLY D 305 0.19 -87.10 -67.22
N ASN D 306 1.37 -87.43 -66.73
CA ASN D 306 1.74 -88.78 -66.33
C ASN D 306 2.39 -88.76 -64.96
N PRO D 307 2.38 -89.87 -64.24
CA PRO D 307 3.05 -89.94 -62.94
C PRO D 307 4.56 -90.07 -63.01
N GLN D 308 5.16 -89.97 -64.20
CA GLN D 308 6.61 -90.09 -64.34
C GLN D 308 7.34 -88.77 -64.17
N GLY D 309 6.61 -87.66 -64.08
CA GLY D 309 7.24 -86.36 -63.96
C GLY D 309 7.84 -86.09 -62.60
N THR D 310 9.17 -85.90 -62.56
CA THR D 310 9.88 -85.63 -61.31
C THR D 310 10.09 -84.12 -61.15
N LEU D 311 9.01 -83.44 -60.78
CA LEU D 311 9.01 -82.00 -60.59
C LEU D 311 8.30 -81.66 -59.28
N ALA D 312 8.57 -80.45 -58.80
CA ALA D 312 7.86 -79.94 -57.63
C ALA D 312 6.39 -79.72 -57.98
N PRO D 313 5.49 -79.77 -57.00
CA PRO D 313 4.06 -79.59 -57.29
C PRO D 313 3.80 -78.26 -57.99
N THR D 314 2.98 -78.31 -59.03
CA THR D 314 2.71 -77.15 -59.88
C THR D 314 1.44 -77.39 -60.67
N LEU D 315 0.57 -76.39 -60.70
CA LEU D 315 -0.67 -76.46 -61.47
C LEU D 315 -0.87 -75.15 -62.21
N TRP D 316 -1.12 -75.24 -63.52
CA TRP D 316 -1.37 -74.07 -64.36
C TRP D 316 -0.21 -73.07 -64.30
N GLY D 317 1.00 -73.57 -64.11
CA GLY D 317 2.16 -72.71 -64.02
C GLY D 317 2.32 -72.01 -62.68
N LEU D 318 1.52 -72.36 -61.69
CA LEU D 318 1.56 -71.74 -60.38
C LEU D 318 1.86 -72.79 -59.33
N PRO D 319 2.83 -72.54 -58.45
CA PRO D 319 3.19 -73.52 -57.43
C PRO D 319 2.11 -73.62 -56.36
N VAL D 320 1.68 -74.84 -56.07
CA VAL D 320 0.65 -75.08 -55.07
C VAL D 320 1.31 -75.38 -53.73
N VAL D 321 0.58 -75.10 -52.66
CA VAL D 321 1.04 -75.35 -51.30
C VAL D 321 0.09 -76.36 -50.68
N ALA D 322 0.64 -77.47 -50.20
CA ALA D 322 -0.14 -78.54 -49.59
C ALA D 322 0.12 -78.51 -48.09
N THR D 323 -0.77 -77.85 -47.35
CA THR D 323 -0.67 -77.75 -45.90
C THR D 323 -1.94 -78.25 -45.24
N GLN D 324 -1.79 -78.85 -44.06
CA GLN D 324 -2.93 -79.39 -43.33
C GLN D 324 -3.71 -78.31 -42.59
N ALA D 325 -3.20 -77.08 -42.52
CA ALA D 325 -3.88 -76.03 -41.78
C ALA D 325 -5.24 -75.71 -42.40
N MET D 326 -5.32 -75.67 -43.73
CA MET D 326 -6.57 -75.37 -44.39
C MET D 326 -7.50 -76.58 -44.35
N ALA D 327 -8.79 -76.32 -44.17
CA ALA D 327 -9.78 -77.40 -44.14
C ALA D 327 -9.89 -78.06 -45.50
N ALA D 328 -10.24 -79.34 -45.48
CA ALA D 328 -10.38 -80.11 -46.71
C ALA D 328 -11.63 -79.66 -47.47
N GLY D 329 -11.49 -79.58 -48.79
CA GLY D 329 -12.60 -79.20 -49.65
C GLY D 329 -12.65 -77.73 -50.04
N GLN D 330 -11.60 -76.96 -49.78
CA GLN D 330 -11.58 -75.56 -50.13
C GLN D 330 -10.19 -75.19 -50.65
N PHE D 331 -10.14 -74.11 -51.42
CA PHE D 331 -8.89 -73.62 -51.99
C PHE D 331 -8.85 -72.10 -51.88
N LEU D 332 -7.63 -71.57 -51.78
CA LEU D 332 -7.40 -70.14 -51.71
C LEU D 332 -6.28 -69.75 -52.67
N THR D 333 -6.52 -68.75 -53.50
CA THR D 333 -5.52 -68.30 -54.46
C THR D 333 -5.45 -66.78 -54.43
N GLY D 334 -4.28 -66.25 -54.79
CA GLY D 334 -4.11 -64.81 -54.83
C GLY D 334 -2.64 -64.45 -54.93
N ALA D 335 -2.36 -63.17 -54.67
CA ALA D 335 -1.02 -62.61 -54.72
C ALA D 335 -0.59 -62.33 -53.28
N PHE D 336 0.14 -63.28 -52.69
CA PHE D 336 0.55 -63.15 -51.29
C PHE D 336 1.69 -62.16 -51.12
N ASP D 337 2.64 -62.14 -52.07
CA ASP D 337 3.84 -61.34 -51.92
C ASP D 337 3.56 -59.84 -51.91
N ALA D 338 2.42 -59.41 -52.46
CA ALA D 338 2.10 -57.98 -52.53
C ALA D 338 0.67 -57.71 -52.09
N GLY D 339 0.09 -58.56 -51.25
CA GLY D 339 -1.27 -58.35 -50.81
C GLY D 339 -1.47 -58.46 -49.32
N ALA D 340 -0.42 -58.86 -48.59
CA ALA D 340 -0.54 -59.00 -47.14
C ALA D 340 0.84 -58.89 -46.51
N GLN D 341 0.87 -58.29 -45.32
CA GLN D 341 2.12 -58.11 -44.57
C GLN D 341 1.90 -58.57 -43.13
N VAL D 342 2.97 -59.10 -42.55
CA VAL D 342 2.99 -59.49 -41.15
C VAL D 342 4.01 -58.60 -40.44
N PHE D 343 3.55 -57.90 -39.42
CA PHE D 343 4.38 -56.96 -38.68
C PHE D 343 4.69 -57.57 -37.31
N ASP D 344 5.98 -57.66 -36.99
CA ASP D 344 6.44 -58.19 -35.72
C ASP D 344 6.74 -57.04 -34.76
N ARG D 345 5.95 -56.94 -33.70
CA ARG D 345 6.21 -55.98 -32.63
C ARG D 345 7.23 -56.51 -31.64
N TRP D 346 6.90 -57.62 -30.98
CA TRP D 346 7.86 -58.36 -30.16
C TRP D 346 8.39 -59.54 -30.97
N ALA D 347 9.08 -60.46 -30.32
CA ALA D 347 9.68 -61.60 -30.99
C ALA D 347 9.31 -62.84 -30.18
N ALA D 348 10.00 -63.94 -30.46
CA ALA D 348 9.71 -65.22 -29.82
C ALA D 348 10.65 -65.51 -28.65
N ARG D 349 11.02 -64.49 -27.89
CA ARG D 349 11.96 -64.68 -26.79
C ARG D 349 11.36 -65.59 -25.71
N VAL D 350 12.23 -66.06 -24.83
CA VAL D 350 11.88 -67.00 -23.77
C VAL D 350 12.42 -66.48 -22.45
N GLU D 351 11.61 -66.55 -21.40
CA GLU D 351 11.99 -66.05 -20.08
C GLU D 351 11.86 -67.14 -19.04
N VAL D 352 12.66 -67.04 -17.98
CA VAL D 352 12.70 -68.01 -16.91
C VAL D 352 12.45 -67.29 -15.59
N ALA D 353 11.55 -67.86 -14.77
CA ALA D 353 11.24 -67.30 -13.46
C ALA D 353 11.44 -68.38 -12.41
N THR D 354 12.27 -68.09 -11.41
CA THR D 354 12.48 -69.00 -10.30
C THR D 354 11.54 -68.72 -9.14
N GLU D 355 11.23 -67.45 -8.89
CA GLU D 355 10.30 -67.05 -7.85
C GLU D 355 8.94 -66.75 -8.47
N ASN D 356 7.91 -67.40 -7.97
CA ASN D 356 6.57 -67.34 -8.55
C ASN D 356 5.57 -67.49 -7.41
N GLN D 357 4.34 -67.88 -7.75
CA GLN D 357 3.26 -67.99 -6.77
C GLN D 357 3.73 -68.63 -5.47
N ASP D 358 4.15 -69.89 -5.53
CA ASP D 358 4.79 -70.54 -4.39
C ASP D 358 5.90 -71.50 -4.81
N ASP D 359 6.51 -71.27 -5.98
CA ASP D 359 7.48 -72.24 -6.50
C ASP D 359 8.79 -72.24 -5.73
N PHE D 360 9.19 -71.12 -5.14
CA PHE D 360 10.42 -71.09 -4.35
C PHE D 360 10.35 -72.06 -3.19
N ILE D 361 9.16 -72.20 -2.59
CA ILE D 361 8.98 -73.14 -1.50
C ILE D 361 9.00 -74.58 -2.02
N LYS D 362 8.31 -74.84 -3.13
CA LYS D 362 8.19 -76.18 -3.68
C LYS D 362 9.36 -76.56 -4.59
N ASN D 363 10.35 -75.68 -4.74
CA ASN D 363 11.55 -75.96 -5.55
C ASN D 363 11.19 -76.23 -7.00
N MET D 364 10.36 -75.37 -7.59
CA MET D 364 9.98 -75.44 -8.98
C MET D 364 10.64 -74.31 -9.77
N VAL D 365 10.32 -74.25 -11.06
CA VAL D 365 10.79 -73.17 -11.93
C VAL D 365 9.84 -73.10 -13.11
N THR D 366 9.63 -71.89 -13.64
CA THR D 366 8.70 -71.69 -14.74
C THR D 366 9.42 -71.09 -15.94
N ILE D 367 8.97 -71.47 -17.14
CA ILE D 367 9.51 -70.98 -18.39
C ILE D 367 8.35 -70.49 -19.25
N LEU D 368 8.47 -69.27 -19.76
CA LEU D 368 7.42 -68.59 -20.51
C LEU D 368 7.91 -68.24 -21.90
N ALA D 369 7.04 -68.41 -22.89
CA ALA D 369 7.31 -68.00 -24.27
C ALA D 369 6.15 -67.16 -24.76
N GLU D 370 6.47 -66.01 -25.36
CA GLU D 370 5.46 -65.01 -25.68
C GLU D 370 5.87 -64.26 -26.93
N GLU D 371 4.87 -63.74 -27.64
CA GLU D 371 5.09 -63.07 -28.92
C GLU D 371 3.91 -62.15 -29.21
N ARG D 372 4.19 -61.02 -29.86
CA ARG D 372 3.16 -60.10 -30.36
C ARG D 372 3.30 -59.97 -31.87
N LEU D 373 2.16 -59.93 -32.55
CA LEU D 373 2.19 -59.84 -34.01
C LEU D 373 0.93 -59.13 -34.52
N ALA D 374 1.04 -58.59 -35.73
CA ALA D 374 -0.11 -57.97 -36.40
C ALA D 374 -0.09 -58.36 -37.87
N LEU D 375 -1.28 -58.38 -38.48
CA LEU D 375 -1.43 -58.73 -39.88
C LEU D 375 -2.20 -57.64 -40.60
N ALA D 376 -1.69 -57.20 -41.75
CA ALA D 376 -2.32 -56.17 -42.55
C ALA D 376 -2.64 -56.72 -43.93
N VAL D 377 -3.91 -56.61 -44.33
CA VAL D 377 -4.38 -57.04 -45.64
C VAL D 377 -4.75 -55.78 -46.41
N TYR D 378 -3.91 -55.40 -47.37
CA TYR D 378 -4.14 -54.17 -48.11
C TYR D 378 -5.34 -54.29 -49.05
N ARG D 379 -5.30 -55.25 -49.97
CA ARG D 379 -6.36 -55.41 -50.97
C ARG D 379 -7.08 -56.73 -50.76
N PRO D 380 -8.26 -56.72 -50.11
CA PRO D 380 -8.99 -57.97 -49.90
C PRO D 380 -9.61 -58.54 -51.16
N GLU D 381 -9.62 -57.81 -52.26
CA GLU D 381 -10.19 -58.29 -53.51
C GLU D 381 -9.17 -59.02 -54.38
N SER D 382 -7.93 -59.15 -53.92
CA SER D 382 -6.90 -59.90 -54.64
C SER D 382 -6.89 -61.38 -54.28
N PHE D 383 -7.72 -61.82 -53.36
CA PHE D 383 -7.76 -63.19 -52.91
C PHE D 383 -9.11 -63.82 -53.26
N ILE D 384 -9.06 -64.97 -53.93
CA ILE D 384 -10.24 -65.72 -54.31
C ILE D 384 -10.24 -67.03 -53.54
N LYS D 385 -11.33 -67.29 -52.82
CA LYS D 385 -11.49 -68.53 -52.07
C LYS D 385 -12.70 -69.28 -52.60
N GLY D 386 -12.64 -70.60 -52.57
CA GLY D 386 -13.74 -71.38 -53.11
C GLY D 386 -13.74 -72.85 -52.72
N SER D 387 -14.74 -73.59 -53.20
CA SER D 387 -14.88 -75.01 -52.92
C SER D 387 -14.63 -75.78 -54.21
N LEU D 388 -13.84 -76.85 -54.12
CA LEU D 388 -13.48 -77.61 -55.31
C LEU D 388 -14.69 -78.35 -55.88
N THR D 389 -15.57 -78.86 -55.02
CA THR D 389 -16.77 -79.54 -55.49
C THR D 389 -17.80 -78.50 -55.93
N ALA D 390 -18.32 -78.67 -57.15
CA ALA D 390 -19.23 -77.68 -57.71
C ALA D 390 -20.57 -77.65 -56.99
N ALA D 391 -21.20 -78.80 -56.76
CA ALA D 391 -22.52 -78.82 -56.13
C ALA D 391 -22.44 -78.47 -54.66
N ALA D 392 -21.44 -79.00 -53.96
CA ALA D 392 -21.27 -78.74 -52.54
C ALA D 392 -20.55 -77.41 -52.31
N ALA E 107 -5.73 46.10 -63.57
CA ALA E 107 -4.33 46.04 -63.17
C ALA E 107 -3.86 44.60 -63.04
N ILE E 108 -2.54 44.41 -62.98
CA ILE E 108 -1.99 43.07 -62.80
C ILE E 108 -2.30 42.60 -61.38
N THR E 109 -2.90 41.42 -61.29
CA THR E 109 -3.37 40.88 -60.02
C THR E 109 -2.95 39.41 -59.95
N SER E 110 -3.51 38.68 -58.99
CA SER E 110 -3.26 37.25 -58.87
C SER E 110 -4.37 36.39 -59.45
N LEU E 111 -5.37 36.99 -60.08
CA LEU E 111 -6.45 36.22 -60.68
C LEU E 111 -5.94 35.41 -61.87
N THR E 112 -6.67 34.33 -62.18
CA THR E 112 -6.28 33.42 -63.25
C THR E 112 -7.35 33.32 -64.34
N THR E 113 -8.25 34.29 -64.45
CA THR E 113 -9.27 34.27 -65.47
C THR E 113 -8.67 34.67 -66.82
N ASN E 114 -9.55 34.81 -67.82
CA ASN E 114 -9.14 35.19 -69.17
C ASN E 114 -9.30 36.68 -69.44
N ALA E 115 -9.62 37.47 -68.42
CA ALA E 115 -9.79 38.90 -68.59
C ALA E 115 -8.42 39.56 -68.75
N ASP E 116 -8.40 40.89 -68.88
CA ASP E 116 -7.17 41.63 -69.11
C ASP E 116 -6.40 41.75 -67.79
N GLY E 117 -5.08 41.57 -67.87
CA GLY E 117 -4.23 41.73 -66.70
C GLY E 117 -4.47 40.73 -65.60
N SER E 118 -4.66 39.45 -65.96
CA SER E 118 -4.82 38.42 -64.95
C SER E 118 -3.48 38.01 -64.35
N ALA E 119 -2.60 37.45 -65.17
CA ALA E 119 -1.21 37.15 -64.78
C ALA E 119 -1.14 36.29 -63.52
N GLY E 120 -2.08 35.36 -63.36
CA GLY E 120 -2.10 34.51 -62.20
C GLY E 120 -1.35 33.20 -62.32
N ALA E 121 -1.03 32.78 -63.55
CA ALA E 121 -0.37 31.50 -63.77
C ALA E 121 1.14 31.57 -63.60
N THR E 122 1.70 32.76 -63.39
CA THR E 122 3.15 32.86 -63.24
C THR E 122 3.64 32.22 -61.95
N VAL E 123 2.80 32.23 -60.91
CA VAL E 123 3.19 31.64 -59.63
C VAL E 123 2.84 30.16 -59.62
N GLN E 124 3.48 29.41 -58.73
CA GLN E 124 3.25 27.97 -58.60
C GLN E 124 3.06 27.61 -57.14
N THR E 125 2.34 26.52 -56.91
CA THR E 125 2.03 26.06 -55.57
C THR E 125 3.17 25.21 -55.02
N THR E 126 3.41 25.31 -53.71
CA THR E 126 4.46 24.55 -53.06
C THR E 126 3.88 23.27 -52.47
N ARG E 127 4.61 22.17 -52.60
CA ARG E 127 4.16 20.85 -52.16
C ARG E 127 4.95 20.45 -50.92
N LEU E 128 4.25 20.34 -49.79
CA LEU E 128 4.93 19.93 -48.56
C LEU E 128 5.32 18.46 -48.63
N PRO E 129 6.54 18.12 -48.21
CA PRO E 129 7.01 16.73 -48.34
C PRO E 129 6.31 15.80 -47.38
N GLY E 130 6.34 14.52 -47.73
CA GLY E 130 5.81 13.47 -46.87
C GLY E 130 4.32 13.24 -47.07
N ILE E 131 3.83 12.20 -46.40
CA ILE E 131 2.43 11.82 -46.43
C ILE E 131 1.94 11.67 -44.99
N ARG E 132 0.78 12.24 -44.70
CA ARG E 132 0.20 12.18 -43.36
C ARG E 132 -0.51 10.84 -43.20
N GLU E 133 0.22 9.84 -42.70
CA GLU E 133 -0.32 8.50 -42.53
C GLU E 133 -1.30 8.47 -41.35
N LEU E 134 -2.18 7.47 -41.38
CA LEU E 134 -3.16 7.26 -40.31
C LEU E 134 -2.47 6.58 -39.12
N PRO E 135 -2.95 6.78 -37.90
CA PRO E 135 -2.33 6.13 -36.74
C PRO E 135 -2.67 4.66 -36.67
N GLN E 136 -1.82 3.91 -35.97
CA GLN E 136 -1.98 2.47 -35.78
C GLN E 136 -1.92 2.14 -34.29
N ARG E 137 -2.51 1.01 -33.94
CA ARG E 137 -2.61 0.59 -32.55
C ARG E 137 -1.29 -0.05 -32.10
N ARG E 138 -1.30 -0.68 -30.92
CA ARG E 138 -0.09 -1.21 -30.30
C ARG E 138 0.14 -2.69 -30.59
N MET E 139 -0.89 -3.52 -30.53
CA MET E 139 -0.81 -4.94 -30.89
C MET E 139 0.22 -5.67 -30.02
N THR E 140 -0.10 -5.72 -28.72
CA THR E 140 0.79 -6.33 -27.74
C THR E 140 0.31 -7.68 -27.23
N ILE E 141 -0.84 -8.18 -27.70
CA ILE E 141 -1.36 -9.46 -27.20
C ILE E 141 -0.42 -10.60 -27.55
N ARG E 142 0.07 -10.64 -28.78
CA ARG E 142 0.88 -11.77 -29.25
C ARG E 142 2.16 -11.94 -28.44
N SER E 143 2.70 -10.87 -27.87
CA SER E 143 3.98 -10.97 -27.17
C SER E 143 3.83 -11.63 -25.81
N LEU E 144 2.60 -11.70 -25.29
CA LEU E 144 2.40 -12.31 -23.96
C LEU E 144 2.62 -13.82 -24.01
N LEU E 145 2.03 -14.48 -24.99
CA LEU E 145 2.02 -15.94 -25.04
C LEU E 145 3.34 -16.49 -25.56
N ALA E 146 3.53 -17.79 -25.38
CA ALA E 146 4.70 -18.48 -25.92
C ALA E 146 4.48 -18.80 -27.39
N GLN E 147 5.58 -19.04 -28.11
CA GLN E 147 5.55 -19.21 -29.54
C GLN E 147 6.21 -20.52 -29.95
N GLY E 148 5.74 -21.08 -31.06
CA GLY E 148 6.29 -22.30 -31.60
C GLY E 148 5.88 -22.49 -33.04
N THR E 149 6.28 -23.63 -33.61
CA THR E 149 6.01 -23.96 -35.00
C THR E 149 5.39 -25.35 -35.10
N MET E 150 4.71 -25.60 -36.21
CA MET E 150 4.18 -26.93 -36.52
C MET E 150 4.45 -27.21 -37.99
N GLU E 151 4.24 -28.47 -38.37
CA GLU E 151 4.46 -28.92 -39.74
C GLU E 151 3.29 -29.77 -40.22
N GLY E 152 2.08 -29.30 -39.97
CA GLY E 152 0.89 -30.02 -40.42
C GLY E 152 -0.37 -29.20 -40.35
N ASN E 153 -1.49 -29.85 -40.03
CA ASN E 153 -2.77 -29.15 -39.91
C ASN E 153 -3.39 -29.24 -38.53
N THR E 154 -3.12 -30.29 -37.75
CA THR E 154 -3.70 -30.46 -36.43
C THR E 154 -2.61 -30.80 -35.43
N LEU E 155 -2.89 -30.50 -34.17
CA LEU E 155 -1.97 -30.79 -33.08
C LEU E 155 -2.60 -31.81 -32.14
N GLU E 156 -1.77 -32.41 -31.28
CA GLU E 156 -2.21 -33.45 -30.37
C GLU E 156 -1.31 -33.46 -29.15
N TYR E 157 -1.91 -33.56 -27.98
CA TYR E 157 -1.13 -33.71 -26.76
C TYR E 157 -1.92 -34.48 -25.71
N VAL E 158 -1.20 -35.01 -24.73
CA VAL E 158 -1.76 -35.87 -23.70
C VAL E 158 -1.60 -35.18 -22.35
N ARG E 159 -2.64 -35.29 -21.51
CA ARG E 159 -2.65 -34.62 -20.21
C ARG E 159 -3.13 -35.59 -19.14
N GLU E 160 -2.53 -35.50 -17.95
CA GLU E 160 -2.97 -36.29 -16.82
C GLU E 160 -4.33 -35.81 -16.34
N THR E 161 -5.10 -36.73 -15.79
CA THR E 161 -6.45 -36.40 -15.38
C THR E 161 -6.73 -36.70 -13.91
N GLY E 162 -6.20 -37.80 -13.37
CA GLY E 162 -6.50 -38.17 -12.01
C GLY E 162 -5.34 -38.88 -11.34
N PHE E 163 -5.41 -38.94 -10.01
CA PHE E 163 -4.41 -39.62 -9.21
C PHE E 163 -5.04 -39.96 -7.87
N THR E 164 -5.25 -41.25 -7.60
CA THR E 164 -5.98 -41.66 -6.41
C THR E 164 -5.16 -41.41 -5.15
N ASN E 165 -3.89 -41.82 -5.15
CA ASN E 165 -2.98 -41.65 -4.01
C ASN E 165 -3.59 -42.22 -2.72
N ALA E 166 -3.79 -43.53 -2.73
CA ALA E 166 -4.37 -44.24 -1.59
C ALA E 166 -3.23 -44.76 -0.71
N ALA E 167 -2.41 -43.83 -0.23
CA ALA E 167 -1.30 -44.13 0.66
C ALA E 167 -1.76 -43.91 2.09
N ALA E 168 -1.56 -44.92 2.93
CA ALA E 168 -2.00 -44.89 4.33
C ALA E 168 -0.96 -45.59 5.19
N PRO E 169 -0.92 -45.29 6.48
CA PRO E 169 -0.06 -46.05 7.39
C PRO E 169 -0.50 -47.50 7.46
N VAL E 170 0.48 -48.41 7.58
CA VAL E 170 0.22 -49.84 7.54
C VAL E 170 0.91 -50.50 8.73
N ALA E 171 0.40 -51.68 9.09
CA ALA E 171 0.93 -52.44 10.22
C ALA E 171 2.19 -53.19 9.80
N GLU E 172 2.65 -54.11 10.64
CA GLU E 172 3.86 -54.86 10.35
C GLU E 172 3.57 -56.06 9.47
N GLY E 173 2.46 -56.75 9.71
CA GLY E 173 2.10 -57.93 8.96
C GLY E 173 1.08 -57.73 7.87
N ALA E 174 0.50 -56.54 7.74
CA ALA E 174 -0.55 -56.30 6.77
C ALA E 174 0.07 -55.94 5.42
N GLN E 175 -0.77 -55.81 4.39
CA GLN E 175 -0.32 -55.52 3.04
C GLN E 175 -0.71 -54.09 2.64
N LYS E 176 0.15 -53.46 1.85
CA LYS E 176 -0.02 -52.07 1.47
C LYS E 176 -1.12 -51.91 0.42
N PRO E 177 -1.78 -50.76 0.40
CA PRO E 177 -2.83 -50.50 -0.60
C PRO E 177 -2.23 -50.06 -1.94
N GLU E 178 -3.09 -49.97 -2.94
CA GLU E 178 -2.66 -49.67 -4.30
C GLU E 178 -3.32 -48.39 -4.81
N SER E 179 -2.65 -47.75 -5.76
CA SER E 179 -3.09 -46.48 -6.36
C SER E 179 -3.27 -46.67 -7.87
N SER E 180 -3.82 -45.65 -8.51
CA SER E 180 -4.08 -45.68 -9.95
C SER E 180 -4.05 -44.26 -10.48
N LEU E 181 -4.19 -44.12 -11.80
CA LEU E 181 -4.20 -42.82 -12.46
C LEU E 181 -4.79 -42.98 -13.85
N LYS E 182 -5.24 -41.85 -14.40
CA LYS E 182 -5.90 -41.80 -15.71
C LYS E 182 -5.19 -40.79 -16.60
N PHE E 183 -5.63 -40.73 -17.86
CA PHE E 183 -5.01 -39.85 -18.86
C PHE E 183 -6.08 -39.41 -19.86
N ASP E 184 -5.76 -38.38 -20.64
CA ASP E 184 -6.70 -37.87 -21.62
C ASP E 184 -5.92 -37.23 -22.77
N LEU E 185 -6.63 -36.99 -23.88
CA LEU E 185 -6.04 -36.52 -25.12
C LEU E 185 -6.77 -35.27 -25.61
N VAL E 186 -6.01 -34.32 -26.17
CA VAL E 186 -6.56 -33.07 -26.69
C VAL E 186 -5.98 -32.78 -28.05
N GLN E 187 -6.81 -32.29 -28.96
CA GLN E 187 -6.42 -31.92 -30.32
C GLN E 187 -6.88 -30.51 -30.64
N THR E 188 -6.23 -29.89 -31.62
CA THR E 188 -6.57 -28.55 -32.08
C THR E 188 -6.50 -28.53 -33.61
N SER E 189 -6.54 -27.32 -34.18
CA SER E 189 -6.51 -27.16 -35.63
C SER E 189 -5.96 -25.78 -35.96
N ALA E 190 -5.58 -25.60 -37.21
CA ALA E 190 -4.99 -24.35 -37.69
C ALA E 190 -5.88 -23.71 -38.74
N LYS E 191 -6.11 -22.40 -38.59
CA LYS E 191 -6.91 -21.61 -39.51
C LYS E 191 -6.02 -20.60 -40.22
N VAL E 192 -6.51 -20.07 -41.33
CA VAL E 192 -5.76 -19.17 -42.19
C VAL E 192 -6.56 -17.89 -42.38
N ILE E 193 -5.87 -16.75 -42.36
CA ILE E 193 -6.46 -15.44 -42.63
C ILE E 193 -5.63 -14.76 -43.71
N ALA E 194 -6.31 -14.15 -44.68
CA ALA E 194 -5.61 -13.63 -45.85
C ALA E 194 -6.44 -12.53 -46.50
N HIS E 195 -5.76 -11.69 -47.28
CA HIS E 195 -6.45 -10.72 -48.13
C HIS E 195 -5.48 -10.21 -49.20
N TRP E 196 -6.05 -9.58 -50.22
CA TRP E 196 -5.30 -9.10 -51.38
C TRP E 196 -5.79 -7.72 -51.78
N MET E 197 -5.04 -7.08 -52.67
CA MET E 197 -5.39 -5.76 -53.18
C MET E 197 -4.78 -5.58 -54.57
N LYS E 198 -5.51 -4.89 -55.45
CA LYS E 198 -5.17 -4.80 -56.86
C LYS E 198 -4.87 -3.35 -57.24
N ALA E 199 -3.75 -3.16 -57.94
CA ALA E 199 -3.33 -1.83 -58.37
C ALA E 199 -2.98 -1.86 -59.85
N SER E 200 -3.29 -0.76 -60.54
CA SER E 200 -2.92 -0.63 -61.94
C SER E 200 -1.42 -0.39 -62.08
N ARG E 201 -0.94 -0.48 -63.32
CA ARG E 201 0.48 -0.29 -63.59
C ARG E 201 0.86 1.16 -63.82
N GLN E 202 -0.07 1.99 -64.31
CA GLN E 202 0.25 3.39 -64.54
C GLN E 202 0.30 4.16 -63.24
N ILE E 203 -0.55 3.81 -62.27
CA ILE E 203 -0.51 4.45 -60.96
C ILE E 203 0.82 4.17 -60.27
N LEU E 204 1.27 2.92 -60.31
CA LEU E 204 2.63 2.61 -59.89
C LEU E 204 3.63 3.18 -60.89
N SER E 205 4.87 3.34 -60.44
CA SER E 205 5.96 3.96 -61.18
C SER E 205 5.72 5.44 -61.46
N ASP E 206 4.57 5.97 -61.05
CA ASP E 206 4.31 7.40 -61.01
C ASP E 206 4.50 7.98 -59.63
N SER E 207 3.84 7.41 -58.62
CA SER E 207 4.13 7.68 -57.22
C SER E 207 5.11 6.60 -56.77
N ALA E 208 6.38 6.99 -56.59
CA ALA E 208 7.43 6.01 -56.33
C ALA E 208 7.19 5.28 -55.02
N GLN E 209 6.82 6.00 -53.97
CA GLN E 209 6.64 5.40 -52.64
C GLN E 209 5.19 4.96 -52.42
N LEU E 210 4.67 4.15 -53.34
CA LEU E 210 3.36 3.54 -53.17
C LEU E 210 3.42 2.02 -53.05
N GLN E 211 4.17 1.35 -53.93
CA GLN E 211 4.36 -0.09 -53.83
C GLN E 211 4.69 -0.50 -52.41
N SER E 212 5.84 -0.05 -51.89
CA SER E 212 6.21 -0.35 -50.52
C SER E 212 5.12 0.08 -49.54
N PHE E 213 4.49 1.23 -49.79
CA PHE E 213 3.38 1.66 -48.94
C PHE E 213 2.33 0.57 -48.83
N ILE E 214 1.90 0.01 -49.96
CA ILE E 214 0.93 -1.07 -49.94
C ILE E 214 1.48 -2.26 -49.17
N ASN E 215 2.76 -2.57 -49.37
CA ASN E 215 3.38 -3.68 -48.66
C ASN E 215 3.35 -3.46 -47.16
N ALA E 216 3.37 -2.20 -46.72
CA ALA E 216 3.29 -1.93 -45.30
C ALA E 216 1.85 -1.95 -44.79
N ARG E 217 0.89 -1.71 -45.67
CA ARG E 217 -0.51 -1.63 -45.26
C ARG E 217 -1.22 -2.97 -45.30
N LEU E 218 -0.67 -3.96 -46.00
CA LEU E 218 -1.34 -5.24 -46.10
C LEU E 218 -1.03 -6.13 -44.90
N LEU E 219 0.24 -6.46 -44.70
CA LEU E 219 0.64 -7.35 -43.61
C LEU E 219 0.42 -6.74 -42.24
N ARG E 220 0.23 -5.42 -42.15
CA ARG E 220 -0.21 -4.82 -40.90
C ARG E 220 -1.67 -5.16 -40.64
N GLY E 221 -2.51 -5.08 -41.67
CA GLY E 221 -3.92 -5.40 -41.50
C GLY E 221 -4.18 -6.84 -41.13
N LEU E 222 -3.22 -7.72 -41.37
CA LEU E 222 -3.32 -9.10 -40.88
C LEU E 222 -3.22 -9.19 -39.37
N GLU E 223 -2.42 -8.33 -38.74
CA GLU E 223 -2.23 -8.39 -37.30
C GLU E 223 -3.53 -8.14 -36.53
N VAL E 224 -4.22 -7.02 -36.84
CA VAL E 224 -5.39 -6.62 -36.06
C VAL E 224 -6.36 -7.78 -35.92
N VAL E 225 -6.88 -8.26 -37.05
CA VAL E 225 -7.85 -9.34 -37.02
C VAL E 225 -7.28 -10.54 -36.28
N GLU E 226 -6.01 -10.87 -36.54
CA GLU E 226 -5.38 -12.00 -35.85
C GLU E 226 -5.54 -11.88 -34.35
N GLU E 227 -5.23 -10.70 -33.79
CA GLU E 227 -5.36 -10.55 -32.35
C GLU E 227 -6.81 -10.61 -31.91
N ASN E 228 -7.72 -10.03 -32.71
CA ASN E 228 -9.13 -10.17 -32.39
C ASN E 228 -9.55 -11.62 -32.41
N GLN E 229 -8.87 -12.45 -33.20
CA GLN E 229 -9.13 -13.89 -33.18
C GLN E 229 -8.49 -14.53 -31.96
N LEU E 230 -7.31 -14.06 -31.56
CA LEU E 230 -6.60 -14.68 -30.45
C LEU E 230 -7.33 -14.48 -29.13
N LEU E 231 -7.89 -13.28 -28.92
CA LEU E 231 -8.50 -12.96 -27.64
C LEU E 231 -9.90 -13.57 -27.51
N ASN E 232 -10.83 -13.14 -28.38
CA ASN E 232 -12.22 -13.59 -28.30
C ASN E 232 -12.71 -14.05 -29.68
N GLY E 233 -12.47 -15.33 -29.97
CA GLY E 233 -13.00 -15.96 -31.17
C GLY E 233 -14.02 -17.01 -30.79
N ASN E 234 -15.19 -16.96 -31.44
CA ASN E 234 -16.29 -17.83 -31.04
C ASN E 234 -15.96 -19.30 -31.32
N GLY E 235 -15.04 -19.56 -32.23
CA GLY E 235 -14.60 -20.91 -32.51
C GLY E 235 -15.49 -21.68 -33.46
N THR E 236 -16.59 -21.10 -33.92
CA THR E 236 -17.50 -21.77 -34.85
C THR E 236 -17.17 -21.32 -36.26
N GLY E 237 -17.43 -22.18 -37.23
CA GLY E 237 -17.13 -21.89 -38.63
C GLY E 237 -15.64 -21.96 -38.89
N GLN E 238 -15.12 -20.95 -39.57
CA GLN E 238 -13.70 -20.87 -39.89
C GLN E 238 -12.93 -20.03 -38.87
N ASN E 239 -13.57 -19.62 -37.79
CA ASN E 239 -12.94 -18.76 -36.79
C ASN E 239 -12.01 -19.59 -35.91
N LEU E 240 -11.44 -18.95 -34.89
CA LEU E 240 -10.53 -19.58 -33.95
C LEU E 240 -11.15 -19.57 -32.56
N LEU E 241 -10.62 -20.42 -31.68
CA LEU E 241 -11.06 -20.46 -30.30
C LEU E 241 -10.13 -19.58 -29.46
N GLY E 242 -10.68 -18.50 -28.92
CA GLY E 242 -9.89 -17.54 -28.18
C GLY E 242 -9.78 -17.87 -26.70
N LEU E 243 -8.88 -17.13 -26.04
CA LEU E 243 -8.68 -17.30 -24.61
C LEU E 243 -9.92 -16.89 -23.82
N LEU E 244 -10.57 -15.80 -24.21
CA LEU E 244 -11.71 -15.28 -23.45
C LEU E 244 -12.89 -16.24 -23.42
N PRO E 245 -13.37 -16.81 -24.53
CA PRO E 245 -14.51 -17.72 -24.46
C PRO E 245 -14.16 -19.13 -24.00
N GLN E 246 -12.96 -19.33 -23.46
CA GLN E 246 -12.51 -20.64 -23.02
C GLN E 246 -12.12 -20.67 -21.55
N ALA E 247 -12.02 -19.53 -20.90
CA ALA E 247 -11.61 -19.46 -19.49
C ALA E 247 -12.81 -19.69 -18.58
N THR E 248 -12.53 -19.76 -17.29
CA THR E 248 -13.55 -20.01 -16.28
C THR E 248 -14.19 -18.69 -15.84
N ALA E 249 -15.24 -18.77 -15.03
CA ALA E 249 -15.98 -17.61 -14.57
C ALA E 249 -15.47 -17.16 -13.22
N PHE E 250 -15.88 -15.96 -12.81
CA PHE E 250 -15.44 -15.39 -11.54
C PHE E 250 -16.43 -15.73 -10.44
N ALA E 251 -15.96 -16.46 -9.43
CA ALA E 251 -16.74 -16.75 -8.24
C ALA E 251 -15.96 -16.28 -7.02
N ALA E 252 -16.66 -15.65 -6.08
CA ALA E 252 -16.00 -15.07 -4.93
C ALA E 252 -15.62 -16.13 -3.91
N PRO E 253 -14.33 -16.28 -3.56
CA PRO E 253 -13.96 -17.22 -2.51
C PRO E 253 -14.36 -16.73 -1.12
N ILE E 254 -14.15 -15.44 -0.86
CA ILE E 254 -14.46 -14.83 0.42
C ILE E 254 -15.36 -13.62 0.19
N THR E 255 -16.24 -13.37 1.16
CA THR E 255 -17.20 -12.29 1.04
C THR E 255 -16.58 -10.96 1.46
N VAL E 256 -16.98 -9.89 0.78
CA VAL E 256 -16.57 -8.53 1.10
C VAL E 256 -17.82 -7.66 1.15
N ALA E 257 -17.90 -6.80 2.16
CA ALA E 257 -19.12 -6.01 2.37
C ALA E 257 -19.41 -5.10 1.19
N ASN E 258 -18.43 -4.30 0.78
CA ASN E 258 -18.60 -3.34 -0.32
C ASN E 258 -17.53 -3.63 -1.37
N ALA E 259 -17.96 -4.18 -2.50
CA ALA E 259 -17.03 -4.54 -3.56
C ALA E 259 -16.50 -3.31 -4.28
N THR E 260 -15.21 -3.31 -4.56
CA THR E 260 -14.56 -2.28 -5.34
C THR E 260 -13.79 -2.94 -6.48
N ALA E 261 -13.63 -2.19 -7.57
CA ALA E 261 -12.97 -2.75 -8.76
C ALA E 261 -11.58 -3.28 -8.43
N VAL E 262 -10.88 -2.65 -7.49
CA VAL E 262 -9.56 -3.14 -7.10
C VAL E 262 -9.69 -4.39 -6.24
N ASP E 263 -10.70 -4.44 -5.36
CA ASP E 263 -10.89 -5.59 -4.50
C ASP E 263 -11.32 -6.82 -5.30
N ARG E 264 -12.12 -6.62 -6.35
CA ARG E 264 -12.58 -7.74 -7.17
C ARG E 264 -11.40 -8.41 -7.87
N LEU E 265 -10.42 -7.62 -8.32
CA LEU E 265 -9.25 -8.20 -8.94
C LEU E 265 -8.41 -9.01 -7.95
N ARG E 266 -8.30 -8.54 -6.71
CA ARG E 266 -7.61 -9.33 -5.70
C ARG E 266 -8.35 -10.62 -5.40
N LEU E 267 -9.69 -10.58 -5.37
CA LEU E 267 -10.46 -11.81 -5.20
C LEU E 267 -10.22 -12.76 -6.36
N ALA E 268 -10.13 -12.23 -7.58
CA ALA E 268 -9.84 -13.08 -8.74
C ALA E 268 -8.45 -13.71 -8.61
N LEU E 269 -7.47 -12.94 -8.15
CA LEU E 269 -6.14 -13.49 -7.92
C LEU E 269 -6.18 -14.61 -6.89
N LEU E 270 -6.92 -14.41 -5.80
CA LEU E 270 -7.06 -15.45 -4.78
C LEU E 270 -7.71 -16.71 -5.36
N GLN E 271 -8.76 -16.53 -6.17
CA GLN E 271 -9.44 -17.68 -6.77
C GLN E 271 -8.51 -18.43 -7.70
N ALA E 272 -7.70 -17.71 -8.48
CA ALA E 272 -6.73 -18.37 -9.34
C ALA E 272 -5.66 -19.09 -8.53
N GLN E 273 -5.30 -18.55 -7.37
CA GLN E 273 -4.28 -19.19 -6.55
C GLN E 273 -4.80 -20.43 -5.83
N LEU E 274 -6.10 -20.45 -5.50
CA LEU E 274 -6.67 -21.64 -4.88
C LEU E 274 -6.70 -22.84 -5.81
N ALA E 275 -6.60 -22.62 -7.11
CA ALA E 275 -6.55 -23.70 -8.09
C ALA E 275 -5.13 -24.11 -8.43
N GLU E 276 -4.16 -23.74 -7.59
CA GLU E 276 -2.75 -24.12 -7.75
C GLU E 276 -2.15 -23.51 -9.02
N PHE E 277 -2.73 -22.43 -9.52
CA PHE E 277 -2.26 -21.76 -10.73
C PHE E 277 -2.07 -20.28 -10.41
N PRO E 278 -0.90 -19.89 -9.90
CA PRO E 278 -0.65 -18.48 -9.60
C PRO E 278 -0.74 -17.62 -10.86
N ALA E 279 -1.42 -16.49 -10.73
CA ALA E 279 -1.57 -15.57 -11.85
C ALA E 279 -0.28 -14.80 -12.09
N THR E 280 -0.13 -14.32 -13.31
CA THR E 280 1.05 -13.56 -13.70
C THR E 280 0.73 -12.23 -14.34
N GLY E 281 -0.39 -12.12 -15.06
CA GLY E 281 -0.72 -10.89 -15.74
C GLY E 281 -2.21 -10.61 -15.70
N ILE E 282 -2.53 -9.33 -15.86
CA ILE E 282 -3.91 -8.86 -15.92
C ILE E 282 -4.11 -8.10 -17.23
N VAL E 283 -5.28 -8.27 -17.84
CA VAL E 283 -5.63 -7.63 -19.10
C VAL E 283 -6.99 -6.98 -18.93
N LEU E 284 -7.09 -5.69 -19.27
CA LEU E 284 -8.40 -5.03 -19.22
C LEU E 284 -8.37 -3.78 -20.07
N ASN E 285 -9.57 -3.24 -20.31
CA ASN E 285 -9.73 -2.11 -21.21
C ASN E 285 -9.03 -0.86 -20.64
N PRO E 286 -8.40 -0.05 -21.48
CA PRO E 286 -7.84 1.23 -20.99
C PRO E 286 -8.89 2.16 -20.41
N ALA E 287 -10.13 2.10 -20.92
CA ALA E 287 -11.20 2.92 -20.36
C ALA E 287 -11.50 2.54 -18.92
N ASP E 288 -11.13 1.34 -18.49
CA ASP E 288 -11.29 0.93 -17.10
C ASP E 288 -10.01 1.11 -16.28
N TRP E 289 -8.85 0.98 -16.91
CA TRP E 289 -7.61 1.32 -16.22
C TRP E 289 -7.56 2.79 -15.88
N ALA E 290 -8.17 3.64 -16.71
CA ALA E 290 -8.31 5.05 -16.36
C ALA E 290 -9.40 5.29 -15.33
N GLY E 291 -10.49 4.51 -15.37
CA GLY E 291 -11.53 4.65 -14.38
C GLY E 291 -11.06 4.27 -12.98
N ILE E 292 -10.12 3.33 -12.90
CA ILE E 292 -9.53 2.97 -11.61
C ILE E 292 -8.81 4.17 -11.01
N GLU E 293 -8.15 4.98 -11.84
CA GLU E 293 -7.48 6.18 -11.35
C GLU E 293 -8.44 7.18 -10.74
N LEU E 294 -9.74 7.06 -11.02
CA LEU E 294 -10.74 8.01 -10.56
C LEU E 294 -11.55 7.44 -9.39
N LEU E 295 -10.90 6.69 -8.50
CA LEU E 295 -11.58 6.14 -7.35
C LEU E 295 -11.64 7.16 -6.21
N LYS E 296 -12.75 7.17 -5.50
CA LYS E 296 -12.98 8.13 -4.43
C LYS E 296 -13.30 7.39 -3.14
N ASP E 297 -12.90 7.99 -2.02
CA ASP E 297 -13.32 7.54 -0.70
C ASP E 297 -14.71 8.09 -0.41
N THR E 298 -15.15 7.98 0.84
CA THR E 298 -16.36 8.67 1.25
C THR E 298 -16.11 10.14 1.59
N GLN E 299 -14.85 10.57 1.59
CA GLN E 299 -14.48 11.96 1.83
C GLN E 299 -14.20 12.72 0.54
N GLY E 300 -13.45 12.13 -0.39
CA GLY E 300 -13.16 12.79 -1.64
C GLY E 300 -11.73 12.64 -2.11
N ARG E 301 -10.90 11.96 -1.33
CA ARG E 301 -9.51 11.75 -1.69
C ARG E 301 -9.38 10.73 -2.81
N TYR E 302 -8.15 10.48 -3.23
CA TYR E 302 -7.85 9.54 -4.29
C TYR E 302 -7.15 8.32 -3.71
N ILE E 303 -7.63 7.14 -4.09
CA ILE E 303 -7.03 5.88 -3.63
C ILE E 303 -5.75 5.58 -4.39
N LEU E 304 -5.82 5.56 -5.71
CA LEU E 304 -4.64 5.36 -6.56
C LEU E 304 -4.26 6.59 -7.36
N GLY E 305 -5.21 7.45 -7.71
CA GLY E 305 -4.94 8.56 -8.60
C GLY E 305 -4.07 9.62 -7.96
N ASN E 306 -3.38 10.37 -8.83
CA ASN E 306 -2.52 11.46 -8.43
C ASN E 306 -2.65 12.59 -9.45
N PRO E 307 -3.35 13.67 -9.13
CA PRO E 307 -3.59 14.72 -10.13
C PRO E 307 -2.31 15.36 -10.65
N GLN E 308 -1.21 15.31 -9.90
CA GLN E 308 0.05 15.91 -10.31
C GLN E 308 1.10 14.87 -10.68
N GLY E 309 0.69 13.72 -11.16
CA GLY E 309 1.61 12.68 -11.56
C GLY E 309 0.93 11.64 -12.41
N THR E 310 1.60 10.50 -12.59
CA THR E 310 1.10 9.41 -13.40
C THR E 310 1.04 8.15 -12.54
N LEU E 311 0.43 7.10 -13.09
CA LEU E 311 0.28 5.83 -12.40
C LEU E 311 1.08 4.76 -13.14
N ALA E 312 1.96 4.08 -12.42
CA ALA E 312 2.75 3.00 -13.00
C ALA E 312 1.83 1.84 -13.36
N PRO E 313 2.14 1.07 -14.41
CA PRO E 313 1.26 -0.05 -14.77
C PRO E 313 1.53 -1.29 -13.94
N THR E 314 1.01 -1.31 -12.72
CA THR E 314 1.20 -2.42 -11.80
C THR E 314 0.07 -2.43 -10.79
N LEU E 315 -0.55 -3.59 -10.61
CA LEU E 315 -1.60 -3.76 -9.61
C LEU E 315 -1.36 -5.06 -8.85
N TRP E 316 -1.30 -4.96 -7.53
CA TRP E 316 -1.08 -6.11 -6.66
C TRP E 316 0.20 -6.86 -7.01
N GLY E 317 1.18 -6.13 -7.55
CA GLY E 317 2.46 -6.73 -7.89
C GLY E 317 2.49 -7.54 -9.16
N LEU E 318 1.51 -7.39 -10.04
CA LEU E 318 1.49 -8.12 -11.30
C LEU E 318 1.39 -7.16 -12.47
N PRO E 319 2.07 -7.47 -13.57
CA PRO E 319 1.92 -6.65 -14.79
C PRO E 319 0.47 -6.56 -15.23
N VAL E 320 0.07 -5.37 -15.67
CA VAL E 320 -1.27 -5.10 -16.15
C VAL E 320 -1.14 -4.47 -17.52
N VAL E 321 -2.02 -4.86 -18.45
CA VAL E 321 -1.97 -4.39 -19.83
C VAL E 321 -3.37 -3.97 -20.27
N ALA E 322 -3.43 -2.88 -21.03
CA ALA E 322 -4.67 -2.33 -21.56
C ALA E 322 -4.64 -2.40 -23.08
N THR E 323 -5.65 -3.04 -23.66
CA THR E 323 -5.77 -3.16 -25.11
C THR E 323 -7.20 -2.83 -25.52
N GLN E 324 -7.34 -2.24 -26.70
CA GLN E 324 -8.65 -1.91 -27.24
C GLN E 324 -9.45 -3.14 -27.64
N ALA E 325 -8.81 -4.30 -27.77
CA ALA E 325 -9.47 -5.54 -28.18
C ALA E 325 -10.31 -6.14 -27.07
N MET E 326 -10.21 -5.64 -25.85
CA MET E 326 -11.00 -6.12 -24.72
C MET E 326 -12.25 -5.26 -24.58
N ALA E 327 -13.39 -5.91 -24.43
CA ALA E 327 -14.65 -5.18 -24.25
C ALA E 327 -14.63 -4.39 -22.96
N ALA E 328 -15.33 -3.26 -22.94
CA ALA E 328 -15.37 -2.42 -21.75
C ALA E 328 -16.16 -3.10 -20.65
N GLY E 329 -15.56 -3.15 -19.46
CA GLY E 329 -16.19 -3.79 -18.32
C GLY E 329 -15.83 -5.24 -18.11
N GLN E 330 -14.75 -5.73 -18.71
CA GLN E 330 -14.31 -7.11 -18.56
C GLN E 330 -12.82 -7.14 -18.27
N PHE E 331 -12.40 -8.19 -17.56
CA PHE E 331 -11.00 -8.39 -17.23
C PHE E 331 -10.65 -9.86 -17.37
N LEU E 332 -9.40 -10.11 -17.75
CA LEU E 332 -8.87 -11.46 -17.89
C LEU E 332 -7.53 -11.53 -17.17
N THR E 333 -7.43 -12.43 -16.19
CA THR E 333 -6.22 -12.57 -15.40
C THR E 333 -5.71 -14.01 -15.46
N GLY E 334 -4.40 -14.15 -15.34
CA GLY E 334 -3.83 -15.48 -15.24
C GLY E 334 -2.38 -15.51 -15.72
N ALA E 335 -1.84 -16.72 -15.77
CA ALA E 335 -0.49 -16.96 -16.24
C ALA E 335 -0.55 -17.30 -17.72
N PHE E 336 0.09 -16.47 -18.54
CA PHE E 336 -0.02 -16.59 -19.99
C PHE E 336 1.13 -17.36 -20.62
N ASP E 337 2.35 -17.20 -20.11
CA ASP E 337 3.51 -17.83 -20.75
C ASP E 337 3.43 -19.34 -20.69
N ALA E 338 2.96 -19.89 -19.57
CA ALA E 338 2.90 -21.33 -19.39
C ALA E 338 1.50 -21.91 -19.55
N GLY E 339 0.50 -21.10 -19.86
CA GLY E 339 -0.86 -21.59 -19.96
C GLY E 339 -1.38 -21.69 -21.38
N ALA E 340 -0.64 -21.16 -22.34
CA ALA E 340 -1.08 -21.18 -23.73
C ALA E 340 0.12 -21.01 -24.64
N GLN E 341 -0.07 -21.34 -25.91
CA GLN E 341 0.98 -21.22 -26.90
C GLN E 341 0.37 -20.92 -28.27
N VAL E 342 1.15 -20.28 -29.12
CA VAL E 342 0.74 -19.95 -30.48
C VAL E 342 1.75 -20.56 -31.44
N PHE E 343 1.26 -21.35 -32.38
CA PHE E 343 2.10 -22.02 -33.36
C PHE E 343 1.89 -21.42 -34.74
N ASP E 344 3.00 -21.13 -35.41
CA ASP E 344 2.98 -20.50 -36.73
C ASP E 344 3.20 -21.58 -37.79
N ARG E 345 2.15 -21.89 -38.53
CA ARG E 345 2.25 -22.80 -39.68
C ARG E 345 2.88 -22.14 -40.89
N TRP E 346 2.35 -21.00 -41.32
CA TRP E 346 2.94 -20.17 -42.36
C TRP E 346 3.50 -18.91 -41.72
N ALA E 347 3.97 -18.00 -42.56
CA ALA E 347 4.52 -16.72 -42.12
C ALA E 347 3.66 -15.60 -42.69
N ALA E 348 4.12 -14.36 -42.49
CA ALA E 348 3.42 -13.17 -42.97
C ALA E 348 3.94 -12.71 -44.33
N ARG E 349 4.32 -13.64 -45.19
CA ARG E 349 4.90 -13.29 -46.47
C ARG E 349 3.88 -12.60 -47.36
N VAL E 350 4.39 -11.79 -48.29
CA VAL E 350 3.59 -11.01 -49.23
C VAL E 350 4.02 -11.39 -50.65
N GLU E 351 3.05 -11.69 -51.50
CA GLU E 351 3.34 -12.16 -52.85
C GLU E 351 2.69 -11.24 -53.88
N VAL E 352 3.36 -11.13 -55.03
CA VAL E 352 2.93 -10.25 -56.13
C VAL E 352 2.64 -11.11 -57.35
N ALA E 353 1.45 -10.94 -57.92
CA ALA E 353 1.03 -11.69 -59.09
C ALA E 353 0.65 -10.74 -60.21
N THR E 354 1.17 -11.00 -61.41
CA THR E 354 0.94 -10.16 -62.57
C THR E 354 0.21 -10.88 -63.69
N GLU E 355 -0.39 -12.04 -63.42
CA GLU E 355 -1.14 -12.78 -64.42
C GLU E 355 -2.46 -13.34 -63.91
N ASN E 356 -2.91 -12.92 -62.72
CA ASN E 356 -4.20 -13.37 -62.22
C ASN E 356 -5.31 -12.92 -63.17
N GLN E 357 -6.18 -13.87 -63.54
CA GLN E 357 -7.26 -13.60 -64.49
C GLN E 357 -6.72 -12.92 -65.74
N ASP E 358 -7.48 -11.95 -66.27
CA ASP E 358 -7.04 -11.19 -67.43
C ASP E 358 -6.45 -9.85 -66.97
N ASP E 359 -5.36 -9.94 -66.23
CA ASP E 359 -4.65 -8.76 -65.77
C ASP E 359 -3.38 -8.48 -66.56
N PHE E 360 -2.90 -9.45 -67.34
CA PHE E 360 -1.75 -9.20 -68.19
C PHE E 360 -2.13 -8.31 -69.37
N ILE E 361 -3.32 -8.52 -69.93
CA ILE E 361 -3.76 -7.79 -71.11
C ILE E 361 -4.58 -6.58 -70.71
N LYS E 362 -4.55 -6.23 -69.42
CA LYS E 362 -5.21 -5.02 -68.94
C LYS E 362 -4.27 -4.15 -68.11
N ASN E 363 -3.00 -4.52 -67.99
CA ASN E 363 -1.98 -3.71 -67.32
C ASN E 363 -2.35 -3.42 -65.87
N MET E 364 -2.46 -4.48 -65.08
CA MET E 364 -2.72 -4.38 -63.65
C MET E 364 -1.80 -5.34 -62.90
N VAL E 365 -1.98 -5.43 -61.59
CA VAL E 365 -1.20 -6.33 -60.75
C VAL E 365 -1.96 -6.52 -59.44
N THR E 366 -1.76 -7.66 -58.80
CA THR E 366 -2.41 -7.96 -57.54
C THR E 366 -1.37 -8.38 -56.52
N ILE E 367 -1.66 -8.12 -55.24
CA ILE E 367 -0.75 -8.42 -54.14
C ILE E 367 -1.53 -9.11 -53.04
N LEU E 368 -1.00 -10.22 -52.53
CA LEU E 368 -1.70 -11.09 -51.60
C LEU E 368 -0.87 -11.31 -50.34
N ALA E 369 -1.55 -11.54 -49.22
CA ALA E 369 -0.90 -11.88 -47.97
C ALA E 369 -1.79 -12.83 -47.16
N GLU E 370 -1.13 -13.69 -46.38
CA GLU E 370 -1.81 -14.72 -45.59
C GLU E 370 -0.97 -15.05 -44.36
N GLU E 371 -1.62 -15.60 -43.33
CA GLU E 371 -0.95 -15.87 -42.05
C GLU E 371 -0.90 -17.35 -41.68
N ARG E 372 -2.05 -18.02 -41.53
CA ARG E 372 -2.13 -19.43 -41.15
C ARG E 372 -1.41 -19.71 -39.82
N LEU E 373 -2.00 -19.18 -38.74
CA LEU E 373 -1.52 -19.44 -37.39
C LEU E 373 -2.50 -20.37 -36.66
N ALA E 374 -2.12 -20.78 -35.44
CA ALA E 374 -3.00 -21.58 -34.60
C ALA E 374 -2.67 -21.36 -33.14
N LEU E 375 -3.64 -21.66 -32.27
CA LEU E 375 -3.55 -21.40 -30.84
C LEU E 375 -3.90 -22.66 -30.06
N ALA E 376 -3.15 -22.91 -28.98
CA ALA E 376 -3.39 -24.05 -28.10
C ALA E 376 -3.42 -23.58 -26.66
N VAL E 377 -4.43 -24.02 -25.91
CA VAL E 377 -4.58 -23.67 -24.49
C VAL E 377 -4.49 -24.96 -23.70
N TYR E 378 -3.39 -25.13 -22.96
CA TYR E 378 -3.18 -26.38 -22.24
C TYR E 378 -4.13 -26.52 -21.05
N ARG E 379 -4.23 -25.48 -20.23
CA ARG E 379 -4.96 -25.54 -18.97
C ARG E 379 -5.98 -24.40 -18.92
N PRO E 380 -7.20 -24.64 -19.40
CA PRO E 380 -8.22 -23.59 -19.39
C PRO E 380 -8.62 -23.11 -18.01
N GLU E 381 -8.38 -23.90 -16.96
CA GLU E 381 -8.80 -23.52 -15.61
C GLU E 381 -7.82 -22.58 -14.94
N SER E 382 -6.71 -22.24 -15.57
CA SER E 382 -5.75 -21.29 -15.01
C SER E 382 -5.99 -19.86 -15.46
N PHE E 383 -7.03 -19.61 -16.25
CA PHE E 383 -7.38 -18.28 -16.73
C PHE E 383 -8.73 -17.90 -16.14
N ILE E 384 -8.80 -16.73 -15.52
CA ILE E 384 -10.04 -16.22 -14.92
C ILE E 384 -10.52 -15.05 -15.76
N LYS E 385 -11.81 -15.04 -16.07
CA LYS E 385 -12.42 -13.92 -16.78
C LYS E 385 -13.61 -13.43 -15.97
N GLY E 386 -13.83 -12.13 -15.98
CA GLY E 386 -14.92 -11.60 -15.17
C GLY E 386 -15.24 -10.16 -15.53
N SER E 387 -16.19 -9.61 -14.79
CA SER E 387 -16.66 -8.24 -14.96
C SER E 387 -16.25 -7.40 -13.76
N LEU E 388 -15.86 -6.16 -14.03
CA LEU E 388 -15.41 -5.29 -12.95
C LEU E 388 -16.59 -4.77 -12.13
N THR E 389 -17.74 -4.60 -12.77
CA THR E 389 -18.92 -4.10 -12.06
C THR E 389 -19.68 -5.26 -11.41
N ALA E 390 -20.34 -4.94 -10.29
CA ALA E 390 -21.10 -5.96 -9.57
C ALA E 390 -22.29 -6.45 -10.38
N ALA E 391 -22.97 -5.55 -11.09
CA ALA E 391 -24.17 -5.88 -11.87
C ALA E 391 -25.22 -6.54 -10.99
N ALA E 392 -25.58 -5.83 -9.92
CA ALA E 392 -26.57 -6.33 -8.97
C ALA E 392 -27.98 -6.31 -9.56
N ALA F 107 -7.49 89.09 2.38
CA ALA F 107 -8.05 87.78 2.11
C ALA F 107 -7.40 87.16 0.88
N ILE F 108 -6.09 87.32 0.76
CA ILE F 108 -5.34 86.75 -0.36
C ILE F 108 -5.29 85.24 -0.19
N THR F 109 -5.87 84.52 -1.14
CA THR F 109 -6.04 83.08 -1.07
C THR F 109 -5.44 82.44 -2.32
N SER F 110 -5.73 81.15 -2.51
CA SER F 110 -5.32 80.43 -3.71
C SER F 110 -6.45 80.31 -4.73
N LEU F 111 -7.59 80.93 -4.48
CA LEU F 111 -8.70 80.88 -5.43
C LEU F 111 -8.33 81.58 -6.73
N THR F 112 -8.91 81.10 -7.83
CA THR F 112 -8.64 81.65 -9.15
C THR F 112 -9.83 82.35 -9.76
N THR F 113 -10.95 82.44 -9.06
CA THR F 113 -12.13 83.10 -9.60
C THR F 113 -11.90 84.60 -9.70
N ASN F 114 -12.70 85.25 -10.54
CA ASN F 114 -12.59 86.69 -10.76
C ASN F 114 -13.31 87.42 -9.63
N ALA F 115 -12.63 87.60 -8.51
CA ALA F 115 -13.20 88.30 -7.36
C ALA F 115 -12.07 89.06 -6.67
N ASP F 116 -12.35 89.58 -5.48
CA ASP F 116 -11.38 90.37 -4.73
C ASP F 116 -10.40 89.46 -4.03
N GLY F 117 -9.11 89.74 -4.18
CA GLY F 117 -8.07 89.00 -3.49
C GLY F 117 -7.98 87.54 -3.85
N SER F 118 -8.02 87.21 -5.15
CA SER F 118 -7.91 85.82 -5.59
C SER F 118 -6.46 85.39 -5.73
N ALA F 119 -5.72 86.04 -6.62
CA ALA F 119 -4.27 85.85 -6.76
C ALA F 119 -3.88 84.40 -6.93
N GLY F 120 -4.77 83.57 -7.48
CA GLY F 120 -4.52 82.16 -7.65
C GLY F 120 -3.76 81.77 -8.89
N ALA F 121 -3.58 82.69 -9.85
CA ALA F 121 -2.88 82.40 -11.08
C ALA F 121 -1.38 82.55 -10.97
N THR F 122 -0.87 82.93 -9.80
CA THR F 122 0.57 83.12 -9.64
C THR F 122 1.30 81.78 -9.65
N VAL F 123 0.71 80.75 -9.04
CA VAL F 123 1.36 79.46 -8.97
C VAL F 123 1.14 78.68 -10.26
N GLN F 124 2.15 77.95 -10.69
CA GLN F 124 2.11 77.17 -11.92
C GLN F 124 2.23 75.69 -11.59
N THR F 125 1.27 74.89 -12.06
CA THR F 125 1.26 73.47 -11.78
C THR F 125 2.43 72.77 -12.48
N THR F 126 2.96 71.74 -11.83
CA THR F 126 4.03 70.94 -12.41
C THR F 126 3.46 69.67 -13.03
N ARG F 127 4.21 69.10 -13.97
CA ARG F 127 3.75 67.98 -14.78
C ARG F 127 4.62 66.77 -14.51
N LEU F 128 4.00 65.65 -14.18
CA LEU F 128 4.73 64.41 -13.97
C LEU F 128 5.18 63.82 -15.30
N PRO F 129 6.45 63.46 -15.42
CA PRO F 129 6.97 62.97 -16.70
C PRO F 129 6.42 61.59 -17.06
N GLY F 130 6.53 61.27 -18.34
CA GLY F 130 6.09 59.98 -18.85
C GLY F 130 4.61 59.94 -19.17
N ILE F 131 4.21 58.84 -19.80
CA ILE F 131 2.83 58.61 -20.21
C ILE F 131 2.38 57.29 -19.63
N ARG F 132 1.15 57.26 -19.11
CA ARG F 132 0.57 56.04 -18.54
C ARG F 132 -0.32 55.38 -19.59
N GLU F 133 -0.05 54.10 -19.85
CA GLU F 133 -0.73 53.36 -20.91
C GLU F 133 -1.70 52.34 -20.33
N LEU F 134 -2.57 51.84 -21.21
CA LEU F 134 -3.47 50.77 -20.84
C LEU F 134 -2.71 49.46 -20.67
N PRO F 135 -3.24 48.52 -19.90
CA PRO F 135 -2.55 47.23 -19.72
C PRO F 135 -2.76 46.31 -20.92
N GLN F 136 -1.87 45.34 -21.04
CA GLN F 136 -1.83 44.44 -22.18
C GLN F 136 -2.04 43.00 -21.72
N ARG F 137 -2.31 42.12 -22.68
CA ARG F 137 -2.47 40.70 -22.45
C ARG F 137 -1.14 39.99 -22.75
N ARG F 138 -1.17 38.66 -22.79
CA ARG F 138 0.03 37.87 -23.04
C ARG F 138 0.17 37.42 -24.49
N MET F 139 -0.91 37.01 -25.14
CA MET F 139 -0.87 36.61 -26.55
C MET F 139 0.15 35.48 -26.76
N THR F 140 -0.12 34.34 -26.13
CA THR F 140 0.85 33.26 -26.02
C THR F 140 0.38 31.95 -26.65
N ILE F 141 -0.40 32.01 -27.74
CA ILE F 141 -0.81 30.78 -28.41
C ILE F 141 0.05 30.58 -29.65
N ARG F 142 0.77 31.62 -30.06
CA ARG F 142 1.66 31.49 -31.21
C ARG F 142 2.89 30.67 -30.86
N SER F 143 3.40 30.81 -29.63
CA SER F 143 4.58 30.05 -29.23
C SER F 143 4.27 28.58 -29.00
N LEU F 144 3.01 28.24 -28.76
CA LEU F 144 2.64 26.83 -28.61
C LEU F 144 2.89 26.06 -29.90
N LEU F 145 2.49 26.62 -31.03
CA LEU F 145 2.58 25.94 -32.32
C LEU F 145 4.02 25.99 -32.82
N ALA F 146 4.24 25.50 -34.04
CA ALA F 146 5.53 25.56 -34.69
C ALA F 146 5.52 26.63 -35.77
N GLN F 147 6.71 27.15 -36.09
CA GLN F 147 6.85 28.25 -37.03
C GLN F 147 7.65 27.83 -38.24
N GLY F 148 7.38 28.48 -39.37
CA GLY F 148 8.10 28.21 -40.59
C GLY F 148 7.90 29.32 -41.59
N THR F 149 8.64 29.21 -42.70
CA THR F 149 8.60 30.21 -43.76
C THR F 149 8.01 29.59 -45.02
N MET F 150 7.41 30.44 -45.84
CA MET F 150 6.79 29.99 -47.09
C MET F 150 7.02 31.04 -48.17
N GLU F 151 6.84 30.62 -49.41
CA GLU F 151 6.90 31.51 -50.57
C GLU F 151 5.69 31.25 -51.45
N GLY F 152 5.31 32.26 -52.22
CA GLY F 152 4.11 32.16 -53.02
C GLY F 152 2.87 32.47 -52.22
N ASN F 153 1.73 31.86 -52.58
CA ASN F 153 0.48 32.20 -51.94
C ASN F 153 -0.20 30.97 -51.34
N THR F 154 -0.02 29.80 -51.98
CA THR F 154 -0.74 28.60 -51.59
C THR F 154 0.23 27.48 -51.23
N LEU F 155 -0.13 26.75 -50.18
CA LEU F 155 0.56 25.52 -49.81
C LEU F 155 -0.42 24.36 -49.93
N GLU F 156 0.12 23.15 -50.10
CA GLU F 156 -0.71 21.97 -50.24
C GLU F 156 0.04 20.76 -49.72
N TYR F 157 -0.71 19.80 -49.18
CA TYR F 157 -0.15 18.56 -48.68
C TYR F 157 -1.07 17.40 -49.04
N VAL F 158 -0.51 16.20 -48.98
CA VAL F 158 -1.22 14.97 -49.33
C VAL F 158 -1.36 14.12 -48.09
N ARG F 159 -2.56 13.59 -47.89
CA ARG F 159 -2.87 12.80 -46.70
C ARG F 159 -3.63 11.56 -47.10
N GLU F 160 -3.59 10.56 -46.23
CA GLU F 160 -4.37 9.33 -46.39
C GLU F 160 -5.70 9.49 -45.68
N THR F 161 -6.79 9.18 -46.37
CA THR F 161 -8.13 9.48 -45.86
C THR F 161 -8.99 8.24 -45.68
N GLY F 162 -8.41 7.05 -45.74
CA GLY F 162 -9.18 5.85 -45.52
C GLY F 162 -8.35 4.60 -45.73
N PHE F 163 -8.87 3.50 -45.20
CA PHE F 163 -8.28 2.17 -45.38
C PHE F 163 -9.33 1.15 -44.96
N THR F 164 -9.64 0.20 -45.84
CA THR F 164 -10.73 -0.71 -45.57
C THR F 164 -10.31 -1.86 -44.64
N ASN F 165 -9.25 -2.58 -45.02
CA ASN F 165 -8.74 -3.71 -44.24
C ASN F 165 -9.86 -4.73 -43.97
N ALA F 166 -10.38 -5.29 -45.05
CA ALA F 166 -11.44 -6.30 -44.97
C ALA F 166 -10.84 -7.70 -44.91
N ALA F 167 -9.93 -7.89 -43.96
CA ALA F 167 -9.29 -9.17 -43.74
C ALA F 167 -10.18 -10.06 -42.90
N ALA F 168 -10.25 -11.34 -43.26
CA ALA F 168 -11.11 -12.30 -42.56
C ALA F 168 -10.60 -13.69 -42.84
N PRO F 169 -10.92 -14.67 -41.99
CA PRO F 169 -10.56 -16.05 -42.29
C PRO F 169 -11.31 -16.56 -43.51
N VAL F 170 -10.67 -17.46 -44.24
CA VAL F 170 -11.21 -17.98 -45.50
C VAL F 170 -11.25 -19.50 -45.42
N ALA F 171 -12.12 -20.10 -46.23
CA ALA F 171 -12.20 -21.55 -46.32
C ALA F 171 -11.00 -22.06 -47.13
N GLU F 172 -10.98 -23.36 -47.40
CA GLU F 172 -9.85 -23.93 -48.14
C GLU F 172 -9.90 -23.58 -49.62
N GLY F 173 -11.09 -23.45 -50.19
CA GLY F 173 -11.23 -23.16 -51.60
C GLY F 173 -12.15 -22.01 -51.92
N ALA F 174 -12.12 -20.96 -51.11
CA ALA F 174 -12.97 -19.80 -51.28
C ALA F 174 -12.16 -18.61 -51.76
N GLN F 175 -12.85 -17.58 -52.24
CA GLN F 175 -12.23 -16.38 -52.76
C GLN F 175 -11.82 -15.46 -51.62
N LYS F 176 -10.56 -15.03 -51.63
CA LYS F 176 -10.04 -14.17 -50.58
C LYS F 176 -10.70 -12.80 -50.66
N PRO F 177 -10.78 -12.06 -49.55
CA PRO F 177 -11.45 -10.76 -49.57
C PRO F 177 -10.54 -9.65 -50.11
N GLU F 178 -11.17 -8.53 -50.44
CA GLU F 178 -10.50 -7.39 -51.05
C GLU F 178 -10.09 -6.35 -50.01
N SER F 179 -9.43 -5.30 -50.47
CA SER F 179 -9.02 -4.17 -49.65
C SER F 179 -8.81 -2.98 -50.57
N SER F 180 -8.70 -1.79 -49.97
CA SER F 180 -8.54 -0.58 -50.76
C SER F 180 -7.91 0.51 -49.90
N LEU F 181 -7.33 1.49 -50.58
CA LEU F 181 -6.77 2.69 -49.97
C LEU F 181 -7.48 3.93 -50.54
N LYS F 182 -7.12 5.10 -50.01
CA LYS F 182 -7.68 6.34 -50.49
C LYS F 182 -6.86 7.54 -50.02
N PHE F 183 -6.58 8.47 -50.93
CA PHE F 183 -5.74 9.62 -50.65
C PHE F 183 -6.51 10.90 -50.95
N ASP F 184 -5.98 12.02 -50.43
CA ASP F 184 -6.58 13.32 -50.64
C ASP F 184 -5.49 14.39 -50.60
N LEU F 185 -5.79 15.54 -51.19
CA LEU F 185 -4.87 16.66 -51.24
C LEU F 185 -5.59 17.90 -50.70
N VAL F 186 -4.96 18.56 -49.73
CA VAL F 186 -5.56 19.70 -49.04
C VAL F 186 -4.67 20.91 -49.22
N GLN F 187 -5.27 22.04 -49.60
CA GLN F 187 -4.56 23.27 -49.87
C GLN F 187 -5.02 24.37 -48.93
N THR F 188 -4.08 25.23 -48.56
CA THR F 188 -4.35 26.40 -47.74
C THR F 188 -3.73 27.62 -48.40
N SER F 189 -4.32 28.78 -48.16
CA SER F 189 -3.87 30.03 -48.73
C SER F 189 -3.31 30.93 -47.63
N ALA F 190 -2.68 32.03 -48.06
CA ALA F 190 -2.08 32.99 -47.15
C ALA F 190 -2.89 34.28 -47.18
N LYS F 191 -3.16 34.84 -46.00
CA LYS F 191 -3.92 36.07 -45.87
C LYS F 191 -3.01 37.19 -45.39
N VAL F 192 -3.50 38.42 -45.52
CA VAL F 192 -2.76 39.62 -45.13
C VAL F 192 -3.57 40.38 -44.10
N ILE F 193 -2.90 40.85 -43.04
CA ILE F 193 -3.51 41.68 -42.01
C ILE F 193 -2.74 42.99 -41.96
N ALA F 194 -3.47 44.11 -42.06
CA ALA F 194 -2.82 45.41 -42.16
C ALA F 194 -3.75 46.49 -41.66
N HIS F 195 -3.16 47.58 -41.18
CA HIS F 195 -3.93 48.74 -40.73
C HIS F 195 -3.02 49.95 -40.67
N TRP F 196 -3.62 51.13 -40.82
CA TRP F 196 -2.89 52.39 -40.88
C TRP F 196 -3.65 53.46 -40.11
N MET F 197 -2.94 54.52 -39.74
CA MET F 197 -3.57 55.73 -39.21
C MET F 197 -2.86 56.98 -39.70
N LYS F 198 -3.59 58.09 -39.66
CA LYS F 198 -3.20 59.36 -40.26
C LYS F 198 -3.01 60.41 -39.17
N ALA F 199 -1.82 61.03 -39.16
CA ALA F 199 -1.49 62.03 -38.16
C ALA F 199 -1.22 63.36 -38.83
N SER F 200 -1.80 64.41 -38.27
CA SER F 200 -1.54 65.76 -38.78
C SER F 200 -0.08 66.13 -38.60
N ARG F 201 0.43 66.94 -39.52
CA ARG F 201 1.83 67.33 -39.47
C ARG F 201 2.12 68.31 -38.34
N GLN F 202 1.14 69.12 -37.95
CA GLN F 202 1.37 70.11 -36.89
C GLN F 202 1.40 69.46 -35.51
N ILE F 203 0.62 68.39 -35.30
CA ILE F 203 0.59 67.76 -33.98
C ILE F 203 1.92 67.06 -33.71
N LEU F 204 2.60 66.59 -34.75
CA LEU F 204 3.97 66.14 -34.60
C LEU F 204 4.90 67.33 -34.49
N SER F 205 6.08 67.11 -33.91
CA SER F 205 7.08 68.09 -33.55
C SER F 205 6.65 68.94 -32.36
N ASP F 206 5.40 68.81 -31.89
CA ASP F 206 4.98 69.33 -30.61
C ASP F 206 5.05 68.29 -29.51
N SER F 207 4.78 67.03 -29.83
CA SER F 207 5.00 65.89 -28.93
C SER F 207 6.20 65.13 -29.44
N ALA F 208 7.33 65.26 -28.75
CA ALA F 208 8.56 64.65 -29.22
C ALA F 208 8.54 63.13 -29.13
N GLN F 209 7.57 62.54 -28.43
CA GLN F 209 7.52 61.09 -28.25
C GLN F 209 6.35 60.43 -28.97
N LEU F 210 5.57 61.18 -29.75
CA LEU F 210 4.39 60.61 -30.38
C LEU F 210 4.75 59.62 -31.49
N GLN F 211 5.87 59.83 -32.18
CA GLN F 211 6.22 58.97 -33.30
C GLN F 211 6.46 57.53 -32.84
N SER F 212 7.29 57.35 -31.81
CA SER F 212 7.55 56.02 -31.29
C SER F 212 6.30 55.39 -30.70
N PHE F 213 5.45 56.20 -30.06
CA PHE F 213 4.19 55.68 -29.53
C PHE F 213 3.31 55.14 -30.64
N ILE F 214 3.19 55.89 -31.75
CA ILE F 214 2.39 55.42 -32.88
C ILE F 214 2.98 54.14 -33.45
N ASN F 215 4.30 54.09 -33.59
CA ASN F 215 4.93 52.88 -34.14
C ASN F 215 4.65 51.67 -33.25
N ALA F 216 4.83 51.83 -31.93
CA ALA F 216 4.61 50.73 -31.01
C ALA F 216 3.15 50.28 -31.01
N ARG F 217 2.22 51.24 -31.04
CA ARG F 217 0.81 50.88 -31.08
C ARG F 217 0.46 50.12 -32.35
N LEU F 218 1.02 50.54 -33.50
CA LEU F 218 0.74 49.83 -34.74
C LEU F 218 1.32 48.42 -34.71
N LEU F 219 2.53 48.24 -34.19
CA LEU F 219 3.06 46.89 -34.06
C LEU F 219 2.23 46.03 -33.12
N ARG F 220 1.78 46.59 -31.99
CA ARG F 220 1.01 45.81 -31.02
C ARG F 220 -0.38 45.48 -31.54
N GLY F 221 -0.95 46.31 -32.40
CA GLY F 221 -2.30 46.06 -32.89
C GLY F 221 -2.41 44.85 -33.79
N LEU F 222 -1.32 44.46 -34.46
CA LEU F 222 -1.35 43.28 -35.30
C LEU F 222 -1.40 41.99 -34.49
N GLU F 223 -0.72 41.96 -33.35
CA GLU F 223 -0.64 40.73 -32.56
C GLU F 223 -2.01 40.31 -32.05
N VAL F 224 -2.84 41.26 -31.62
CA VAL F 224 -4.14 40.91 -31.05
C VAL F 224 -5.02 40.24 -32.10
N VAL F 225 -5.11 40.84 -33.29
CA VAL F 225 -5.94 40.26 -34.34
C VAL F 225 -5.35 38.96 -34.85
N GLU F 226 -4.02 38.86 -34.87
CA GLU F 226 -3.40 37.59 -35.26
C GLU F 226 -3.77 36.48 -34.29
N GLU F 227 -3.71 36.75 -32.98
CA GLU F 227 -4.06 35.75 -31.99
C GLU F 227 -5.54 35.38 -32.10
N ASN F 228 -6.40 36.38 -32.30
CA ASN F 228 -7.83 36.10 -32.42
C ASN F 228 -8.12 35.24 -33.64
N GLN F 229 -7.46 35.52 -34.77
CA GLN F 229 -7.66 34.70 -35.96
C GLN F 229 -7.10 33.29 -35.79
N LEU F 230 -5.92 33.17 -35.16
CA LEU F 230 -5.32 31.85 -34.96
C LEU F 230 -6.18 30.99 -34.06
N LEU F 231 -6.74 31.57 -32.99
CA LEU F 231 -7.55 30.80 -32.07
C LEU F 231 -8.85 30.34 -32.72
N ASN F 232 -9.71 31.28 -33.10
CA ASN F 232 -11.03 30.96 -33.63
C ASN F 232 -11.36 31.93 -34.76
N GLY F 233 -11.07 31.53 -35.99
CA GLY F 233 -11.46 32.29 -37.16
C GLY F 233 -12.45 31.54 -38.01
N ASN F 234 -13.45 32.23 -38.54
CA ASN F 234 -14.49 31.57 -39.31
C ASN F 234 -13.95 30.91 -40.57
N GLY F 235 -13.05 31.57 -41.29
CA GLY F 235 -12.48 31.03 -42.50
C GLY F 235 -13.25 31.30 -43.77
N THR F 236 -14.40 31.99 -43.69
CA THR F 236 -15.19 32.33 -44.86
C THR F 236 -14.82 33.75 -45.30
N GLY F 237 -14.53 33.91 -46.58
CA GLY F 237 -14.09 35.19 -47.10
C GLY F 237 -12.60 35.37 -46.98
N GLN F 238 -12.17 36.49 -46.43
CA GLN F 238 -10.76 36.75 -46.20
C GLN F 238 -10.28 36.29 -44.84
N ASN F 239 -11.14 35.66 -44.05
CA ASN F 239 -10.77 35.19 -42.73
C ASN F 239 -9.80 34.01 -42.83
N LEU F 240 -9.38 33.52 -41.68
CA LEU F 240 -8.44 32.40 -41.59
C LEU F 240 -9.03 31.33 -40.67
N LEU F 241 -8.94 30.08 -41.10
CA LEU F 241 -9.53 28.98 -40.35
C LEU F 241 -8.63 28.63 -39.17
N GLY F 242 -9.18 28.68 -37.96
CA GLY F 242 -8.40 28.52 -36.75
C GLY F 242 -8.55 27.15 -36.12
N LEU F 243 -7.79 26.95 -35.04
CA LEU F 243 -7.76 25.65 -34.36
C LEU F 243 -9.11 25.32 -33.74
N LEU F 244 -9.75 26.27 -33.07
CA LEU F 244 -10.96 25.98 -32.33
C LEU F 244 -12.12 25.52 -33.21
N PRO F 245 -12.45 26.18 -34.33
CA PRO F 245 -13.58 25.68 -35.14
C PRO F 245 -13.36 24.31 -35.75
N GLN F 246 -12.12 23.85 -35.86
CA GLN F 246 -11.82 22.55 -36.43
C GLN F 246 -11.74 21.43 -35.38
N ALA F 247 -11.87 21.77 -34.11
CA ALA F 247 -11.70 20.80 -33.03
C ALA F 247 -12.94 19.92 -32.90
N THR F 248 -12.72 18.70 -32.44
CA THR F 248 -13.81 17.75 -32.23
C THR F 248 -14.49 18.01 -30.88
N ALA F 249 -15.78 17.69 -30.82
CA ALA F 249 -16.57 17.87 -29.62
C ALA F 249 -16.11 16.89 -28.53
N PHE F 250 -16.46 17.21 -27.29
CA PHE F 250 -16.08 16.41 -26.13
C PHE F 250 -17.23 15.51 -25.73
N ALA F 251 -16.99 14.21 -25.69
CA ALA F 251 -17.96 13.23 -25.22
C ALA F 251 -17.29 12.37 -24.16
N ALA F 252 -17.96 12.18 -23.03
CA ALA F 252 -17.39 11.43 -21.93
C ALA F 252 -17.34 9.95 -22.28
N PRO F 253 -16.15 9.32 -22.32
CA PRO F 253 -16.09 7.88 -22.59
C PRO F 253 -16.83 7.03 -21.58
N ILE F 254 -16.80 7.41 -20.30
CA ILE F 254 -17.41 6.66 -19.22
C ILE F 254 -18.24 7.61 -18.37
N THR F 255 -18.85 7.06 -17.32
CA THR F 255 -19.67 7.82 -16.40
C THR F 255 -19.00 7.88 -15.03
N VAL F 256 -18.93 9.08 -14.47
CA VAL F 256 -18.32 9.32 -13.16
C VAL F 256 -19.39 9.86 -12.24
N ALA F 257 -19.29 9.51 -10.95
CA ALA F 257 -20.34 9.85 -9.99
C ALA F 257 -20.47 11.35 -9.81
N ASN F 258 -19.35 12.05 -9.59
CA ASN F 258 -19.37 13.47 -9.30
C ASN F 258 -18.51 14.22 -10.31
N ALA F 259 -19.01 15.36 -10.77
CA ALA F 259 -18.31 16.18 -11.76
C ALA F 259 -17.21 16.99 -11.08
N THR F 260 -16.02 16.95 -11.65
CA THR F 260 -14.88 17.71 -11.18
C THR F 260 -14.00 18.07 -12.37
N ALA F 261 -13.44 19.28 -12.33
CA ALA F 261 -12.62 19.74 -13.45
C ALA F 261 -11.45 18.80 -13.71
N VAL F 262 -10.84 18.28 -12.64
CA VAL F 262 -9.77 17.30 -12.80
C VAL F 262 -10.29 16.04 -13.47
N ASP F 263 -11.47 15.57 -13.05
CA ASP F 263 -12.06 14.38 -13.67
C ASP F 263 -12.38 14.62 -15.13
N ARG F 264 -12.92 15.79 -15.46
CA ARG F 264 -13.24 16.08 -16.86
C ARG F 264 -11.99 16.16 -17.71
N LEU F 265 -10.92 16.76 -17.17
CA LEU F 265 -9.67 16.81 -17.92
C LEU F 265 -9.10 15.42 -18.13
N ARG F 266 -9.19 14.55 -17.11
CA ARG F 266 -8.72 13.18 -17.27
C ARG F 266 -9.55 12.43 -18.32
N LEU F 267 -10.86 12.66 -18.34
CA LEU F 267 -11.70 12.03 -19.35
C LEU F 267 -11.34 12.52 -20.75
N ALA F 268 -11.04 13.83 -20.88
CA ALA F 268 -10.61 14.35 -22.17
C ALA F 268 -9.30 13.74 -22.61
N LEU F 269 -8.35 13.58 -21.68
CA LEU F 269 -7.09 12.92 -22.01
C LEU F 269 -7.32 11.47 -22.45
N LEU F 270 -8.23 10.77 -21.76
CA LEU F 270 -8.55 9.39 -22.13
C LEU F 270 -9.14 9.33 -23.54
N GLN F 271 -10.07 10.24 -23.84
CA GLN F 271 -10.66 10.26 -25.18
C GLN F 271 -9.61 10.58 -26.24
N ALA F 272 -8.66 11.45 -25.92
CA ALA F 272 -7.55 11.72 -26.84
C ALA F 272 -6.72 10.46 -27.06
N GLN F 273 -6.44 9.71 -26.00
CA GLN F 273 -5.61 8.52 -26.11
C GLN F 273 -6.32 7.36 -26.78
N LEU F 274 -7.64 7.30 -26.74
CA LEU F 274 -8.37 6.21 -27.37
C LEU F 274 -8.21 6.23 -28.89
N ALA F 275 -8.12 7.43 -29.48
CA ALA F 275 -7.97 7.57 -30.92
C ALA F 275 -6.51 7.56 -31.38
N GLU F 276 -5.60 7.01 -30.56
CA GLU F 276 -4.19 6.91 -30.89
C GLU F 276 -3.56 8.29 -31.15
N PHE F 277 -4.06 9.31 -30.46
CA PHE F 277 -3.56 10.68 -30.58
C PHE F 277 -3.27 11.20 -29.19
N PRO F 278 -2.07 10.92 -28.66
CA PRO F 278 -1.74 11.39 -27.31
C PRO F 278 -1.70 12.91 -27.25
N ALA F 279 -2.18 13.44 -26.13
CA ALA F 279 -2.18 14.89 -25.91
C ALA F 279 -0.86 15.32 -25.29
N THR F 280 -0.56 16.61 -25.43
CA THR F 280 0.68 17.17 -24.92
C THR F 280 0.46 18.42 -24.08
N GLY F 281 -0.60 19.18 -24.34
CA GLY F 281 -0.82 20.42 -23.62
C GLY F 281 -2.29 20.70 -23.42
N ILE F 282 -2.55 21.49 -22.38
CA ILE F 282 -3.90 21.94 -22.02
C ILE F 282 -3.90 23.46 -21.99
N VAL F 283 -4.97 24.07 -22.51
CA VAL F 283 -5.17 25.51 -22.47
C VAL F 283 -6.52 25.76 -21.81
N LEU F 284 -6.54 26.60 -20.78
CA LEU F 284 -7.78 26.84 -20.05
C LEU F 284 -7.73 28.22 -19.40
N ASN F 285 -8.92 28.70 -19.02
CA ASN F 285 -9.05 30.03 -18.46
C ASN F 285 -8.43 30.08 -17.06
N PRO F 286 -7.74 31.17 -16.71
CA PRO F 286 -7.14 31.24 -15.37
C PRO F 286 -8.16 31.20 -14.24
N ALA F 287 -9.40 31.64 -14.49
CA ALA F 287 -10.43 31.54 -13.47
C ALA F 287 -10.71 30.08 -13.11
N ASP F 288 -10.74 29.20 -14.11
CA ASP F 288 -10.95 27.78 -13.84
C ASP F 288 -9.73 27.17 -13.15
N TRP F 289 -8.53 27.68 -13.45
CA TRP F 289 -7.34 27.23 -12.72
C TRP F 289 -7.44 27.60 -11.25
N ALA F 290 -7.88 28.82 -10.95
CA ALA F 290 -8.08 29.21 -9.56
C ALA F 290 -9.15 28.36 -8.90
N GLY F 291 -10.25 28.08 -9.61
CA GLY F 291 -11.27 27.22 -9.07
C GLY F 291 -10.77 25.82 -8.77
N ILE F 292 -9.89 25.29 -9.62
CA ILE F 292 -9.24 24.02 -9.36
C ILE F 292 -8.39 24.10 -8.10
N GLU F 293 -7.64 25.20 -7.95
CA GLU F 293 -6.79 25.38 -6.77
C GLU F 293 -7.61 25.45 -5.48
N LEU F 294 -8.91 25.73 -5.56
CA LEU F 294 -9.76 25.84 -4.39
C LEU F 294 -10.67 24.63 -4.20
N LEU F 295 -10.18 23.44 -4.50
CA LEU F 295 -10.98 22.22 -4.29
C LEU F 295 -10.79 21.71 -2.87
N LYS F 296 -11.88 21.24 -2.27
CA LYS F 296 -11.85 20.82 -0.87
C LYS F 296 -12.35 19.39 -0.68
N ASP F 297 -12.46 18.99 0.58
CA ASP F 297 -12.92 17.67 0.99
C ASP F 297 -14.33 17.78 1.55
N THR F 298 -14.84 16.67 2.06
CA THR F 298 -16.01 16.73 2.92
C THR F 298 -15.65 17.22 4.31
N GLN F 299 -14.44 16.91 4.78
CA GLN F 299 -13.98 17.42 6.07
C GLN F 299 -13.65 18.90 5.97
N GLY F 300 -12.92 19.31 4.93
CA GLY F 300 -12.59 20.71 4.75
C GLY F 300 -11.13 20.97 4.40
N ARG F 301 -10.35 19.92 4.19
CA ARG F 301 -8.96 20.08 3.78
C ARG F 301 -8.88 20.41 2.29
N TYR F 302 -7.67 20.75 1.84
CA TYR F 302 -7.42 21.09 0.45
C TYR F 302 -6.74 19.93 -0.25
N ILE F 303 -7.23 19.60 -1.44
CA ILE F 303 -6.70 18.46 -2.18
C ILE F 303 -5.39 18.82 -2.88
N LEU F 304 -5.37 19.95 -3.60
CA LEU F 304 -4.15 20.43 -4.24
C LEU F 304 -3.71 21.79 -3.75
N GLY F 305 -4.64 22.61 -3.26
CA GLY F 305 -4.30 23.96 -2.86
C GLY F 305 -3.38 24.02 -1.66
N ASN F 306 -2.62 25.11 -1.61
CA ASN F 306 -1.67 25.36 -0.54
C ASN F 306 -1.76 26.82 -0.11
N PRO F 307 -2.47 27.11 0.99
CA PRO F 307 -2.58 28.52 1.42
C PRO F 307 -1.24 29.15 1.76
N GLN F 308 -0.25 28.37 2.14
CA GLN F 308 1.07 28.89 2.48
C GLN F 308 2.06 28.65 1.35
N GLY F 309 1.53 28.63 0.12
CA GLY F 309 2.34 28.36 -1.03
C GLY F 309 1.57 28.57 -2.32
N THR F 310 2.11 27.99 -3.40
CA THR F 310 1.54 28.13 -4.72
C THR F 310 1.50 26.77 -5.41
N LEU F 311 0.61 26.66 -6.40
CA LEU F 311 0.40 25.43 -7.14
C LEU F 311 1.24 25.44 -8.41
N ALA F 312 1.92 24.33 -8.67
CA ALA F 312 2.74 24.20 -9.86
C ALA F 312 1.86 24.14 -11.11
N PRO F 313 2.33 24.62 -12.26
CA PRO F 313 1.49 24.62 -13.47
C PRO F 313 1.61 23.32 -14.27
N THR F 314 0.94 22.28 -13.76
CA THR F 314 0.89 20.99 -14.44
C THR F 314 -0.32 20.23 -13.94
N LEU F 315 -0.75 19.25 -14.74
CA LEU F 315 -1.91 18.44 -14.38
C LEU F 315 -1.90 17.17 -15.20
N TRP F 316 -1.93 16.03 -14.51
CA TRP F 316 -1.92 14.71 -15.15
C TRP F 316 -0.71 14.53 -16.06
N GLY F 317 0.41 15.12 -15.67
CA GLY F 317 1.64 14.99 -16.45
C GLY F 317 1.70 15.85 -17.69
N LEU F 318 0.69 16.68 -17.94
CA LEU F 318 0.66 17.55 -19.11
C LEU F 318 0.70 19.01 -18.69
N PRO F 319 1.53 19.82 -19.33
CA PRO F 319 1.56 21.24 -19.02
C PRO F 319 0.22 21.91 -19.32
N VAL F 320 -0.14 22.86 -18.45
CA VAL F 320 -1.38 23.62 -18.55
C VAL F 320 -1.01 25.09 -18.65
N VAL F 321 -1.69 25.81 -19.54
CA VAL F 321 -1.45 27.23 -19.76
C VAL F 321 -2.76 27.98 -19.59
N ALA F 322 -2.72 29.08 -18.84
CA ALA F 322 -3.88 29.92 -18.60
C ALA F 322 -3.81 31.16 -19.49
N THR F 323 -4.90 31.46 -20.18
CA THR F 323 -4.97 32.60 -21.06
C THR F 323 -6.40 33.14 -21.07
N GLN F 324 -6.51 34.47 -21.02
CA GLN F 324 -7.81 35.13 -21.05
C GLN F 324 -8.52 34.97 -22.39
N ALA F 325 -7.82 34.52 -23.43
CA ALA F 325 -8.37 34.43 -24.77
C ALA F 325 -9.51 33.42 -24.90
N MET F 326 -9.67 32.50 -23.95
CA MET F 326 -10.72 31.50 -23.99
C MET F 326 -11.81 31.85 -22.99
N ALA F 327 -13.06 31.65 -23.41
CA ALA F 327 -14.20 31.97 -22.55
C ALA F 327 -14.19 31.09 -21.30
N ALA F 328 -14.69 31.65 -20.21
CA ALA F 328 -14.73 30.92 -18.94
C ALA F 328 -15.63 29.69 -19.07
N GLY F 329 -15.16 28.58 -18.50
CA GLY F 329 -15.89 27.33 -18.60
C GLY F 329 -15.62 26.54 -19.85
N GLN F 330 -14.49 26.78 -20.52
CA GLN F 330 -14.09 26.05 -21.71
C GLN F 330 -12.62 25.68 -21.62
N PHE F 331 -12.28 24.56 -22.25
CA PHE F 331 -10.91 24.06 -22.23
C PHE F 331 -10.55 23.54 -23.62
N LEU F 332 -9.25 23.44 -23.88
CA LEU F 332 -8.79 22.91 -25.16
C LEU F 332 -7.51 22.11 -24.94
N THR F 333 -7.56 20.81 -25.22
CA THR F 333 -6.42 19.92 -25.05
C THR F 333 -5.97 19.40 -26.41
N GLY F 334 -4.65 19.29 -26.57
CA GLY F 334 -4.13 18.74 -27.81
C GLY F 334 -2.62 18.79 -27.83
N ALA F 335 -2.06 18.37 -28.96
CA ALA F 335 -0.62 18.32 -29.20
C ALA F 335 -0.28 19.42 -30.20
N PHE F 336 0.06 20.61 -29.68
CA PHE F 336 0.27 21.77 -30.52
C PHE F 336 1.61 21.73 -31.25
N ASP F 337 2.62 21.06 -30.68
CA ASP F 337 3.95 21.09 -31.27
C ASP F 337 3.97 20.45 -32.65
N ALA F 338 3.04 19.54 -32.93
CA ALA F 338 3.01 18.83 -34.20
C ALA F 338 1.63 18.82 -34.85
N GLY F 339 0.58 19.30 -34.17
CA GLY F 339 -0.75 19.29 -34.75
C GLY F 339 -1.06 20.44 -35.68
N ALA F 340 -0.24 21.49 -35.69
CA ALA F 340 -0.46 22.63 -36.56
C ALA F 340 0.84 23.41 -36.71
N GLN F 341 0.87 24.31 -37.70
CA GLN F 341 2.04 25.10 -37.97
C GLN F 341 1.62 26.46 -38.52
N VAL F 342 2.50 27.44 -38.38
CA VAL F 342 2.26 28.80 -38.84
C VAL F 342 3.38 29.17 -39.80
N PHE F 343 3.01 29.47 -41.04
CA PHE F 343 3.96 29.85 -42.08
C PHE F 343 3.85 31.34 -42.35
N ASP F 344 4.97 32.04 -42.22
CA ASP F 344 5.00 33.49 -42.42
C ASP F 344 5.54 33.82 -43.81
N ARG F 345 4.85 34.74 -44.50
CA ARG F 345 5.28 35.22 -45.80
C ARG F 345 6.07 36.52 -45.68
N TRP F 346 5.45 37.55 -45.12
CA TRP F 346 6.12 38.79 -44.76
C TRP F 346 6.27 38.83 -43.24
N ALA F 347 7.05 39.80 -42.76
CA ALA F 347 7.16 40.07 -41.34
C ALA F 347 6.35 41.33 -41.03
N ALA F 348 6.16 41.59 -39.75
CA ALA F 348 5.46 42.81 -39.35
C ALA F 348 6.25 44.03 -39.81
N ARG F 349 5.73 44.75 -40.79
CA ARG F 349 6.44 45.88 -41.37
C ARG F 349 5.60 47.15 -41.26
N VAL F 350 6.29 48.27 -41.10
CA VAL F 350 5.68 49.59 -40.92
C VAL F 350 6.31 50.55 -41.92
N GLU F 351 5.47 51.29 -42.64
CA GLU F 351 5.90 52.28 -43.61
C GLU F 351 5.23 53.61 -43.32
N VAL F 352 5.93 54.69 -43.66
CA VAL F 352 5.44 56.05 -43.47
C VAL F 352 5.37 56.74 -44.82
N ALA F 353 4.23 57.38 -45.10
CA ALA F 353 3.99 58.03 -46.37
C ALA F 353 3.57 59.48 -46.13
N THR F 354 4.04 60.36 -47.02
CA THR F 354 3.74 61.78 -46.93
C THR F 354 2.98 62.33 -48.14
N GLU F 355 2.82 61.55 -49.19
CA GLU F 355 2.22 62.02 -50.44
C GLU F 355 0.99 61.19 -50.81
N ASN F 356 0.51 60.38 -49.88
CA ASN F 356 -0.69 59.59 -50.10
C ASN F 356 -1.88 60.50 -50.36
N GLN F 357 -2.58 60.26 -51.47
CA GLN F 357 -3.70 61.09 -51.88
C GLN F 357 -3.30 62.57 -51.91
N ASP F 358 -4.18 63.43 -51.42
CA ASP F 358 -3.91 64.86 -51.33
C ASP F 358 -3.46 65.25 -49.92
N ASP F 359 -2.32 64.71 -49.51
CA ASP F 359 -1.77 64.98 -48.19
C ASP F 359 -0.62 65.98 -48.19
N PHE F 360 0.03 66.17 -49.33
CA PHE F 360 1.07 67.21 -49.40
C PHE F 360 0.46 68.59 -49.25
N ILE F 361 -0.74 68.79 -49.79
CA ILE F 361 -1.42 70.08 -49.68
C ILE F 361 -2.32 70.17 -48.46
N LYS F 362 -2.29 69.18 -47.57
CA LYS F 362 -3.06 69.21 -46.34
C LYS F 362 -2.20 69.04 -45.09
N ASN F 363 -0.89 68.85 -45.26
CA ASN F 363 0.05 68.74 -44.13
C ASN F 363 -0.35 67.59 -43.20
N MET F 364 -0.30 66.38 -43.74
CA MET F 364 -0.59 65.17 -42.98
C MET F 364 0.40 64.07 -43.37
N VAL F 365 0.46 63.04 -42.54
CA VAL F 365 1.27 61.85 -42.82
C VAL F 365 0.43 60.62 -42.51
N THR F 366 0.79 59.50 -43.12
CA THR F 366 0.12 58.23 -42.86
C THR F 366 1.17 57.20 -42.45
N ILE F 367 0.81 56.33 -41.51
CA ILE F 367 1.70 55.26 -41.08
C ILE F 367 0.90 53.96 -41.11
N LEU F 368 1.49 52.93 -41.73
CA LEU F 368 0.78 51.71 -42.07
C LEU F 368 1.62 50.49 -41.69
N ALA F 369 0.95 49.42 -41.27
CA ALA F 369 1.62 48.19 -40.86
C ALA F 369 0.92 46.98 -41.47
N GLU F 370 1.69 45.93 -41.76
CA GLU F 370 1.16 44.72 -42.37
C GLU F 370 2.03 43.51 -42.03
N GLU F 371 1.40 42.33 -41.95
CA GLU F 371 2.09 41.11 -41.53
C GLU F 371 2.08 39.99 -42.57
N ARG F 372 0.91 39.57 -43.08
CA ARG F 372 0.78 38.51 -44.09
C ARG F 372 1.37 37.17 -43.62
N LEU F 373 0.66 36.55 -42.67
CA LEU F 373 0.97 35.19 -42.23
C LEU F 373 -0.07 34.20 -42.76
N ALA F 374 0.10 32.92 -42.40
CA ALA F 374 -0.86 31.87 -42.76
C ALA F 374 -0.70 30.71 -41.79
N LEU F 375 -1.74 29.87 -41.73
CA LEU F 375 -1.80 28.75 -40.79
C LEU F 375 -2.15 27.47 -41.52
N ALA F 376 -1.59 26.35 -41.04
CA ALA F 376 -1.88 25.04 -41.62
C ALA F 376 -2.12 24.04 -40.50
N VAL F 377 -3.26 23.37 -40.53
CA VAL F 377 -3.67 22.41 -39.50
C VAL F 377 -3.67 21.02 -40.13
N TYR F 378 -2.67 20.21 -39.77
CA TYR F 378 -2.54 18.88 -40.36
C TYR F 378 -3.67 17.96 -39.93
N ARG F 379 -3.92 17.87 -38.61
CA ARG F 379 -4.83 16.87 -38.04
C ARG F 379 -5.97 17.56 -37.29
N PRO F 380 -7.12 17.72 -37.92
CA PRO F 380 -8.27 18.32 -37.21
C PRO F 380 -8.79 17.49 -36.06
N GLU F 381 -8.52 16.18 -36.03
CA GLU F 381 -9.09 15.33 -34.99
C GLU F 381 -8.20 15.21 -33.76
N SER F 382 -7.00 15.78 -33.77
CA SER F 382 -6.08 15.68 -32.65
C SER F 382 -6.27 16.77 -31.62
N PHE F 383 -7.28 17.62 -31.78
CA PHE F 383 -7.58 18.70 -30.85
C PHE F 383 -8.97 18.49 -30.28
N ILE F 384 -9.11 18.59 -28.95
CA ILE F 384 -10.36 18.38 -28.26
C ILE F 384 -10.74 19.66 -27.53
N LYS F 385 -11.96 20.13 -27.77
CA LYS F 385 -12.50 21.30 -27.10
C LYS F 385 -13.81 20.93 -26.41
N GLY F 386 -14.12 21.63 -25.33
CA GLY F 386 -15.34 21.34 -24.60
C GLY F 386 -15.47 22.21 -23.38
N SER F 387 -16.49 21.89 -22.59
CA SER F 387 -16.84 22.64 -21.39
C SER F 387 -16.22 21.97 -20.17
N LEU F 388 -15.68 22.79 -19.27
CA LEU F 388 -15.09 22.27 -18.04
C LEU F 388 -16.13 22.06 -16.94
N THR F 389 -17.36 22.51 -17.16
CA THR F 389 -18.46 22.32 -16.23
C THR F 389 -19.47 21.33 -16.81
N ALA F 390 -20.18 20.64 -15.92
CA ALA F 390 -21.12 19.62 -16.35
C ALA F 390 -22.22 20.21 -17.24
N ALA F 391 -22.78 21.35 -16.84
CA ALA F 391 -23.83 22.04 -17.59
C ALA F 391 -24.99 21.10 -17.92
N ALA F 392 -25.38 20.30 -16.93
CA ALA F 392 -26.46 19.34 -17.11
C ALA F 392 -27.09 18.97 -15.76
N ALA G 107 2.37 55.39 73.05
CA ALA G 107 2.96 54.41 72.15
C ALA G 107 3.30 55.05 70.80
N ILE G 108 4.59 55.27 70.56
CA ILE G 108 5.02 55.86 69.31
C ILE G 108 4.74 54.90 68.16
N THR G 109 4.02 55.39 67.15
CA THR G 109 3.59 54.58 66.03
C THR G 109 3.82 55.32 64.72
N SER G 110 3.24 54.84 63.63
CA SER G 110 3.32 55.51 62.34
C SER G 110 2.04 56.24 61.98
N LEU G 111 1.09 56.34 62.90
CA LEU G 111 -0.14 57.07 62.63
C LEU G 111 0.13 58.58 62.49
N THR G 112 -0.75 59.26 61.75
CA THR G 112 -0.62 60.68 61.50
C THR G 112 -1.84 61.46 61.97
N THR G 113 -2.56 60.95 62.95
CA THR G 113 -3.75 61.63 63.46
C THR G 113 -3.34 62.65 64.53
N ASN G 114 -4.33 63.20 65.24
CA ASN G 114 -4.09 64.16 66.30
C ASN G 114 -4.01 63.51 67.67
N ALA G 115 -4.06 62.18 67.74
CA ALA G 115 -3.99 61.48 69.01
C ALA G 115 -2.57 61.57 69.58
N ASP G 116 -2.43 61.19 70.84
CA ASP G 116 -1.15 61.30 71.53
C ASP G 116 -0.16 60.25 71.02
N GLY G 117 1.09 60.68 70.85
CA GLY G 117 2.13 59.79 70.41
C GLY G 117 1.96 59.25 69.00
N SER G 118 1.57 60.12 68.07
CA SER G 118 1.41 59.70 66.69
C SER G 118 2.75 59.65 65.97
N ALA G 119 3.41 60.80 65.83
CA ALA G 119 4.79 60.90 65.33
C ALA G 119 4.96 60.26 63.95
N GLY G 120 3.89 60.18 63.17
CA GLY G 120 3.95 59.55 61.87
C GLY G 120 4.29 60.45 60.71
N ALA G 121 4.34 61.77 60.93
CA ALA G 121 4.63 62.71 59.86
C ALA G 121 6.12 62.90 59.60
N THR G 122 6.98 62.31 60.43
CA THR G 122 8.42 62.48 60.25
C THR G 122 8.97 61.61 59.11
N VAL G 123 8.19 60.65 58.64
CA VAL G 123 8.66 59.76 57.57
C VAL G 123 8.20 60.31 56.23
N GLN G 124 9.13 60.36 55.27
CA GLN G 124 8.85 60.89 53.95
C GLN G 124 8.45 59.77 53.00
N THR G 125 7.75 60.15 51.92
CA THR G 125 7.42 59.24 50.83
C THR G 125 8.23 59.64 49.61
N THR G 126 8.81 58.65 48.94
CA THR G 126 9.72 58.89 47.83
C THR G 126 9.01 58.68 46.49
N ARG G 127 9.55 59.32 45.46
CA ARG G 127 8.96 59.34 44.13
C ARG G 127 9.79 58.51 43.18
N LEU G 128 9.14 57.63 42.43
CA LEU G 128 9.82 56.81 41.44
C LEU G 128 10.19 57.66 40.24
N PRO G 129 11.44 57.63 39.77
CA PRO G 129 11.83 58.49 38.65
C PRO G 129 11.12 58.11 37.37
N GLY G 130 10.96 59.11 36.50
CA GLY G 130 10.40 58.91 35.18
C GLY G 130 8.87 59.02 35.18
N ILE G 131 8.33 59.05 33.96
CA ILE G 131 6.89 59.14 33.73
C ILE G 131 6.48 57.91 32.94
N ARG G 132 5.42 57.24 33.39
CA ARG G 132 4.88 56.10 32.66
C ARG G 132 3.83 56.59 31.65
N GLU G 133 4.02 56.23 30.39
CA GLU G 133 3.17 56.70 29.32
C GLU G 133 2.54 55.53 28.58
N LEU G 134 1.51 55.85 27.80
CA LEU G 134 0.78 54.88 26.99
C LEU G 134 1.65 54.37 25.84
N PRO G 135 1.38 53.16 25.35
CA PRO G 135 2.14 52.64 24.21
C PRO G 135 1.59 53.20 22.90
N GLN G 136 2.43 53.13 21.87
CA GLN G 136 2.11 53.70 20.56
C GLN G 136 1.96 52.59 19.53
N ARG G 137 1.64 53.00 18.29
CA ARG G 137 1.31 52.10 17.21
C ARG G 137 2.53 51.95 16.27
N ARG G 138 2.34 51.24 15.16
CA ARG G 138 3.42 50.86 14.26
C ARG G 138 3.61 51.76 13.06
N MET G 139 2.52 52.36 12.56
CA MET G 139 2.55 53.28 11.40
C MET G 139 3.13 52.58 10.17
N THR G 140 2.40 51.57 9.70
CA THR G 140 2.88 50.70 8.62
C THR G 140 2.45 51.14 7.22
N ILE G 141 1.33 51.84 7.08
CA ILE G 141 0.78 52.11 5.74
C ILE G 141 1.74 52.96 4.92
N ARG G 142 2.29 54.02 5.51
CA ARG G 142 3.10 54.97 4.75
C ARG G 142 4.32 54.32 4.11
N SER G 143 4.93 53.33 4.77
CA SER G 143 6.13 52.72 4.22
C SER G 143 5.82 51.82 3.03
N LEU G 144 4.56 51.40 2.88
CA LEU G 144 4.19 50.54 1.76
C LEU G 144 4.29 51.27 0.43
N LEU G 145 3.81 52.51 0.37
CA LEU G 145 3.72 53.24 -0.88
C LEU G 145 5.08 53.83 -1.25
N ALA G 146 5.11 54.58 -2.34
CA ALA G 146 6.31 55.26 -2.80
C ALA G 146 6.31 56.70 -2.31
N GLN G 147 7.51 57.28 -2.20
CA GLN G 147 7.69 58.60 -1.62
C GLN G 147 8.25 59.57 -2.65
N GLY G 148 7.84 60.83 -2.54
CA GLY G 148 8.32 61.86 -3.45
C GLY G 148 8.13 63.24 -2.87
N THR G 149 8.60 64.23 -3.63
CA THR G 149 8.56 65.63 -3.21
C THR G 149 7.89 66.48 -4.28
N MET G 150 7.05 67.41 -3.84
CA MET G 150 6.38 68.36 -4.72
C MET G 150 6.66 69.78 -4.24
N GLU G 151 6.55 70.74 -5.15
CA GLU G 151 6.86 72.12 -4.84
C GLU G 151 5.80 73.08 -5.39
N GLY G 152 4.53 72.69 -5.36
CA GLY G 152 3.45 73.52 -5.84
C GLY G 152 2.19 73.30 -5.02
N ASN G 153 1.06 73.28 -5.72
CA ASN G 153 -0.23 73.04 -5.08
C ASN G 153 -0.99 71.94 -5.81
N THR G 154 -0.74 71.81 -7.11
CA THR G 154 -1.47 70.87 -7.95
C THR G 154 -0.48 70.03 -8.76
N LEU G 155 -0.74 68.72 -8.79
CA LEU G 155 0.00 67.77 -9.61
C LEU G 155 -0.91 67.24 -10.71
N GLU G 156 -0.36 67.07 -11.90
CA GLU G 156 -1.13 66.56 -13.02
C GLU G 156 -0.27 65.65 -13.89
N TYR G 157 -0.94 64.74 -14.58
CA TYR G 157 -0.26 63.79 -15.46
C TYR G 157 -1.19 63.43 -16.61
N VAL G 158 -0.60 62.92 -17.69
CA VAL G 158 -1.31 62.57 -18.91
C VAL G 158 -1.48 61.06 -18.99
N ARG G 159 -2.67 60.61 -19.35
CA ARG G 159 -2.99 59.20 -19.43
C ARG G 159 -3.75 58.88 -20.71
N GLU G 160 -3.45 57.72 -21.29
CA GLU G 160 -4.18 57.25 -22.45
C GLU G 160 -5.49 56.60 -22.01
N THR G 161 -6.56 56.89 -22.75
CA THR G 161 -7.88 56.37 -22.43
C THR G 161 -8.40 55.35 -23.43
N GLY G 162 -8.19 55.57 -24.72
CA GLY G 162 -8.69 54.67 -25.74
C GLY G 162 -7.64 54.36 -26.77
N PHE G 163 -7.84 53.21 -27.43
CA PHE G 163 -7.00 52.80 -28.56
C PHE G 163 -7.87 51.95 -29.47
N THR G 164 -8.42 52.57 -30.51
CA THR G 164 -9.33 51.87 -31.41
C THR G 164 -8.57 51.02 -32.41
N ASN G 165 -8.47 49.72 -32.15
CA ASN G 165 -7.85 48.81 -33.09
C ASN G 165 -8.89 48.36 -34.11
N ALA G 166 -8.56 48.52 -35.39
CA ALA G 166 -9.48 48.14 -36.46
C ALA G 166 -8.79 47.29 -37.52
N ALA G 167 -7.70 46.62 -37.16
CA ALA G 167 -7.03 45.73 -38.09
C ALA G 167 -7.95 44.57 -38.48
N ALA G 168 -7.90 44.19 -39.74
CA ALA G 168 -8.73 43.12 -40.26
C ALA G 168 -8.16 42.64 -41.58
N PRO G 169 -8.42 41.41 -41.99
CA PRO G 169 -7.91 40.93 -43.29
C PRO G 169 -8.58 41.67 -44.44
N VAL G 170 -7.81 41.86 -45.52
CA VAL G 170 -8.30 42.54 -46.71
C VAL G 170 -7.84 41.76 -47.94
N ALA G 171 -8.51 42.04 -49.06
CA ALA G 171 -8.22 41.36 -50.32
C ALA G 171 -6.99 41.99 -50.97
N GLU G 172 -6.73 41.63 -52.22
CA GLU G 172 -5.57 42.16 -52.92
C GLU G 172 -5.76 43.62 -53.32
N GLY G 173 -6.97 43.99 -53.73
CA GLY G 173 -7.24 45.34 -54.17
C GLY G 173 -8.30 46.06 -53.35
N ALA G 174 -8.27 45.88 -52.04
CA ALA G 174 -9.22 46.51 -51.15
C ALA G 174 -8.51 47.49 -50.22
N GLN G 175 -9.23 48.52 -49.80
CA GLN G 175 -8.63 49.55 -48.95
C GLN G 175 -8.65 49.12 -47.49
N LYS G 176 -7.53 49.36 -46.81
CA LYS G 176 -7.13 49.03 -45.45
C LYS G 176 -7.80 49.96 -44.44
N PRO G 177 -8.03 49.49 -43.21
CA PRO G 177 -8.80 50.28 -42.24
C PRO G 177 -7.99 51.31 -41.47
N GLU G 178 -8.67 52.10 -40.65
CA GLU G 178 -8.10 53.24 -39.94
C GLU G 178 -8.17 53.02 -38.42
N SER G 179 -7.26 53.67 -37.71
CA SER G 179 -7.18 53.57 -36.26
C SER G 179 -7.12 54.97 -35.66
N SER G 180 -7.26 55.05 -34.34
CA SER G 180 -7.31 56.33 -33.64
C SER G 180 -6.79 56.17 -32.22
N LEU G 181 -6.44 57.30 -31.61
CA LEU G 181 -5.93 57.34 -30.24
C LEU G 181 -6.59 58.50 -29.50
N LYS G 182 -6.42 58.50 -28.18
CA LYS G 182 -6.93 59.57 -27.32
C LYS G 182 -5.99 59.75 -26.14
N PHE G 183 -6.09 60.92 -25.50
CA PHE G 183 -5.32 61.23 -24.30
C PHE G 183 -6.16 62.14 -23.41
N ASP G 184 -5.88 62.08 -22.11
CA ASP G 184 -6.58 62.88 -21.10
C ASP G 184 -5.57 63.35 -20.06
N LEU G 185 -5.99 64.32 -19.25
CA LEU G 185 -5.21 64.83 -18.14
C LEU G 185 -5.94 64.54 -16.82
N VAL G 186 -5.16 64.18 -15.80
CA VAL G 186 -5.69 63.94 -14.47
C VAL G 186 -4.86 64.75 -13.48
N GLN G 187 -5.54 65.47 -12.58
CA GLN G 187 -4.88 66.38 -11.65
C GLN G 187 -5.34 66.11 -10.23
N THR G 188 -4.45 66.40 -9.28
CA THR G 188 -4.75 66.27 -7.85
C THR G 188 -4.34 67.55 -7.12
N SER G 189 -4.35 67.51 -5.79
CA SER G 189 -4.00 68.68 -4.99
C SER G 189 -3.37 68.22 -3.68
N ALA G 190 -2.87 69.19 -2.91
CA ALA G 190 -2.23 68.94 -1.62
C ALA G 190 -3.09 69.51 -0.50
N LYS G 191 -3.30 68.71 0.54
CA LYS G 191 -4.09 69.11 1.70
C LYS G 191 -3.21 69.24 2.92
N VAL G 192 -3.76 69.84 3.97
CA VAL G 192 -3.03 70.12 5.20
C VAL G 192 -3.84 69.59 6.39
N ILE G 193 -3.15 68.93 7.31
CA ILE G 193 -3.71 68.53 8.59
C ILE G 193 -2.83 69.12 9.70
N ALA G 194 -3.46 69.69 10.72
CA ALA G 194 -2.72 70.44 11.72
C ALA G 194 -3.53 70.52 13.00
N HIS G 195 -2.82 70.71 14.12
CA HIS G 195 -3.48 70.91 15.41
C HIS G 195 -2.53 71.62 16.36
N TRP G 196 -3.11 72.22 17.40
CA TRP G 196 -2.37 73.02 18.37
C TRP G 196 -2.77 72.62 19.79
N MET G 197 -2.10 73.23 20.75
CA MET G 197 -2.25 72.88 22.16
C MET G 197 -1.82 74.08 22.99
N LYS G 198 -2.67 74.53 23.90
CA LYS G 198 -2.33 75.65 24.76
C LYS G 198 -2.17 75.20 26.20
N ALA G 199 -1.14 75.73 26.85
CA ALA G 199 -0.82 75.38 28.22
C ALA G 199 -0.63 76.66 29.03
N SER G 200 -0.79 76.53 30.34
CA SER G 200 -0.58 77.66 31.25
C SER G 200 0.90 77.98 31.36
N ARG G 201 1.19 79.15 31.93
CA ARG G 201 2.56 79.61 32.11
C ARG G 201 3.12 79.22 33.47
N GLN G 202 2.25 79.02 34.46
CA GLN G 202 2.66 78.54 35.78
C GLN G 202 2.94 77.05 35.79
N ILE G 203 2.15 76.25 35.06
CA ILE G 203 2.38 74.81 35.03
C ILE G 203 3.69 74.47 34.35
N LEU G 204 4.19 75.33 33.47
CA LEU G 204 5.55 75.21 32.98
C LEU G 204 6.52 75.83 33.98
N SER G 205 7.77 75.38 33.92
CA SER G 205 8.85 75.72 34.84
C SER G 205 8.63 75.14 36.23
N ASP G 206 7.48 74.53 36.49
CA ASP G 206 7.28 73.67 37.65
C ASP G 206 7.61 72.22 37.37
N SER G 207 7.10 71.67 36.27
CA SER G 207 7.53 70.39 35.72
C SER G 207 8.37 70.71 34.50
N ALA G 208 9.69 70.65 34.65
CA ALA G 208 10.60 71.15 33.62
C ALA G 208 10.47 70.36 32.33
N GLN G 209 10.00 69.11 32.40
CA GLN G 209 9.95 68.23 31.23
C GLN G 209 8.59 68.19 30.56
N LEU G 210 7.65 69.04 30.97
CA LEU G 210 6.33 69.04 30.33
C LEU G 210 6.41 69.56 28.89
N GLN G 211 7.28 70.53 28.64
CA GLN G 211 7.36 71.12 27.29
C GLN G 211 7.85 70.11 26.28
N SER G 212 8.89 69.33 26.62
CA SER G 212 9.38 68.32 25.70
C SER G 212 8.35 67.22 25.47
N PHE G 213 7.62 66.84 26.53
CA PHE G 213 6.57 65.85 26.39
C PHE G 213 5.49 66.32 25.44
N ILE G 214 5.06 67.59 25.60
CA ILE G 214 4.04 68.14 24.72
C ILE G 214 4.55 68.22 23.28
N ASN G 215 5.81 68.65 23.12
CA ASN G 215 6.39 68.75 21.78
C ASN G 215 6.41 67.38 21.09
N ALA G 216 6.81 66.34 21.81
CA ALA G 216 6.84 65.00 21.23
C ALA G 216 5.44 64.53 20.87
N ARG G 217 4.50 64.63 21.81
CA ARG G 217 3.15 64.12 21.56
C ARG G 217 2.45 64.88 20.45
N LEU G 218 2.72 66.18 20.31
CA LEU G 218 2.00 67.01 19.36
C LEU G 218 2.22 66.55 17.93
N LEU G 219 3.46 66.22 17.58
CA LEU G 219 3.77 65.72 16.26
C LEU G 219 3.71 64.20 16.15
N ARG G 220 3.68 63.48 17.28
CA ARG G 220 3.50 62.04 17.21
C ARG G 220 2.03 61.69 16.96
N GLY G 221 1.12 62.54 17.41
CA GLY G 221 -0.30 62.32 17.12
C GLY G 221 -0.71 62.68 15.71
N LEU G 222 0.20 63.27 14.93
CA LEU G 222 -0.11 63.60 13.53
C LEU G 222 -0.08 62.36 12.64
N GLU G 223 0.81 61.41 12.93
CA GLU G 223 0.98 60.25 12.06
C GLU G 223 -0.26 59.39 12.01
N VAL G 224 -0.97 59.26 13.14
CA VAL G 224 -2.18 58.44 13.18
C VAL G 224 -3.23 59.01 12.24
N VAL G 225 -3.46 60.32 12.31
CA VAL G 225 -4.45 60.95 11.43
C VAL G 225 -3.99 60.92 9.99
N GLU G 226 -2.68 61.08 9.75
CA GLU G 226 -2.15 61.00 8.40
C GLU G 226 -2.41 59.64 7.79
N GLU G 227 -2.14 58.56 8.55
CA GLU G 227 -2.37 57.21 8.04
C GLU G 227 -3.85 56.94 7.85
N ASN G 228 -4.69 57.43 8.76
CA ASN G 228 -6.13 57.25 8.59
C ASN G 228 -6.63 57.94 7.32
N GLN G 229 -6.13 59.15 7.05
CA GLN G 229 -6.52 59.85 5.83
C GLN G 229 -5.99 59.14 4.58
N LEU G 230 -4.75 58.67 4.63
CA LEU G 230 -4.17 57.97 3.48
C LEU G 230 -4.95 56.70 3.15
N LEU G 231 -5.33 55.94 4.19
CA LEU G 231 -6.05 54.68 3.96
C LEU G 231 -7.51 54.94 3.59
N ASN G 232 -8.25 55.60 4.48
CA ASN G 232 -9.69 55.79 4.31
C ASN G 232 -10.03 57.27 4.51
N GLY G 233 -10.01 58.02 3.41
CA GLY G 233 -10.48 59.39 3.42
C GLY G 233 -11.43 59.64 2.27
N ASN G 234 -12.67 60.06 2.57
CA ASN G 234 -13.68 60.20 1.53
C ASN G 234 -13.32 61.27 0.51
N GLY G 235 -12.48 62.24 0.89
CA GLY G 235 -12.04 63.23 -0.07
C GLY G 235 -13.04 64.29 -0.45
N THR G 236 -14.20 64.33 0.23
CA THR G 236 -15.23 65.33 -0.07
C THR G 236 -15.06 66.51 0.87
N GLY G 237 -14.91 67.70 0.29
CA GLY G 237 -14.70 68.91 1.08
C GLY G 237 -13.21 69.17 1.32
N GLN G 238 -12.84 69.28 2.60
CA GLN G 238 -11.45 69.52 2.99
C GLN G 238 -10.69 68.23 3.25
N ASN G 239 -11.33 67.08 3.13
CA ASN G 239 -10.69 65.79 3.40
C ASN G 239 -9.71 65.45 2.27
N LEU G 240 -9.08 64.30 2.37
CA LEU G 240 -8.17 63.79 1.35
C LEU G 240 -8.73 62.49 0.81
N LEU G 241 -8.56 62.27 -0.50
CA LEU G 241 -9.14 61.09 -1.16
C LEU G 241 -8.21 59.91 -0.94
N GLY G 242 -8.70 58.89 -0.24
CA GLY G 242 -7.89 57.75 0.11
C GLY G 242 -8.10 56.57 -0.81
N LEU G 243 -7.29 55.53 -0.56
CA LEU G 243 -7.33 54.34 -1.40
C LEU G 243 -8.65 53.59 -1.27
N LEU G 244 -9.19 53.48 -0.05
CA LEU G 244 -10.37 52.66 0.18
C LEU G 244 -11.60 53.12 -0.60
N PRO G 245 -12.00 54.39 -0.58
CA PRO G 245 -13.25 54.77 -1.28
C PRO G 245 -13.11 54.82 -2.79
N GLN G 246 -11.92 54.65 -3.34
CA GLN G 246 -11.68 54.81 -4.76
C GLN G 246 -11.43 53.49 -5.48
N ALA G 247 -11.20 52.41 -4.73
CA ALA G 247 -10.95 51.10 -5.32
C ALA G 247 -12.28 50.49 -5.77
N THR G 248 -12.22 49.27 -6.32
CA THR G 248 -13.38 48.61 -6.89
C THR G 248 -13.92 47.56 -5.93
N ALA G 249 -15.23 47.41 -5.91
CA ALA G 249 -15.88 46.47 -5.00
C ALA G 249 -15.59 45.03 -5.39
N PHE G 250 -15.64 44.15 -4.40
CA PHE G 250 -15.38 42.72 -4.61
C PHE G 250 -16.63 42.06 -5.18
N ALA G 251 -16.50 41.50 -6.38
CA ALA G 251 -17.55 40.69 -6.99
C ALA G 251 -16.95 39.32 -7.32
N ALA G 252 -17.69 38.27 -7.03
CA ALA G 252 -17.18 36.92 -7.20
C ALA G 252 -17.04 36.57 -8.68
N PRO G 253 -15.83 36.24 -9.14
CA PRO G 253 -15.69 35.81 -10.54
C PRO G 253 -16.26 34.42 -10.76
N ILE G 254 -16.02 33.53 -9.80
CA ILE G 254 -16.48 32.15 -9.84
C ILE G 254 -17.21 31.84 -8.54
N THR G 255 -18.10 30.86 -8.61
CA THR G 255 -18.89 30.47 -7.46
C THR G 255 -18.20 29.36 -6.67
N VAL G 256 -18.23 29.50 -5.34
CA VAL G 256 -17.67 28.53 -4.41
C VAL G 256 -18.73 28.17 -3.39
N ALA G 257 -18.90 26.88 -3.12
CA ALA G 257 -20.00 26.42 -2.28
C ALA G 257 -19.88 26.95 -0.85
N ASN G 258 -18.68 26.89 -0.27
CA ASN G 258 -18.47 27.27 1.12
C ASN G 258 -17.75 28.61 1.18
N ALA G 259 -18.05 29.41 2.21
CA ALA G 259 -17.51 30.75 2.33
C ALA G 259 -16.49 30.78 3.46
N THR G 260 -15.22 30.68 3.10
CA THR G 260 -14.11 30.84 4.03
C THR G 260 -13.30 32.07 3.65
N ALA G 261 -12.61 32.64 4.65
CA ALA G 261 -11.85 33.87 4.41
C ALA G 261 -10.75 33.66 3.38
N VAL G 262 -10.07 32.52 3.44
CA VAL G 262 -8.98 32.25 2.49
C VAL G 262 -9.52 32.14 1.07
N ASP G 263 -10.70 31.54 0.91
CA ASP G 263 -11.31 31.45 -0.41
C ASP G 263 -11.61 32.84 -0.97
N ARG G 264 -12.16 33.73 -0.13
CA ARG G 264 -12.46 35.08 -0.60
C ARG G 264 -11.18 35.83 -0.94
N LEU G 265 -10.12 35.64 -0.17
CA LEU G 265 -8.85 36.27 -0.50
C LEU G 265 -8.31 35.77 -1.84
N ARG G 266 -8.40 34.46 -2.09
CA ARG G 266 -7.96 33.92 -3.36
C ARG G 266 -8.80 34.46 -4.52
N LEU G 267 -10.11 34.57 -4.31
CA LEU G 267 -10.98 35.12 -5.35
C LEU G 267 -10.63 36.59 -5.62
N ALA G 268 -10.31 37.35 -4.58
CA ALA G 268 -9.89 38.73 -4.78
C ALA G 268 -8.60 38.82 -5.58
N LEU G 269 -7.63 37.96 -5.27
CA LEU G 269 -6.40 37.94 -6.06
C LEU G 269 -6.67 37.56 -7.51
N LEU G 270 -7.57 36.61 -7.73
CA LEU G 270 -7.93 36.22 -9.09
C LEU G 270 -8.58 37.38 -9.83
N GLN G 271 -9.48 38.10 -9.18
CA GLN G 271 -10.12 39.24 -9.82
C GLN G 271 -9.11 40.33 -10.14
N ALA G 272 -8.16 40.57 -9.24
CA ALA G 272 -7.10 41.54 -9.52
C ALA G 272 -6.26 41.12 -10.71
N GLN G 273 -5.98 39.82 -10.83
CA GLN G 273 -5.18 39.34 -11.95
C GLN G 273 -5.97 39.38 -13.26
N LEU G 274 -7.30 39.26 -13.18
CA LEU G 274 -8.11 39.32 -14.39
C LEU G 274 -8.08 40.70 -15.04
N ALA G 275 -7.75 41.73 -14.26
CA ALA G 275 -7.56 43.07 -14.78
C ALA G 275 -6.13 43.33 -15.22
N GLU G 276 -5.38 42.28 -15.52
CA GLU G 276 -3.96 42.36 -15.90
C GLU G 276 -3.18 43.23 -14.92
N PHE G 277 -3.42 42.99 -13.63
CA PHE G 277 -2.76 43.74 -12.57
C PHE G 277 -2.50 42.81 -11.39
N PRO G 278 -1.34 42.15 -11.37
CA PRO G 278 -1.02 41.25 -10.25
C PRO G 278 -0.93 42.01 -8.94
N ALA G 279 -1.35 41.34 -7.87
CA ALA G 279 -1.29 41.92 -6.53
C ALA G 279 0.08 41.68 -5.91
N THR G 280 0.38 42.44 -4.85
CA THR G 280 1.65 42.31 -4.15
C THR G 280 1.51 42.24 -2.63
N GLY G 281 0.43 42.78 -2.07
CA GLY G 281 0.26 42.76 -0.62
C GLY G 281 -1.19 42.73 -0.23
N ILE G 282 -1.41 42.24 1.00
CA ILE G 282 -2.73 42.19 1.60
C ILE G 282 -2.69 42.97 2.92
N VAL G 283 -3.76 43.73 3.19
CA VAL G 283 -3.87 44.53 4.39
C VAL G 283 -5.19 44.18 5.04
N LEU G 284 -5.16 43.83 6.33
CA LEU G 284 -6.41 43.55 7.04
C LEU G 284 -6.18 43.65 8.54
N ASN G 285 -7.28 43.59 9.28
CA ASN G 285 -7.23 43.78 10.73
C ASN G 285 -6.50 42.63 11.41
N PRO G 286 -5.77 42.91 12.49
CA PRO G 286 -5.13 41.80 13.25
C PRO G 286 -6.11 40.81 13.83
N ALA G 287 -7.32 41.25 14.19
CA ALA G 287 -8.33 40.31 14.68
C ALA G 287 -8.70 39.28 13.62
N ASP G 288 -8.85 39.70 12.37
CA ASP G 288 -9.15 38.77 11.28
C ASP G 288 -7.98 37.85 10.97
N TRP G 289 -6.75 38.34 11.10
CA TRP G 289 -5.58 37.47 10.92
C TRP G 289 -5.44 36.47 12.06
N ALA G 290 -5.91 36.81 13.26
CA ALA G 290 -5.94 35.86 14.37
C ALA G 290 -7.09 34.88 14.24
N GLY G 291 -8.19 35.28 13.62
CA GLY G 291 -9.29 34.36 13.39
C GLY G 291 -8.98 33.32 12.32
N ILE G 292 -7.97 33.58 11.49
CA ILE G 292 -7.56 32.61 10.49
C ILE G 292 -6.89 31.41 11.15
N GLU G 293 -6.04 31.66 12.16
CA GLU G 293 -5.36 30.56 12.83
C GLU G 293 -6.34 29.63 13.53
N LEU G 294 -7.49 30.16 13.96
CA LEU G 294 -8.51 29.36 14.63
C LEU G 294 -9.51 28.81 13.61
N LEU G 295 -8.98 28.16 12.59
CA LEU G 295 -9.79 27.52 11.57
C LEU G 295 -9.77 26.00 11.79
N LYS G 296 -10.97 25.43 11.96
CA LYS G 296 -11.10 24.02 12.29
C LYS G 296 -11.79 23.28 11.15
N ASP G 297 -11.47 21.99 11.05
CA ASP G 297 -12.14 21.10 10.13
C ASP G 297 -13.47 20.68 10.73
N THR G 298 -14.13 19.70 10.11
CA THR G 298 -15.29 19.08 10.75
C THR G 298 -14.89 18.15 11.89
N GLN G 299 -13.64 17.68 11.89
CA GLN G 299 -13.14 16.81 12.96
C GLN G 299 -12.67 17.60 14.17
N GLY G 300 -11.88 18.65 13.96
CA GLY G 300 -11.41 19.46 15.06
C GLY G 300 -9.95 19.84 14.98
N ARG G 301 -9.29 19.48 13.89
CA ARG G 301 -7.88 19.79 13.72
C ARG G 301 -7.72 21.19 13.11
N TYR G 302 -6.49 21.68 13.05
CA TYR G 302 -6.20 23.02 12.55
C TYR G 302 -5.57 22.94 11.16
N ILE G 303 -6.00 23.82 10.28
CA ILE G 303 -5.50 23.85 8.90
C ILE G 303 -4.18 24.59 8.81
N LEU G 304 -4.12 25.82 9.34
CA LEU G 304 -2.91 26.62 9.29
C LEU G 304 -2.25 26.82 10.65
N GLY G 305 -3.02 26.90 11.73
CA GLY G 305 -2.46 27.16 13.03
C GLY G 305 -1.68 25.99 13.59
N ASN G 306 -0.78 26.32 14.51
CA ASN G 306 0.05 25.34 15.20
C ASN G 306 0.17 25.73 16.66
N PRO G 307 -0.50 25.01 17.57
CA PRO G 307 -0.48 25.40 18.98
C PRO G 307 0.92 25.43 19.59
N GLN G 308 1.84 24.62 19.10
CA GLN G 308 3.21 24.62 19.62
C GLN G 308 4.13 25.54 18.85
N GLY G 309 3.62 26.29 17.87
CA GLY G 309 4.44 27.20 17.11
C GLY G 309 3.74 28.48 16.72
N THR G 310 4.15 29.09 15.61
CA THR G 310 3.55 30.32 15.12
C THR G 310 3.42 30.24 13.61
N LEU G 311 2.54 31.09 13.08
CA LEU G 311 2.24 31.13 11.66
C LEU G 311 2.90 32.36 11.04
N ALA G 312 3.61 32.16 9.93
CA ALA G 312 4.29 33.25 9.27
C ALA G 312 3.27 34.20 8.63
N PRO G 313 3.60 35.50 8.53
CA PRO G 313 2.69 36.49 7.96
C PRO G 313 2.64 36.48 6.43
N THR G 314 2.43 35.30 5.86
CA THR G 314 2.33 35.13 4.41
C THR G 314 1.09 34.34 4.07
N LEU G 315 0.62 34.52 2.83
CA LEU G 315 -0.58 33.84 2.36
C LEU G 315 -0.62 33.90 0.84
N TRP G 316 -0.75 32.74 0.20
CA TRP G 316 -0.79 32.65 -1.27
C TRP G 316 0.41 33.29 -1.91
N GLY G 317 1.56 33.27 -1.24
CA GLY G 317 2.76 33.88 -1.78
C GLY G 317 2.80 35.40 -1.70
N LEU G 318 1.88 36.01 -0.97
CA LEU G 318 1.79 37.46 -0.86
C LEU G 318 1.91 37.91 0.59
N PRO G 319 2.77 38.89 0.87
CA PRO G 319 2.89 39.37 2.25
C PRO G 319 1.59 39.98 2.76
N VAL G 320 1.39 39.83 4.07
CA VAL G 320 0.17 40.23 4.76
C VAL G 320 0.54 41.16 5.90
N VAL G 321 -0.18 42.26 6.05
CA VAL G 321 0.06 43.24 7.11
C VAL G 321 -1.23 43.46 7.89
N ALA G 322 -1.11 43.47 9.21
CA ALA G 322 -2.24 43.64 10.13
C ALA G 322 -2.05 44.93 10.90
N THR G 323 -2.75 45.98 10.46
CA THR G 323 -2.71 47.28 11.10
C THR G 323 -4.06 47.57 11.75
N GLN G 324 -4.02 48.19 12.93
CA GLN G 324 -5.25 48.54 13.63
C GLN G 324 -6.08 49.58 12.88
N ALA G 325 -5.46 50.31 11.95
CA ALA G 325 -6.18 51.33 11.19
C ALA G 325 -7.26 50.73 10.30
N MET G 326 -7.07 49.49 9.83
CA MET G 326 -8.05 48.86 8.96
C MET G 326 -9.25 48.41 9.79
N ALA G 327 -10.45 48.63 9.26
CA ALA G 327 -11.66 48.26 9.97
C ALA G 327 -11.77 46.75 10.10
N ALA G 328 -12.39 46.30 11.18
CA ALA G 328 -12.55 44.87 11.44
C ALA G 328 -13.59 44.30 10.48
N GLY G 329 -13.24 43.22 9.81
CA GLY G 329 -14.12 42.58 8.85
C GLY G 329 -13.90 43.00 7.41
N GLN G 330 -12.87 43.78 7.12
CA GLN G 330 -12.58 44.26 5.78
C GLN G 330 -11.16 43.87 5.39
N PHE G 331 -10.90 43.85 4.09
CA PHE G 331 -9.58 43.57 3.56
C PHE G 331 -9.33 44.41 2.32
N LEU G 332 -8.05 44.70 2.07
CA LEU G 332 -7.63 45.46 0.90
C LEU G 332 -6.39 44.82 0.32
N THR G 333 -6.43 44.45 -0.96
CA THR G 333 -5.35 43.77 -1.63
C THR G 333 -4.88 44.61 -2.81
N GLY G 334 -3.59 44.55 -3.11
CA GLY G 334 -3.10 45.19 -4.31
C GLY G 334 -1.61 45.46 -4.26
N ALA G 335 -1.12 46.04 -5.35
CA ALA G 335 0.27 46.43 -5.47
C ALA G 335 0.41 47.90 -5.11
N PHE G 336 1.29 48.20 -4.16
CA PHE G 336 1.38 49.53 -3.61
C PHE G 336 2.59 50.31 -4.12
N ASP G 337 3.72 49.64 -4.36
CA ASP G 337 4.93 50.34 -4.76
C ASP G 337 4.77 51.04 -6.09
N ALA G 338 4.11 50.39 -7.06
CA ALA G 338 3.94 50.94 -8.39
C ALA G 338 2.52 51.43 -8.66
N GLY G 339 1.67 51.53 -7.64
CA GLY G 339 0.30 51.92 -7.85
C GLY G 339 -0.02 53.34 -7.41
N ALA G 340 0.58 53.79 -6.32
CA ALA G 340 0.31 55.12 -5.78
C ALA G 340 1.58 55.69 -5.16
N GLN G 341 1.57 57.00 -4.95
CA GLN G 341 2.70 57.72 -4.40
C GLN G 341 2.21 58.79 -3.44
N VAL G 342 3.09 59.16 -2.50
CA VAL G 342 2.80 60.21 -1.54
C VAL G 342 3.90 61.26 -1.64
N PHE G 343 3.50 62.52 -1.75
CA PHE G 343 4.42 63.64 -1.91
C PHE G 343 4.41 64.50 -0.65
N ASP G 344 5.61 64.82 -0.16
CA ASP G 344 5.78 65.64 1.03
C ASP G 344 6.09 67.08 0.62
N ARG G 345 5.11 67.96 0.78
CA ARG G 345 5.30 69.38 0.54
C ARG G 345 5.99 70.07 1.70
N TRP G 346 5.38 70.05 2.88
CA TRP G 346 6.00 70.54 4.11
C TRP G 346 6.47 69.34 4.94
N ALA G 347 7.11 69.63 6.06
CA ALA G 347 7.62 68.60 6.95
C ALA G 347 6.98 68.78 8.33
N ALA G 348 7.46 68.00 9.30
CA ALA G 348 6.98 68.11 10.67
C ALA G 348 7.45 69.43 11.24
N ARG G 349 6.54 70.39 11.34
CA ARG G 349 6.85 71.74 11.81
C ARG G 349 6.07 71.99 13.10
N VAL G 350 6.80 72.26 14.17
CA VAL G 350 6.18 72.61 15.44
C VAL G 350 6.71 73.98 15.88
N GLU G 351 5.80 74.87 16.28
CA GLU G 351 6.19 76.24 16.61
C GLU G 351 5.39 76.75 17.80
N VAL G 352 5.96 77.74 18.49
CA VAL G 352 5.38 78.27 19.72
C VAL G 352 4.95 79.71 19.51
N ALA G 353 3.97 80.13 20.31
CA ALA G 353 3.42 81.47 20.23
C ALA G 353 2.97 81.89 21.63
N THR G 354 3.21 83.17 21.95
CA THR G 354 2.92 83.70 23.28
C THR G 354 1.83 84.77 23.26
N GLU G 355 1.51 85.32 22.09
CA GLU G 355 0.55 86.43 22.03
C GLU G 355 -0.67 86.12 21.18
N ASN G 356 -0.93 84.86 20.84
CA ASN G 356 -2.15 84.51 20.13
C ASN G 356 -3.36 84.86 20.99
N GLN G 357 -4.30 85.59 20.39
CA GLN G 357 -5.53 86.00 21.07
C GLN G 357 -5.16 86.73 22.36
N ASP G 358 -6.02 86.62 23.38
CA ASP G 358 -5.75 87.25 24.68
C ASP G 358 -5.02 86.31 25.62
N ASP G 359 -3.90 85.76 25.16
CA ASP G 359 -3.06 84.90 25.99
C ASP G 359 -1.84 85.61 26.53
N PHE G 360 -1.77 86.94 26.39
CA PHE G 360 -0.74 87.70 27.10
C PHE G 360 -1.26 88.22 28.43
N ILE G 361 -2.57 88.47 28.52
CA ILE G 361 -3.20 88.87 29.77
C ILE G 361 -3.75 87.69 30.56
N LYS G 362 -3.45 86.46 30.15
CA LYS G 362 -3.89 85.26 30.86
C LYS G 362 -2.74 84.33 31.20
N ASN G 363 -1.51 84.68 30.80
CA ASN G 363 -0.32 83.89 31.10
C ASN G 363 -0.44 82.47 30.55
N MET G 364 -0.51 82.39 29.23
CA MET G 364 -0.64 81.11 28.53
C MET G 364 0.37 81.06 27.40
N VAL G 365 0.41 79.92 26.71
CA VAL G 365 1.29 79.72 25.57
C VAL G 365 0.66 78.67 24.67
N THR G 366 0.92 78.77 23.37
CA THR G 366 0.32 77.86 22.39
C THR G 366 1.41 77.24 21.52
N ILE G 367 1.24 75.97 21.17
CA ILE G 367 2.17 75.24 20.32
C ILE G 367 1.39 74.58 19.19
N LEU G 368 1.95 74.62 17.99
CA LEU G 368 1.24 74.24 16.77
C LEU G 368 2.07 73.27 15.94
N ALA G 369 1.37 72.38 15.22
CA ALA G 369 2.02 71.43 14.32
C ALA G 369 1.14 71.22 13.10
N GLU G 370 1.80 71.07 11.94
CA GLU G 370 1.13 70.96 10.65
C GLU G 370 1.90 70.02 9.75
N GLU G 371 1.20 69.43 8.77
CA GLU G 371 1.79 68.40 7.92
C GLU G 371 1.91 68.81 6.45
N ARG G 372 0.81 69.14 5.78
CA ARG G 372 0.81 69.56 4.37
C ARG G 372 1.42 68.52 3.45
N LEU G 373 0.72 67.39 3.32
CA LEU G 373 1.12 66.30 2.43
C LEU G 373 0.17 66.21 1.23
N ALA G 374 0.48 65.31 0.30
CA ALA G 374 -0.37 65.06 -0.85
C ALA G 374 -0.26 63.61 -1.26
N LEU G 375 -1.31 63.10 -1.90
CA LEU G 375 -1.37 61.71 -2.35
C LEU G 375 -1.83 61.65 -3.79
N ALA G 376 -1.12 60.86 -4.61
CA ALA G 376 -1.46 60.67 -6.01
C ALA G 376 -1.61 59.19 -6.32
N VAL G 377 -2.77 58.79 -6.79
CA VAL G 377 -3.07 57.41 -7.15
C VAL G 377 -3.13 57.30 -8.66
N TYR G 378 -2.43 56.31 -9.21
CA TYR G 378 -2.32 56.16 -10.65
C TYR G 378 -3.39 55.24 -11.22
N ARG G 379 -3.48 54.02 -10.70
CA ARG G 379 -4.31 52.96 -11.28
C ARG G 379 -5.29 52.44 -10.23
N PRO G 380 -6.52 52.97 -10.18
CA PRO G 380 -7.51 52.47 -9.22
C PRO G 380 -7.97 51.05 -9.49
N GLU G 381 -7.64 50.47 -10.64
CA GLU G 381 -8.07 49.12 -10.98
C GLU G 381 -7.21 48.04 -10.32
N SER G 382 -6.05 48.40 -9.77
CA SER G 382 -5.14 47.43 -9.18
C SER G 382 -5.37 47.22 -7.69
N PHE G 383 -6.37 47.88 -7.11
CA PHE G 383 -6.68 47.75 -5.69
C PHE G 383 -8.07 47.14 -5.54
N ILE G 384 -8.17 46.11 -4.71
CA ILE G 384 -9.44 45.43 -4.46
C ILE G 384 -9.77 45.57 -2.98
N LYS G 385 -10.94 46.11 -2.69
CA LYS G 385 -11.46 46.20 -1.33
C LYS G 385 -12.63 45.25 -1.18
N GLY G 386 -12.80 44.71 0.03
CA GLY G 386 -13.91 43.80 0.22
C GLY G 386 -14.08 43.41 1.68
N SER G 387 -15.09 42.58 1.90
CA SER G 387 -15.43 42.05 3.21
C SER G 387 -15.01 40.59 3.31
N LEU G 388 -14.50 40.20 4.48
CA LEU G 388 -14.06 38.82 4.67
C LEU G 388 -15.22 37.85 4.85
N THR G 389 -16.31 38.30 5.47
CA THR G 389 -17.46 37.42 5.66
C THR G 389 -18.35 37.42 4.42
N ALA G 390 -19.29 36.47 4.39
CA ALA G 390 -20.21 36.38 3.25
C ALA G 390 -21.07 37.63 3.14
N ALA G 391 -21.59 38.12 4.26
CA ALA G 391 -22.43 39.32 4.30
C ALA G 391 -23.64 39.18 3.39
N ALA G 392 -24.16 37.96 3.30
CA ALA G 392 -25.34 37.69 2.47
C ALA G 392 -26.05 36.42 2.93
#